data_1CKE
# 
_entry.id   1CKE 
# 
_audit_conform.dict_name       mmcif_pdbx.dic 
_audit_conform.dict_version    5.383 
_audit_conform.dict_location   http://mmcif.pdb.org/dictionaries/ascii/mmcif_pdbx.dic 
# 
loop_
_database_2.database_id 
_database_2.database_code 
_database_2.pdbx_database_accession 
_database_2.pdbx_DOI 
PDB   1CKE         pdb_00001cke 10.2210/pdb1cke/pdb 
RCSB  RCSB007212   ?            ?                   
WWPDB D_1000007212 ?            ?                   
# 
loop_
_pdbx_audit_revision_history.ordinal 
_pdbx_audit_revision_history.data_content_type 
_pdbx_audit_revision_history.major_revision 
_pdbx_audit_revision_history.minor_revision 
_pdbx_audit_revision_history.revision_date 
1 'Structure model' 1 0 1999-09-20 
2 'Structure model' 1 1 2008-04-27 
3 'Structure model' 1 2 2011-07-13 
4 'Structure model' 1 3 2023-12-27 
# 
_pdbx_audit_revision_details.ordinal             1 
_pdbx_audit_revision_details.revision_ordinal    1 
_pdbx_audit_revision_details.data_content_type   'Structure model' 
_pdbx_audit_revision_details.provider            repository 
_pdbx_audit_revision_details.type                'Initial release' 
_pdbx_audit_revision_details.description         ? 
_pdbx_audit_revision_details.details             ? 
# 
loop_
_pdbx_audit_revision_group.ordinal 
_pdbx_audit_revision_group.revision_ordinal 
_pdbx_audit_revision_group.data_content_type 
_pdbx_audit_revision_group.group 
1 2 'Structure model' 'Version format compliance' 
2 3 'Structure model' 'Version format compliance' 
3 4 'Structure model' 'Data collection'           
4 4 'Structure model' 'Database references'       
5 4 'Structure model' 'Derived calculations'      
# 
loop_
_pdbx_audit_revision_category.ordinal 
_pdbx_audit_revision_category.revision_ordinal 
_pdbx_audit_revision_category.data_content_type 
_pdbx_audit_revision_category.category 
1 4 'Structure model' chem_comp_atom 
2 4 'Structure model' chem_comp_bond 
3 4 'Structure model' database_2     
4 4 'Structure model' struct_site    
# 
loop_
_pdbx_audit_revision_item.ordinal 
_pdbx_audit_revision_item.revision_ordinal 
_pdbx_audit_revision_item.data_content_type 
_pdbx_audit_revision_item.item 
1 4 'Structure model' '_database_2.pdbx_DOI'                
2 4 'Structure model' '_database_2.pdbx_database_accession' 
3 4 'Structure model' '_struct_site.pdbx_auth_asym_id'      
4 4 'Structure model' '_struct_site.pdbx_auth_comp_id'      
5 4 'Structure model' '_struct_site.pdbx_auth_seq_id'       
# 
_pdbx_database_status.status_code                     REL 
_pdbx_database_status.entry_id                        1CKE 
_pdbx_database_status.recvd_initial_deposition_date   1998-09-24 
_pdbx_database_status.deposit_site                    BNL 
_pdbx_database_status.process_site                    RCSB 
_pdbx_database_status.SG_entry                        . 
_pdbx_database_status.pdb_format_compatible           Y 
_pdbx_database_status.status_code_mr                  ? 
_pdbx_database_status.status_code_sf                  ? 
_pdbx_database_status.status_code_cs                  ? 
_pdbx_database_status.status_code_nmr_data            ? 
_pdbx_database_status.methods_development_category    ? 
# 
_pdbx_database_related.db_name        PDB 
_pdbx_database_related.db_id          2CMK 
_pdbx_database_related.details        . 
_pdbx_database_related.content_type   unspecified 
# 
loop_
_audit_author.name 
_audit_author.pdbx_ordinal 
'Briozzo, P.'             1 
'Golinelli-Pimpaneau, B.' 2 
# 
loop_
_citation.id 
_citation.title 
_citation.journal_abbrev 
_citation.journal_volume 
_citation.page_first 
_citation.page_last 
_citation.year 
_citation.journal_id_ASTM 
_citation.country 
_citation.journal_id_ISSN 
_citation.journal_id_CSD 
_citation.book_publisher 
_citation.pdbx_database_id_PubMed 
_citation.pdbx_database_id_DOI 
primary 
;Structures of escherichia coli CMP kinase alone and in complex with CDP: a new fold of the nucleoside monophosphate binding domain and insights into cytosine nucleotide specificity.
;
Structure    6   1517 1527 1998 STRUE6 UK 0969-2126 2005 ? 9862805 '10.1016/S0969-2126(98)00150-6' 
1       'Cmp Kinase from Escherichia Coli is Structurally Related to Other Nucleoside Monophosphate Kinases' J.Biol.Chem. 271 2856 
?    1996 JBCHA3 US 0021-9258 0071 ? ?       ?                               
2       
;The Cmk Gene Encoding Cytidine Monophosphate Kinase is Located in the rspA Operon and is Required for Normal Replication Rate in Escherichia Coli
;
J.Bacteriol. 177 517  523  1995 JOBAAY US 0021-9193 0767 ? ?       ?                               
# 
loop_
_citation_author.citation_id 
_citation_author.name 
_citation_author.ordinal 
_citation_author.identifier_ORCID 
primary 'Briozzo, P.'             1  ? 
primary 'Golinelli-Pimpaneau, B.' 2  ? 
primary 'Gilles, A.M.'            3  ? 
primary 'Gaucher, J.F.'           4  ? 
primary 'Burlacu-Miron, S.'       5  ? 
primary 'Sakamoto, H.'            6  ? 
primary 'Janin, J.'               7  ? 
primary 'Barzu, O.'               8  ? 
1       'Bucurenci, N.'           9  ? 
1       'Sakamoto, H.'            10 ? 
1       'Briozzo, P.'             11 ? 
1       'Palibroda, N.'           12 ? 
1       'Serina, L.'              13 ? 
1       'Sarfati, R.S.'           14 ? 
1       'Labesse, G.'             15 ? 
1       'Briand, G.'              16 ? 
1       'Danchin, A.'             17 ? 
1       'Barzu, O.'               18 ? 
1       'Gilles, A.M.'            19 ? 
2       'Fricke, J.'              20 ? 
2       'Neuhard, J.'             21 ? 
2       'Kelln, R.A.'             22 ? 
2       'Pedersen, S.'            23 ? 
# 
loop_
_entity.id 
_entity.type 
_entity.src_method 
_entity.pdbx_description 
_entity.formula_weight 
_entity.pdbx_number_of_molecules 
_entity.pdbx_ec 
_entity.pdbx_mutation 
_entity.pdbx_fragment 
_entity.details 
1 polymer     man 'PROTEIN (CYTIDINE MONOPHOSPHATE KINASE)' 24748.352 1   2.7.4.14 ? ? ? 
2 non-polymer syn 'SULFATE ION'                             96.063    1   ?        ? ? ? 
3 water       nat water                                     18.015    156 ?        ? ? ? 
# 
_entity_name_com.entity_id   1 
_entity_name_com.name        'CK, MSSA' 
# 
_entity_name_sys.entity_id   1 
_entity_name_sys.name        'E.C.2.7.4.14 TRANSFERASE' 
# 
_entity_poly.entity_id                      1 
_entity_poly.type                           'polypeptide(L)' 
_entity_poly.nstd_linkage                   no 
_entity_poly.nstd_monomer                   no 
_entity_poly.pdbx_seq_one_letter_code       
;MTAIAPVITIDGPSGAGKGTLCKAMAEALQWHLLDSGAIYRVLALAALHHHVDVASEDALVPLASHLDVRFVSTNGNLEV
ILEGEDVSGEIRTQEVANAASQVAAFPRVREALLRRQRAFRELPGLIADGRDMGTVVFPDAPVKIFLDASSEERAHRRML
QLQVKGFSVNFERLLAEIKERDDRDRNRAVAPLVPAADALVLDSTTLSIEQVIEKALQYARQKLALA
;
_entity_poly.pdbx_seq_one_letter_code_can   
;MTAIAPVITIDGPSGAGKGTLCKAMAEALQWHLLDSGAIYRVLALAALHHHVDVASEDALVPLASHLDVRFVSTNGNLEV
ILEGEDVSGEIRTQEVANAASQVAAFPRVREALLRRQRAFRELPGLIADGRDMGTVVFPDAPVKIFLDASSEERAHRRML
QLQVKGFSVNFERLLAEIKERDDRDRNRAVAPLVPAADALVLDSTTLSIEQVIEKALQYARQKLALA
;
_entity_poly.pdbx_strand_id                 A 
_entity_poly.pdbx_target_identifier         ? 
# 
loop_
_pdbx_entity_nonpoly.entity_id 
_pdbx_entity_nonpoly.name 
_pdbx_entity_nonpoly.comp_id 
2 'SULFATE ION' SO4 
3 water         HOH 
# 
loop_
_entity_poly_seq.entity_id 
_entity_poly_seq.num 
_entity_poly_seq.mon_id 
_entity_poly_seq.hetero 
1 1   MET n 
1 2   THR n 
1 3   ALA n 
1 4   ILE n 
1 5   ALA n 
1 6   PRO n 
1 7   VAL n 
1 8   ILE n 
1 9   THR n 
1 10  ILE n 
1 11  ASP n 
1 12  GLY n 
1 13  PRO n 
1 14  SER n 
1 15  GLY n 
1 16  ALA n 
1 17  GLY n 
1 18  LYS n 
1 19  GLY n 
1 20  THR n 
1 21  LEU n 
1 22  CYS n 
1 23  LYS n 
1 24  ALA n 
1 25  MET n 
1 26  ALA n 
1 27  GLU n 
1 28  ALA n 
1 29  LEU n 
1 30  GLN n 
1 31  TRP n 
1 32  HIS n 
1 33  LEU n 
1 34  LEU n 
1 35  ASP n 
1 36  SER n 
1 37  GLY n 
1 38  ALA n 
1 39  ILE n 
1 40  TYR n 
1 41  ARG n 
1 42  VAL n 
1 43  LEU n 
1 44  ALA n 
1 45  LEU n 
1 46  ALA n 
1 47  ALA n 
1 48  LEU n 
1 49  HIS n 
1 50  HIS n 
1 51  HIS n 
1 52  VAL n 
1 53  ASP n 
1 54  VAL n 
1 55  ALA n 
1 56  SER n 
1 57  GLU n 
1 58  ASP n 
1 59  ALA n 
1 60  LEU n 
1 61  VAL n 
1 62  PRO n 
1 63  LEU n 
1 64  ALA n 
1 65  SER n 
1 66  HIS n 
1 67  LEU n 
1 68  ASP n 
1 69  VAL n 
1 70  ARG n 
1 71  PHE n 
1 72  VAL n 
1 73  SER n 
1 74  THR n 
1 75  ASN n 
1 76  GLY n 
1 77  ASN n 
1 78  LEU n 
1 79  GLU n 
1 80  VAL n 
1 81  ILE n 
1 82  LEU n 
1 83  GLU n 
1 84  GLY n 
1 85  GLU n 
1 86  ASP n 
1 87  VAL n 
1 88  SER n 
1 89  GLY n 
1 90  GLU n 
1 91  ILE n 
1 92  ARG n 
1 93  THR n 
1 94  GLN n 
1 95  GLU n 
1 96  VAL n 
1 97  ALA n 
1 98  ASN n 
1 99  ALA n 
1 100 ALA n 
1 101 SER n 
1 102 GLN n 
1 103 VAL n 
1 104 ALA n 
1 105 ALA n 
1 106 PHE n 
1 107 PRO n 
1 108 ARG n 
1 109 VAL n 
1 110 ARG n 
1 111 GLU n 
1 112 ALA n 
1 113 LEU n 
1 114 LEU n 
1 115 ARG n 
1 116 ARG n 
1 117 GLN n 
1 118 ARG n 
1 119 ALA n 
1 120 PHE n 
1 121 ARG n 
1 122 GLU n 
1 123 LEU n 
1 124 PRO n 
1 125 GLY n 
1 126 LEU n 
1 127 ILE n 
1 128 ALA n 
1 129 ASP n 
1 130 GLY n 
1 131 ARG n 
1 132 ASP n 
1 133 MET n 
1 134 GLY n 
1 135 THR n 
1 136 VAL n 
1 137 VAL n 
1 138 PHE n 
1 139 PRO n 
1 140 ASP n 
1 141 ALA n 
1 142 PRO n 
1 143 VAL n 
1 144 LYS n 
1 145 ILE n 
1 146 PHE n 
1 147 LEU n 
1 148 ASP n 
1 149 ALA n 
1 150 SER n 
1 151 SER n 
1 152 GLU n 
1 153 GLU n 
1 154 ARG n 
1 155 ALA n 
1 156 HIS n 
1 157 ARG n 
1 158 ARG n 
1 159 MET n 
1 160 LEU n 
1 161 GLN n 
1 162 LEU n 
1 163 GLN n 
1 164 VAL n 
1 165 LYS n 
1 166 GLY n 
1 167 PHE n 
1 168 SER n 
1 169 VAL n 
1 170 ASN n 
1 171 PHE n 
1 172 GLU n 
1 173 ARG n 
1 174 LEU n 
1 175 LEU n 
1 176 ALA n 
1 177 GLU n 
1 178 ILE n 
1 179 LYS n 
1 180 GLU n 
1 181 ARG n 
1 182 ASP n 
1 183 ASP n 
1 184 ARG n 
1 185 ASP n 
1 186 ARG n 
1 187 ASN n 
1 188 ARG n 
1 189 ALA n 
1 190 VAL n 
1 191 ALA n 
1 192 PRO n 
1 193 LEU n 
1 194 VAL n 
1 195 PRO n 
1 196 ALA n 
1 197 ALA n 
1 198 ASP n 
1 199 ALA n 
1 200 LEU n 
1 201 VAL n 
1 202 LEU n 
1 203 ASP n 
1 204 SER n 
1 205 THR n 
1 206 THR n 
1 207 LEU n 
1 208 SER n 
1 209 ILE n 
1 210 GLU n 
1 211 GLN n 
1 212 VAL n 
1 213 ILE n 
1 214 GLU n 
1 215 LYS n 
1 216 ALA n 
1 217 LEU n 
1 218 GLN n 
1 219 TYR n 
1 220 ALA n 
1 221 ARG n 
1 222 GLN n 
1 223 LYS n 
1 224 LEU n 
1 225 ALA n 
1 226 LEU n 
1 227 ALA n 
# 
_entity_src_gen.entity_id                          1 
_entity_src_gen.pdbx_src_id                        1 
_entity_src_gen.pdbx_alt_source_flag               sample 
_entity_src_gen.pdbx_seq_type                      ? 
_entity_src_gen.pdbx_beg_seq_num                   ? 
_entity_src_gen.pdbx_end_seq_num                   ? 
_entity_src_gen.gene_src_common_name               ? 
_entity_src_gen.gene_src_genus                     Escherichia 
_entity_src_gen.pdbx_gene_src_gene                 ? 
_entity_src_gen.gene_src_species                   ? 
_entity_src_gen.gene_src_strain                    ? 
_entity_src_gen.gene_src_tissue                    ? 
_entity_src_gen.gene_src_tissue_fraction           ? 
_entity_src_gen.gene_src_details                   ? 
_entity_src_gen.pdbx_gene_src_fragment             ? 
_entity_src_gen.pdbx_gene_src_scientific_name      'Escherichia coli' 
_entity_src_gen.pdbx_gene_src_ncbi_taxonomy_id     562 
_entity_src_gen.pdbx_gene_src_variant              ? 
_entity_src_gen.pdbx_gene_src_cell_line            ? 
_entity_src_gen.pdbx_gene_src_atcc                 ? 
_entity_src_gen.pdbx_gene_src_organ                ? 
_entity_src_gen.pdbx_gene_src_organelle            ? 
_entity_src_gen.pdbx_gene_src_cell                 ? 
_entity_src_gen.pdbx_gene_src_cellular_location    ? 
_entity_src_gen.host_org_common_name               ? 
_entity_src_gen.pdbx_host_org_scientific_name      'Escherichia coli' 
_entity_src_gen.pdbx_host_org_ncbi_taxonomy_id     562 
_entity_src_gen.host_org_genus                     Escherichia 
_entity_src_gen.pdbx_host_org_gene                 ? 
_entity_src_gen.pdbx_host_org_organ                ? 
_entity_src_gen.host_org_species                   ? 
_entity_src_gen.pdbx_host_org_tissue               ? 
_entity_src_gen.pdbx_host_org_tissue_fraction      ? 
_entity_src_gen.pdbx_host_org_strain               ? 
_entity_src_gen.pdbx_host_org_variant              ? 
_entity_src_gen.pdbx_host_org_cell_line            ? 
_entity_src_gen.pdbx_host_org_atcc                 ? 
_entity_src_gen.pdbx_host_org_culture_collection   ? 
_entity_src_gen.pdbx_host_org_cell                 ? 
_entity_src_gen.pdbx_host_org_organelle            ? 
_entity_src_gen.pdbx_host_org_cellular_location    ? 
_entity_src_gen.pdbx_host_org_vector_type          ? 
_entity_src_gen.pdbx_host_org_vector               ? 
_entity_src_gen.host_org_details                   ? 
_entity_src_gen.expression_system_id               ? 
_entity_src_gen.plasmid_name                       ? 
_entity_src_gen.plasmid_details                    ? 
_entity_src_gen.pdbx_description                   ? 
# 
loop_
_chem_comp.id 
_chem_comp.type 
_chem_comp.mon_nstd_flag 
_chem_comp.name 
_chem_comp.pdbx_synonyms 
_chem_comp.formula 
_chem_comp.formula_weight 
ALA 'L-peptide linking' y ALANINE         ? 'C3 H7 N O2'     89.093  
ARG 'L-peptide linking' y ARGININE        ? 'C6 H15 N4 O2 1' 175.209 
ASN 'L-peptide linking' y ASPARAGINE      ? 'C4 H8 N2 O3'    132.118 
ASP 'L-peptide linking' y 'ASPARTIC ACID' ? 'C4 H7 N O4'     133.103 
CYS 'L-peptide linking' y CYSTEINE        ? 'C3 H7 N O2 S'   121.158 
GLN 'L-peptide linking' y GLUTAMINE       ? 'C5 H10 N2 O3'   146.144 
GLU 'L-peptide linking' y 'GLUTAMIC ACID' ? 'C5 H9 N O4'     147.129 
GLY 'peptide linking'   y GLYCINE         ? 'C2 H5 N O2'     75.067  
HIS 'L-peptide linking' y HISTIDINE       ? 'C6 H10 N3 O2 1' 156.162 
HOH non-polymer         . WATER           ? 'H2 O'           18.015  
ILE 'L-peptide linking' y ISOLEUCINE      ? 'C6 H13 N O2'    131.173 
LEU 'L-peptide linking' y LEUCINE         ? 'C6 H13 N O2'    131.173 
LYS 'L-peptide linking' y LYSINE          ? 'C6 H15 N2 O2 1' 147.195 
MET 'L-peptide linking' y METHIONINE      ? 'C5 H11 N O2 S'  149.211 
PHE 'L-peptide linking' y PHENYLALANINE   ? 'C9 H11 N O2'    165.189 
PRO 'L-peptide linking' y PROLINE         ? 'C5 H9 N O2'     115.130 
SER 'L-peptide linking' y SERINE          ? 'C3 H7 N O3'     105.093 
SO4 non-polymer         . 'SULFATE ION'   ? 'O4 S -2'        96.063  
THR 'L-peptide linking' y THREONINE       ? 'C4 H9 N O3'     119.119 
TRP 'L-peptide linking' y TRYPTOPHAN      ? 'C11 H12 N2 O2'  204.225 
TYR 'L-peptide linking' y TYROSINE        ? 'C9 H11 N O3'    181.189 
VAL 'L-peptide linking' y VALINE          ? 'C5 H11 N O2'    117.146 
# 
loop_
_pdbx_poly_seq_scheme.asym_id 
_pdbx_poly_seq_scheme.entity_id 
_pdbx_poly_seq_scheme.seq_id 
_pdbx_poly_seq_scheme.mon_id 
_pdbx_poly_seq_scheme.ndb_seq_num 
_pdbx_poly_seq_scheme.pdb_seq_num 
_pdbx_poly_seq_scheme.auth_seq_num 
_pdbx_poly_seq_scheme.pdb_mon_id 
_pdbx_poly_seq_scheme.auth_mon_id 
_pdbx_poly_seq_scheme.pdb_strand_id 
_pdbx_poly_seq_scheme.pdb_ins_code 
_pdbx_poly_seq_scheme.hetero 
A 1 1   MET 1   1   ?   ?   ?   A . n 
A 1 2   THR 2   2   ?   ?   ?   A . n 
A 1 3   ALA 3   3   3   ALA ALA A . n 
A 1 4   ILE 4   4   4   ILE ILE A . n 
A 1 5   ALA 5   5   5   ALA ALA A . n 
A 1 6   PRO 6   6   6   PRO PRO A . n 
A 1 7   VAL 7   7   7   VAL VAL A . n 
A 1 8   ILE 8   8   8   ILE ILE A . n 
A 1 9   THR 9   9   9   THR THR A . n 
A 1 10  ILE 10  10  10  ILE ILE A . n 
A 1 11  ASP 11  11  11  ASP ASP A . n 
A 1 12  GLY 12  12  12  GLY GLY A . n 
A 1 13  PRO 13  13  13  PRO PRO A . n 
A 1 14  SER 14  14  14  SER SER A . n 
A 1 15  GLY 15  15  15  GLY GLY A . n 
A 1 16  ALA 16  16  16  ALA ALA A . n 
A 1 17  GLY 17  17  17  GLY GLY A . n 
A 1 18  LYS 18  18  18  LYS LYS A . n 
A 1 19  GLY 19  19  19  GLY GLY A . n 
A 1 20  THR 20  20  20  THR THR A . n 
A 1 21  LEU 21  21  21  LEU LEU A . n 
A 1 22  CYS 22  22  22  CYS CYS A . n 
A 1 23  LYS 23  23  23  LYS LYS A . n 
A 1 24  ALA 24  24  24  ALA ALA A . n 
A 1 25  MET 25  25  25  MET MET A . n 
A 1 26  ALA 26  26  26  ALA ALA A . n 
A 1 27  GLU 27  27  27  GLU GLU A . n 
A 1 28  ALA 28  28  28  ALA ALA A . n 
A 1 29  LEU 29  29  29  LEU LEU A . n 
A 1 30  GLN 30  30  30  GLN GLN A . n 
A 1 31  TRP 31  31  31  TRP TRP A . n 
A 1 32  HIS 32  32  32  HIS HIS A . n 
A 1 33  LEU 33  33  33  LEU LEU A . n 
A 1 34  LEU 34  34  34  LEU LEU A . n 
A 1 35  ASP 35  35  35  ASP ASP A . n 
A 1 36  SER 36  36  36  SER SER A . n 
A 1 37  GLY 37  37  37  GLY GLY A . n 
A 1 38  ALA 38  38  38  ALA ALA A . n 
A 1 39  ILE 39  39  39  ILE ILE A . n 
A 1 40  TYR 40  40  40  TYR TYR A . n 
A 1 41  ARG 41  41  41  ARG ARG A . n 
A 1 42  VAL 42  42  42  VAL VAL A . n 
A 1 43  LEU 43  43  43  LEU LEU A . n 
A 1 44  ALA 44  44  44  ALA ALA A . n 
A 1 45  LEU 45  45  45  LEU LEU A . n 
A 1 46  ALA 46  46  46  ALA ALA A . n 
A 1 47  ALA 47  47  47  ALA ALA A . n 
A 1 48  LEU 48  48  48  LEU LEU A . n 
A 1 49  HIS 49  49  49  HIS HIS A . n 
A 1 50  HIS 50  50  50  HIS HIS A . n 
A 1 51  HIS 51  51  51  HIS HIS A . n 
A 1 52  VAL 52  52  52  VAL VAL A . n 
A 1 53  ASP 53  53  53  ASP ASP A . n 
A 1 54  VAL 54  54  54  VAL VAL A . n 
A 1 55  ALA 55  55  55  ALA ALA A . n 
A 1 56  SER 56  56  56  SER SER A . n 
A 1 57  GLU 57  57  57  GLU GLU A . n 
A 1 58  ASP 58  58  58  ASP ASP A . n 
A 1 59  ALA 59  59  59  ALA ALA A . n 
A 1 60  LEU 60  60  60  LEU LEU A . n 
A 1 61  VAL 61  61  61  VAL VAL A . n 
A 1 62  PRO 62  62  62  PRO PRO A . n 
A 1 63  LEU 63  63  63  LEU LEU A . n 
A 1 64  ALA 64  64  64  ALA ALA A . n 
A 1 65  SER 65  65  65  SER SER A . n 
A 1 66  HIS 66  66  66  HIS HIS A . n 
A 1 67  LEU 67  67  67  LEU LEU A . n 
A 1 68  ASP 68  68  68  ASP ASP A . n 
A 1 69  VAL 69  69  69  VAL VAL A . n 
A 1 70  ARG 70  70  70  ARG ARG A . n 
A 1 71  PHE 71  71  71  PHE PHE A . n 
A 1 72  VAL 72  72  72  VAL VAL A . n 
A 1 73  SER 73  73  73  SER SER A . n 
A 1 74  THR 74  74  74  THR THR A . n 
A 1 75  ASN 75  75  75  ASN ASN A . n 
A 1 76  GLY 76  76  76  GLY GLY A . n 
A 1 77  ASN 77  77  77  ASN ASN A . n 
A 1 78  LEU 78  78  78  LEU LEU A . n 
A 1 79  GLU 79  79  79  GLU GLU A . n 
A 1 80  VAL 80  80  80  VAL VAL A . n 
A 1 81  ILE 81  81  81  ILE ILE A . n 
A 1 82  LEU 82  82  82  LEU LEU A . n 
A 1 83  GLU 83  83  83  GLU GLU A . n 
A 1 84  GLY 84  84  84  GLY GLY A . n 
A 1 85  GLU 85  85  85  GLU GLU A . n 
A 1 86  ASP 86  86  86  ASP ASP A . n 
A 1 87  VAL 87  87  87  VAL VAL A . n 
A 1 88  SER 88  88  88  SER SER A . n 
A 1 89  GLY 89  89  89  GLY GLY A . n 
A 1 90  GLU 90  90  90  GLU GLU A . n 
A 1 91  ILE 91  91  91  ILE ILE A . n 
A 1 92  ARG 92  92  92  ARG ARG A . n 
A 1 93  THR 93  93  93  THR THR A . n 
A 1 94  GLN 94  94  94  GLN GLN A . n 
A 1 95  GLU 95  95  95  GLU GLU A . n 
A 1 96  VAL 96  96  96  VAL VAL A . n 
A 1 97  ALA 97  97  97  ALA ALA A . n 
A 1 98  ASN 98  98  98  ASN ASN A . n 
A 1 99  ALA 99  99  99  ALA ALA A . n 
A 1 100 ALA 100 100 100 ALA ALA A . n 
A 1 101 SER 101 101 101 SER SER A . n 
A 1 102 GLN 102 102 102 GLN GLN A . n 
A 1 103 VAL 103 103 103 VAL VAL A . n 
A 1 104 ALA 104 104 104 ALA ALA A . n 
A 1 105 ALA 105 105 105 ALA ALA A . n 
A 1 106 PHE 106 106 106 PHE PHE A . n 
A 1 107 PRO 107 107 107 PRO PRO A . n 
A 1 108 ARG 108 108 108 ARG ARG A . n 
A 1 109 VAL 109 109 109 VAL VAL A . n 
A 1 110 ARG 110 110 110 ARG ARG A . n 
A 1 111 GLU 111 111 111 GLU GLU A . n 
A 1 112 ALA 112 112 112 ALA ALA A . n 
A 1 113 LEU 113 113 113 LEU LEU A . n 
A 1 114 LEU 114 114 114 LEU LEU A . n 
A 1 115 ARG 115 115 115 ARG ARG A . n 
A 1 116 ARG 116 116 116 ARG ARG A . n 
A 1 117 GLN 117 117 117 GLN GLN A . n 
A 1 118 ARG 118 118 118 ARG ARG A . n 
A 1 119 ALA 119 119 119 ALA ALA A . n 
A 1 120 PHE 120 120 120 PHE PHE A . n 
A 1 121 ARG 121 121 121 ARG ARG A . n 
A 1 122 GLU 122 122 122 GLU GLU A . n 
A 1 123 LEU 123 123 123 LEU LEU A . n 
A 1 124 PRO 124 124 124 PRO PRO A . n 
A 1 125 GLY 125 125 125 GLY GLY A . n 
A 1 126 LEU 126 126 126 LEU LEU A . n 
A 1 127 ILE 127 127 127 ILE ILE A . n 
A 1 128 ALA 128 128 128 ALA ALA A . n 
A 1 129 ASP 129 129 129 ASP ASP A . n 
A 1 130 GLY 130 130 130 GLY GLY A . n 
A 1 131 ARG 131 131 131 ARG ARG A . n 
A 1 132 ASP 132 132 132 ASP ASP A . n 
A 1 133 MET 133 133 133 MET MET A . n 
A 1 134 GLY 134 134 134 GLY GLY A . n 
A 1 135 THR 135 135 135 THR THR A . n 
A 1 136 VAL 136 136 136 VAL VAL A . n 
A 1 137 VAL 137 137 137 VAL VAL A . n 
A 1 138 PHE 138 138 138 PHE PHE A . n 
A 1 139 PRO 139 139 139 PRO PRO A . n 
A 1 140 ASP 140 140 140 ASP ASP A . n 
A 1 141 ALA 141 141 141 ALA ALA A . n 
A 1 142 PRO 142 142 142 PRO PRO A . n 
A 1 143 VAL 143 143 143 VAL VAL A . n 
A 1 144 LYS 144 144 144 LYS LYS A . n 
A 1 145 ILE 145 145 145 ILE ILE A . n 
A 1 146 PHE 146 146 146 PHE PHE A . n 
A 1 147 LEU 147 147 147 LEU LEU A . n 
A 1 148 ASP 148 148 148 ASP ASP A . n 
A 1 149 ALA 149 149 149 ALA ALA A . n 
A 1 150 SER 150 150 150 SER SER A . n 
A 1 151 SER 151 151 151 SER SER A . n 
A 1 152 GLU 152 152 152 GLU GLU A . n 
A 1 153 GLU 153 153 153 GLU GLU A . n 
A 1 154 ARG 154 154 154 ARG ARG A . n 
A 1 155 ALA 155 155 155 ALA ALA A . n 
A 1 156 HIS 156 156 156 HIS HIS A . n 
A 1 157 ARG 157 157 157 ARG ARG A . n 
A 1 158 ARG 158 158 158 ARG ARG A . n 
A 1 159 MET 159 159 159 MET MET A . n 
A 1 160 LEU 160 160 160 LEU LEU A . n 
A 1 161 GLN 161 161 161 GLN GLN A . n 
A 1 162 LEU 162 162 162 LEU LEU A . n 
A 1 163 GLN 163 163 163 GLN GLN A . n 
A 1 164 VAL 164 164 164 VAL VAL A . n 
A 1 165 LYS 165 165 165 LYS LYS A . n 
A 1 166 GLY 166 166 166 GLY GLY A . n 
A 1 167 PHE 167 167 167 PHE PHE A . n 
A 1 168 SER 168 168 168 SER SER A . n 
A 1 169 VAL 169 169 169 VAL VAL A . n 
A 1 170 ASN 170 170 170 ASN ASN A . n 
A 1 171 PHE 171 171 171 PHE PHE A . n 
A 1 172 GLU 172 172 172 GLU GLU A . n 
A 1 173 ARG 173 173 173 ARG ARG A . n 
A 1 174 LEU 174 174 174 LEU LEU A . n 
A 1 175 LEU 175 175 175 LEU LEU A . n 
A 1 176 ALA 176 176 176 ALA ALA A . n 
A 1 177 GLU 177 177 177 GLU GLU A . n 
A 1 178 ILE 178 178 178 ILE ILE A . n 
A 1 179 LYS 179 179 179 LYS LYS A . n 
A 1 180 GLU 180 180 ?   ?   ?   A . n 
A 1 181 ARG 181 181 ?   ?   ?   A . n 
A 1 182 ASP 182 182 ?   ?   ?   A . n 
A 1 183 ASP 183 183 ?   ?   ?   A . n 
A 1 184 ARG 184 184 ?   ?   ?   A . n 
A 1 185 ASP 185 185 ?   ?   ?   A . n 
A 1 186 ARG 186 186 ?   ?   ?   A . n 
A 1 187 ASN 187 187 ?   ?   ?   A . n 
A 1 188 ARG 188 188 ?   ?   ?   A . n 
A 1 189 ALA 189 189 ?   ?   ?   A . n 
A 1 190 VAL 190 190 ?   ?   ?   A . n 
A 1 191 ALA 191 191 ?   ?   ?   A . n 
A 1 192 PRO 192 192 ?   ?   ?   A . n 
A 1 193 LEU 193 193 193 LEU LEU A . n 
A 1 194 VAL 194 194 194 VAL VAL A . n 
A 1 195 PRO 195 195 195 PRO PRO A . n 
A 1 196 ALA 196 196 196 ALA ALA A . n 
A 1 197 ALA 197 197 197 ALA ALA A . n 
A 1 198 ASP 198 198 198 ASP ASP A . n 
A 1 199 ALA 199 199 199 ALA ALA A . n 
A 1 200 LEU 200 200 200 LEU LEU A . n 
A 1 201 VAL 201 201 201 VAL VAL A . n 
A 1 202 LEU 202 202 202 LEU LEU A . n 
A 1 203 ASP 203 203 203 ASP ASP A . n 
A 1 204 SER 204 204 204 SER SER A . n 
A 1 205 THR 205 205 205 THR THR A . n 
A 1 206 THR 206 206 206 THR THR A . n 
A 1 207 LEU 207 207 207 LEU LEU A . n 
A 1 208 SER 208 208 208 SER SER A . n 
A 1 209 ILE 209 209 209 ILE ILE A . n 
A 1 210 GLU 210 210 210 GLU GLU A . n 
A 1 211 GLN 211 211 211 GLN GLN A . n 
A 1 212 VAL 212 212 212 VAL VAL A . n 
A 1 213 ILE 213 213 213 ILE ILE A . n 
A 1 214 GLU 214 214 214 GLU GLU A . n 
A 1 215 LYS 215 215 215 LYS LYS A . n 
A 1 216 ALA 216 216 216 ALA ALA A . n 
A 1 217 LEU 217 217 217 LEU LEU A . n 
A 1 218 GLN 218 218 218 GLN GLN A . n 
A 1 219 TYR 219 219 219 TYR TYR A . n 
A 1 220 ALA 220 220 220 ALA ALA A . n 
A 1 221 ARG 221 221 221 ARG ARG A . n 
A 1 222 GLN 222 222 222 GLN GLN A . n 
A 1 223 LYS 223 223 223 LYS LYS A . n 
A 1 224 LEU 224 224 224 LEU LEU A . n 
A 1 225 ALA 225 225 225 ALA ALA A . n 
A 1 226 LEU 226 226 226 LEU LEU A . n 
A 1 227 ALA 227 227 227 ALA ALA A . n 
# 
loop_
_pdbx_nonpoly_scheme.asym_id 
_pdbx_nonpoly_scheme.entity_id 
_pdbx_nonpoly_scheme.mon_id 
_pdbx_nonpoly_scheme.ndb_seq_num 
_pdbx_nonpoly_scheme.pdb_seq_num 
_pdbx_nonpoly_scheme.auth_seq_num 
_pdbx_nonpoly_scheme.pdb_mon_id 
_pdbx_nonpoly_scheme.auth_mon_id 
_pdbx_nonpoly_scheme.pdb_strand_id 
_pdbx_nonpoly_scheme.pdb_ins_code 
B 2 SO4 1   228 1   SO4 SO4 A . 
C 3 HOH 1   229 1   HOH HOH A . 
C 3 HOH 2   230 2   HOH HOH A . 
C 3 HOH 3   231 3   HOH HOH A . 
C 3 HOH 4   232 4   HOH HOH A . 
C 3 HOH 5   233 5   HOH HOH A . 
C 3 HOH 6   234 6   HOH HOH A . 
C 3 HOH 7   235 7   HOH HOH A . 
C 3 HOH 8   236 8   HOH HOH A . 
C 3 HOH 9   237 9   HOH HOH A . 
C 3 HOH 10  238 10  HOH HOH A . 
C 3 HOH 11  239 11  HOH HOH A . 
C 3 HOH 12  240 12  HOH HOH A . 
C 3 HOH 13  241 13  HOH HOH A . 
C 3 HOH 14  242 14  HOH HOH A . 
C 3 HOH 15  243 15  HOH HOH A . 
C 3 HOH 16  244 16  HOH HOH A . 
C 3 HOH 17  245 17  HOH HOH A . 
C 3 HOH 18  246 18  HOH HOH A . 
C 3 HOH 19  247 19  HOH HOH A . 
C 3 HOH 20  248 20  HOH HOH A . 
C 3 HOH 21  249 21  HOH HOH A . 
C 3 HOH 22  250 22  HOH HOH A . 
C 3 HOH 23  251 23  HOH HOH A . 
C 3 HOH 24  252 24  HOH HOH A . 
C 3 HOH 25  253 25  HOH HOH A . 
C 3 HOH 26  254 26  HOH HOH A . 
C 3 HOH 27  255 27  HOH HOH A . 
C 3 HOH 28  256 28  HOH HOH A . 
C 3 HOH 29  257 29  HOH HOH A . 
C 3 HOH 30  258 30  HOH HOH A . 
C 3 HOH 31  259 31  HOH HOH A . 
C 3 HOH 32  260 32  HOH HOH A . 
C 3 HOH 33  261 33  HOH HOH A . 
C 3 HOH 34  262 34  HOH HOH A . 
C 3 HOH 35  263 35  HOH HOH A . 
C 3 HOH 36  264 36  HOH HOH A . 
C 3 HOH 37  265 37  HOH HOH A . 
C 3 HOH 38  266 38  HOH HOH A . 
C 3 HOH 39  267 39  HOH HOH A . 
C 3 HOH 40  268 40  HOH HOH A . 
C 3 HOH 41  269 41  HOH HOH A . 
C 3 HOH 42  270 42  HOH HOH A . 
C 3 HOH 43  271 43  HOH HOH A . 
C 3 HOH 44  272 44  HOH HOH A . 
C 3 HOH 45  273 45  HOH HOH A . 
C 3 HOH 46  274 46  HOH HOH A . 
C 3 HOH 47  275 47  HOH HOH A . 
C 3 HOH 48  276 48  HOH HOH A . 
C 3 HOH 49  277 49  HOH HOH A . 
C 3 HOH 50  278 50  HOH HOH A . 
C 3 HOH 51  279 51  HOH HOH A . 
C 3 HOH 52  280 52  HOH HOH A . 
C 3 HOH 53  281 53  HOH HOH A . 
C 3 HOH 54  282 54  HOH HOH A . 
C 3 HOH 55  283 55  HOH HOH A . 
C 3 HOH 56  284 56  HOH HOH A . 
C 3 HOH 57  285 57  HOH HOH A . 
C 3 HOH 58  286 58  HOH HOH A . 
C 3 HOH 59  287 59  HOH HOH A . 
C 3 HOH 60  288 60  HOH HOH A . 
C 3 HOH 61  289 61  HOH HOH A . 
C 3 HOH 62  290 62  HOH HOH A . 
C 3 HOH 63  291 63  HOH HOH A . 
C 3 HOH 64  292 64  HOH HOH A . 
C 3 HOH 65  293 65  HOH HOH A . 
C 3 HOH 66  294 66  HOH HOH A . 
C 3 HOH 67  295 67  HOH HOH A . 
C 3 HOH 68  296 68  HOH HOH A . 
C 3 HOH 69  297 69  HOH HOH A . 
C 3 HOH 70  298 70  HOH HOH A . 
C 3 HOH 71  299 71  HOH HOH A . 
C 3 HOH 72  300 72  HOH HOH A . 
C 3 HOH 73  301 73  HOH HOH A . 
C 3 HOH 74  302 74  HOH HOH A . 
C 3 HOH 75  303 75  HOH HOH A . 
C 3 HOH 76  304 76  HOH HOH A . 
C 3 HOH 77  305 77  HOH HOH A . 
C 3 HOH 78  306 78  HOH HOH A . 
C 3 HOH 79  307 79  HOH HOH A . 
C 3 HOH 80  308 80  HOH HOH A . 
C 3 HOH 81  309 81  HOH HOH A . 
C 3 HOH 82  310 82  HOH HOH A . 
C 3 HOH 83  311 83  HOH HOH A . 
C 3 HOH 84  312 84  HOH HOH A . 
C 3 HOH 85  313 85  HOH HOH A . 
C 3 HOH 86  314 86  HOH HOH A . 
C 3 HOH 87  315 87  HOH HOH A . 
C 3 HOH 88  316 88  HOH HOH A . 
C 3 HOH 89  317 89  HOH HOH A . 
C 3 HOH 90  318 90  HOH HOH A . 
C 3 HOH 91  319 91  HOH HOH A . 
C 3 HOH 92  320 92  HOH HOH A . 
C 3 HOH 93  321 93  HOH HOH A . 
C 3 HOH 94  322 94  HOH HOH A . 
C 3 HOH 95  323 95  HOH HOH A . 
C 3 HOH 96  324 96  HOH HOH A . 
C 3 HOH 97  325 97  HOH HOH A . 
C 3 HOH 98  326 98  HOH HOH A . 
C 3 HOH 99  327 99  HOH HOH A . 
C 3 HOH 100 328 100 HOH HOH A . 
C 3 HOH 101 329 101 HOH HOH A . 
C 3 HOH 102 330 102 HOH HOH A . 
C 3 HOH 103 331 103 HOH HOH A . 
C 3 HOH 104 332 104 HOH HOH A . 
C 3 HOH 105 333 105 HOH HOH A . 
C 3 HOH 106 334 106 HOH HOH A . 
C 3 HOH 107 335 107 HOH HOH A . 
C 3 HOH 108 336 108 HOH HOH A . 
C 3 HOH 109 337 109 HOH HOH A . 
C 3 HOH 110 338 110 HOH HOH A . 
C 3 HOH 111 339 111 HOH HOH A . 
C 3 HOH 112 340 112 HOH HOH A . 
C 3 HOH 113 341 113 HOH HOH A . 
C 3 HOH 114 342 114 HOH HOH A . 
C 3 HOH 115 343 115 HOH HOH A . 
C 3 HOH 116 344 116 HOH HOH A . 
C 3 HOH 117 345 117 HOH HOH A . 
C 3 HOH 118 346 118 HOH HOH A . 
C 3 HOH 119 347 119 HOH HOH A . 
C 3 HOH 120 348 120 HOH HOH A . 
C 3 HOH 121 349 121 HOH HOH A . 
C 3 HOH 122 350 122 HOH HOH A . 
C 3 HOH 123 351 123 HOH HOH A . 
C 3 HOH 124 352 124 HOH HOH A . 
C 3 HOH 125 353 125 HOH HOH A . 
C 3 HOH 126 354 126 HOH HOH A . 
C 3 HOH 127 355 127 HOH HOH A . 
C 3 HOH 128 356 128 HOH HOH A . 
C 3 HOH 129 357 129 HOH HOH A . 
C 3 HOH 130 358 130 HOH HOH A . 
C 3 HOH 131 359 131 HOH HOH A . 
C 3 HOH 132 360 132 HOH HOH A . 
C 3 HOH 133 361 133 HOH HOH A . 
C 3 HOH 134 362 134 HOH HOH A . 
C 3 HOH 135 363 135 HOH HOH A . 
C 3 HOH 136 364 136 HOH HOH A . 
C 3 HOH 137 365 137 HOH HOH A . 
C 3 HOH 138 366 138 HOH HOH A . 
C 3 HOH 139 367 139 HOH HOH A . 
C 3 HOH 140 368 140 HOH HOH A . 
C 3 HOH 141 369 141 HOH HOH A . 
C 3 HOH 142 370 142 HOH HOH A . 
C 3 HOH 143 371 143 HOH HOH A . 
C 3 HOH 144 372 144 HOH HOH A . 
C 3 HOH 145 373 145 HOH HOH A . 
C 3 HOH 146 374 146 HOH HOH A . 
C 3 HOH 147 375 147 HOH HOH A . 
C 3 HOH 148 376 148 HOH HOH A . 
C 3 HOH 149 377 149 HOH HOH A . 
C 3 HOH 150 378 150 HOH HOH A . 
C 3 HOH 151 379 151 HOH HOH A . 
C 3 HOH 152 380 152 HOH HOH A . 
C 3 HOH 153 381 153 HOH HOH A . 
C 3 HOH 154 382 154 HOH HOH A . 
C 3 HOH 155 383 155 HOH HOH A . 
C 3 HOH 156 384 156 HOH HOH A . 
# 
loop_
_pdbx_unobs_or_zero_occ_atoms.id 
_pdbx_unobs_or_zero_occ_atoms.PDB_model_num 
_pdbx_unobs_or_zero_occ_atoms.polymer_flag 
_pdbx_unobs_or_zero_occ_atoms.occupancy_flag 
_pdbx_unobs_or_zero_occ_atoms.auth_asym_id 
_pdbx_unobs_or_zero_occ_atoms.auth_comp_id 
_pdbx_unobs_or_zero_occ_atoms.auth_seq_id 
_pdbx_unobs_or_zero_occ_atoms.PDB_ins_code 
_pdbx_unobs_or_zero_occ_atoms.auth_atom_id 
_pdbx_unobs_or_zero_occ_atoms.label_alt_id 
_pdbx_unobs_or_zero_occ_atoms.label_asym_id 
_pdbx_unobs_or_zero_occ_atoms.label_comp_id 
_pdbx_unobs_or_zero_occ_atoms.label_seq_id 
_pdbx_unobs_or_zero_occ_atoms.label_atom_id 
1 1 Y 0 A ARG 173 ? CG  ? A ARG 173 CG  
2 1 Y 0 A ARG 173 ? CD  ? A ARG 173 CD  
3 1 Y 0 A ARG 173 ? NE  ? A ARG 173 NE  
4 1 Y 0 A ARG 173 ? CZ  ? A ARG 173 CZ  
5 1 Y 0 A ARG 173 ? NH1 ? A ARG 173 NH1 
6 1 Y 0 A ARG 173 ? NH2 ? A ARG 173 NH2 
# 
loop_
_software.name 
_software.classification 
_software.version 
_software.citation_id 
_software.pdbx_ordinal 
SHARP     phasing          .    ? 1 
X-PLOR    refinement       3.84 ? 2 
DENZO     'data reduction' .    ? 3 
SCALEPACK 'data scaling'   .    ? 4 
# 
_cell.entry_id           1CKE 
_cell.length_a           82.721 
_cell.length_b           82.721 
_cell.length_c           61.077 
_cell.angle_alpha        90.00 
_cell.angle_beta         90.00 
_cell.angle_gamma        120.00 
_cell.Z_PDB              6 
_cell.pdbx_unique_axis   ? 
# 
_symmetry.entry_id                         1CKE 
_symmetry.space_group_name_H-M             'P 63' 
_symmetry.pdbx_full_space_group_name_H-M   ? 
_symmetry.cell_setting                     ? 
_symmetry.Int_Tables_number                173 
# 
_exptl.entry_id          1CKE 
_exptl.method            'X-RAY DIFFRACTION' 
_exptl.crystals_number   1 
# 
_exptl_crystal.id                    1 
_exptl_crystal.density_meas          ? 
_exptl_crystal.density_Matthews      2.44 
_exptl_crystal.density_percent_sol   49 
_exptl_crystal.description           ? 
# 
_exptl_crystal_grow.crystal_id      1 
_exptl_crystal_grow.method          ? 
_exptl_crystal_grow.temp            ? 
_exptl_crystal_grow.temp_details    ? 
_exptl_crystal_grow.pH              7.4 
_exptl_crystal_grow.pdbx_details    'pH 7.4' 
_exptl_crystal_grow.pdbx_pH_range   . 
# 
_diffrn.id                     1 
_diffrn.ambient_temp           290 
_diffrn.ambient_temp_details   ? 
_diffrn.crystal_id             1 
# 
_diffrn_detector.diffrn_id              1 
_diffrn_detector.detector               'IMAGE PLATE' 
_diffrn_detector.type                   MARRESEARCH 
_diffrn_detector.pdbx_collection_date   1996-10-07 
_diffrn_detector.details                ? 
# 
_diffrn_radiation.diffrn_id                        1 
_diffrn_radiation.wavelength_id                    1 
_diffrn_radiation.pdbx_monochromatic_or_laue_m_l   M 
_diffrn_radiation.monochromator                    GRAPHITE 
_diffrn_radiation.pdbx_diffrn_protocol             'SINGLE WAVELENGTH' 
_diffrn_radiation.pdbx_scattering_type             x-ray 
# 
_diffrn_radiation_wavelength.id           1 
_diffrn_radiation_wavelength.wavelength   0.970 
_diffrn_radiation_wavelength.wt           1.0 
# 
_diffrn_source.diffrn_id                   1 
_diffrn_source.source                      SYNCHROTRON 
_diffrn_source.type                        'LURE BEAMLINE DW32' 
_diffrn_source.pdbx_synchrotron_site       LURE 
_diffrn_source.pdbx_synchrotron_beamline   DW32 
_diffrn_source.pdbx_wavelength             0.970 
_diffrn_source.pdbx_wavelength_list        ? 
# 
_reflns.entry_id                     1CKE 
_reflns.observed_criterion_sigma_I   0. 
_reflns.observed_criterion_sigma_F   ? 
_reflns.d_resolution_low             30. 
_reflns.d_resolution_high            1.75 
_reflns.number_obs                   23804 
_reflns.number_all                   ? 
_reflns.percent_possible_obs         98.8 
_reflns.pdbx_Rmerge_I_obs            ? 
_reflns.pdbx_Rsym_value              0.060 
_reflns.pdbx_netI_over_sigmaI        22.9 
_reflns.B_iso_Wilson_estimate        ? 
_reflns.pdbx_redundancy              7.8 
_reflns.R_free_details               ? 
_reflns.pdbx_diffrn_id               1 
_reflns.pdbx_ordinal                 1 
# 
_reflns_shell.d_res_high             1.75 
_reflns_shell.d_res_low              1.81 
_reflns_shell.percent_possible_all   99.6 
_reflns_shell.Rmerge_I_obs           ? 
_reflns_shell.pdbx_Rsym_value        0.395 
_reflns_shell.meanI_over_sigI_obs    3.6 
_reflns_shell.pdbx_redundancy        ? 
_reflns_shell.percent_possible_obs   ? 
_reflns_shell.number_unique_all      ? 
_reflns_shell.pdbx_diffrn_id         ? 
_reflns_shell.pdbx_ordinal           1 
# 
_refine.entry_id                                 1CKE 
_refine.ls_number_reflns_obs                     185661 
_refine.ls_number_reflns_all                     ? 
_refine.pdbx_ls_sigma_I                          ? 
_refine.pdbx_ls_sigma_F                          2.0 
_refine.pdbx_data_cutoff_high_absF               ? 
_refine.pdbx_data_cutoff_low_absF                ? 
_refine.pdbx_data_cutoff_high_rms_absF           ? 
_refine.ls_d_res_low                             7.0 
_refine.ls_d_res_high                            1.75 
_refine.ls_percent_reflns_obs                    ? 
_refine.ls_R_factor_obs                          0.2050000 
_refine.ls_R_factor_all                          ? 
_refine.ls_R_factor_R_work                       0.2050000 
_refine.ls_R_factor_R_free                       0.2590000 
_refine.ls_R_factor_R_free_error                 ? 
_refine.ls_R_factor_R_free_error_details         ? 
_refine.ls_percent_reflns_R_free                 10.0 
_refine.ls_number_reflns_R_free                  ? 
_refine.ls_number_parameters                     ? 
_refine.ls_number_restraints                     ? 
_refine.occupancy_min                            ? 
_refine.occupancy_max                            ? 
_refine.B_iso_mean                               33.6 
_refine.aniso_B[1][1]                            ? 
_refine.aniso_B[2][2]                            ? 
_refine.aniso_B[3][3]                            ? 
_refine.aniso_B[1][2]                            ? 
_refine.aniso_B[1][3]                            ? 
_refine.aniso_B[2][3]                            ? 
_refine.solvent_model_details                    ? 
_refine.solvent_model_param_ksol                 ? 
_refine.solvent_model_param_bsol                 ? 
_refine.pdbx_ls_cross_valid_method               ? 
_refine.details                                  
;SIDE CHAIN FROM RESIDUE ARG 173 WAS NOT WELL DEFINED IN
THE DENSITY AND WAS MODELED BY STEREOCHEMISTRY
;
_refine.pdbx_starting_model                      ? 
_refine.pdbx_method_to_determine_struct          SIRAS 
_refine.pdbx_isotropic_thermal_model             ? 
_refine.pdbx_stereochemistry_target_values       ? 
_refine.pdbx_stereochem_target_val_spec_case     ? 
_refine.pdbx_R_Free_selection_details            RANDOM 
_refine.pdbx_overall_ESU_R                       ? 
_refine.pdbx_overall_ESU_R_Free                  ? 
_refine.overall_SU_ML                            ? 
_refine.overall_SU_B                             ? 
_refine.ls_redundancy_reflns_obs                 ? 
_refine.pdbx_refine_id                           'X-RAY DIFFRACTION' 
_refine.pdbx_diffrn_id                           1 
_refine.pdbx_TLS_residual_ADP_flag               ? 
_refine.correlation_coeff_Fo_to_Fc               ? 
_refine.correlation_coeff_Fo_to_Fc_free          ? 
_refine.pdbx_solvent_vdw_probe_radii             ? 
_refine.pdbx_solvent_ion_probe_radii             ? 
_refine.pdbx_solvent_shrinkage_radii             ? 
_refine.pdbx_overall_phase_error                 ? 
_refine.overall_SU_R_Cruickshank_DPI             ? 
_refine.pdbx_overall_SU_R_free_Cruickshank_DPI   ? 
_refine.pdbx_overall_SU_R_Blow_DPI               ? 
_refine.pdbx_overall_SU_R_free_Blow_DPI          ? 
# 
_refine_hist.pdbx_refine_id                   'X-RAY DIFFRACTION' 
_refine_hist.cycle_id                         LAST 
_refine_hist.pdbx_number_atoms_protein        1615 
_refine_hist.pdbx_number_atoms_nucleic_acid   0 
_refine_hist.pdbx_number_atoms_ligand         5 
_refine_hist.number_atoms_solvent             156 
_refine_hist.number_atoms_total               1776 
_refine_hist.d_res_high                       1.75 
_refine_hist.d_res_low                        7.0 
# 
loop_
_refine_ls_restr.type 
_refine_ls_restr.dev_ideal 
_refine_ls_restr.dev_ideal_target 
_refine_ls_restr.weight 
_refine_ls_restr.number 
_refine_ls_restr.pdbx_refine_id 
_refine_ls_restr.pdbx_restraint_function 
x_bond_d                0.018 ? ? ? 'X-RAY DIFFRACTION' ? 
x_bond_d_na             ?     ? ? ? 'X-RAY DIFFRACTION' ? 
x_bond_d_prot           ?     ? ? ? 'X-RAY DIFFRACTION' ? 
x_angle_d               ?     ? ? ? 'X-RAY DIFFRACTION' ? 
x_angle_d_na            ?     ? ? ? 'X-RAY DIFFRACTION' ? 
x_angle_d_prot          ?     ? ? ? 'X-RAY DIFFRACTION' ? 
x_angle_deg             2.462 ? ? ? 'X-RAY DIFFRACTION' ? 
x_angle_deg_na          ?     ? ? ? 'X-RAY DIFFRACTION' ? 
x_angle_deg_prot        ?     ? ? ? 'X-RAY DIFFRACTION' ? 
x_dihedral_angle_d      23.64 ? ? ? 'X-RAY DIFFRACTION' ? 
x_dihedral_angle_d_na   ?     ? ? ? 'X-RAY DIFFRACTION' ? 
x_dihedral_angle_d_prot ?     ? ? ? 'X-RAY DIFFRACTION' ? 
x_improper_angle_d      2.271 ? ? ? 'X-RAY DIFFRACTION' ? 
x_improper_angle_d_na   ?     ? ? ? 'X-RAY DIFFRACTION' ? 
x_improper_angle_d_prot ?     ? ? ? 'X-RAY DIFFRACTION' ? 
x_mcbond_it             ?     ? ? ? 'X-RAY DIFFRACTION' ? 
x_mcangle_it            ?     ? ? ? 'X-RAY DIFFRACTION' ? 
x_scbond_it             ?     ? ? ? 'X-RAY DIFFRACTION' ? 
x_scangle_it            ?     ? ? ? 'X-RAY DIFFRACTION' ? 
# 
_struct.entry_id                  1CKE 
_struct.title                     'CMP KINASE FROM ESCHERICHIA COLI FREE ENZYME STRUCTURE' 
_struct.pdbx_model_details        ? 
_struct.pdbx_CASP_flag            ? 
_struct.pdbx_model_type_details   ? 
# 
_struct_keywords.entry_id        1CKE 
_struct_keywords.pdbx_keywords   TRANSFERASE 
_struct_keywords.text            'NUCLEOTIDE MONOPHOSPHATE KINASE, TRANSFERASE' 
# 
loop_
_struct_asym.id 
_struct_asym.pdbx_blank_PDB_chainid_flag 
_struct_asym.pdbx_modified 
_struct_asym.entity_id 
_struct_asym.details 
A N N 1 ? 
B N N 2 ? 
C N N 3 ? 
# 
_struct_ref.id                         1 
_struct_ref.db_name                    UNP 
_struct_ref.db_code                    KCY_ECOLI 
_struct_ref.entity_id                  1 
_struct_ref.pdbx_db_accession          P0A6I0 
_struct_ref.pdbx_db_isoform            ? 
_struct_ref.pdbx_seq_one_letter_code   ? 
_struct_ref.pdbx_align_begin           ? 
# 
_struct_ref_seq.align_id                      1 
_struct_ref_seq.ref_id                        1 
_struct_ref_seq.pdbx_PDB_id_code              1CKE 
_struct_ref_seq.pdbx_strand_id                A 
_struct_ref_seq.seq_align_beg                 1 
_struct_ref_seq.pdbx_seq_align_beg_ins_code   ? 
_struct_ref_seq.seq_align_end                 227 
_struct_ref_seq.pdbx_seq_align_end_ins_code   ? 
_struct_ref_seq.pdbx_db_accession             P0A6I0 
_struct_ref_seq.db_align_beg                  1 
_struct_ref_seq.pdbx_db_align_beg_ins_code    ? 
_struct_ref_seq.db_align_end                  227 
_struct_ref_seq.pdbx_db_align_end_ins_code    ? 
_struct_ref_seq.pdbx_auth_seq_align_beg       1 
_struct_ref_seq.pdbx_auth_seq_align_end       227 
# 
_pdbx_struct_assembly.id                   1 
_pdbx_struct_assembly.details              author_defined_assembly 
_pdbx_struct_assembly.method_details       ? 
_pdbx_struct_assembly.oligomeric_details   monomeric 
_pdbx_struct_assembly.oligomeric_count     1 
# 
_pdbx_struct_assembly_gen.assembly_id       1 
_pdbx_struct_assembly_gen.oper_expression   1 
_pdbx_struct_assembly_gen.asym_id_list      A,B,C 
# 
_pdbx_struct_oper_list.id                   1 
_pdbx_struct_oper_list.type                 'identity operation' 
_pdbx_struct_oper_list.name                 1_555 
_pdbx_struct_oper_list.symmetry_operation   x,y,z 
_pdbx_struct_oper_list.matrix[1][1]         1.0000000000 
_pdbx_struct_oper_list.matrix[1][2]         0.0000000000 
_pdbx_struct_oper_list.matrix[1][3]         0.0000000000 
_pdbx_struct_oper_list.vector[1]            0.0000000000 
_pdbx_struct_oper_list.matrix[2][1]         0.0000000000 
_pdbx_struct_oper_list.matrix[2][2]         1.0000000000 
_pdbx_struct_oper_list.matrix[2][3]         0.0000000000 
_pdbx_struct_oper_list.vector[2]            0.0000000000 
_pdbx_struct_oper_list.matrix[3][1]         0.0000000000 
_pdbx_struct_oper_list.matrix[3][2]         0.0000000000 
_pdbx_struct_oper_list.matrix[3][3]         1.0000000000 
_pdbx_struct_oper_list.vector[3]            0.0000000000 
# 
_struct_biol.id   1 
# 
loop_
_struct_conf.conf_type_id 
_struct_conf.id 
_struct_conf.pdbx_PDB_helix_id 
_struct_conf.beg_label_comp_id 
_struct_conf.beg_label_asym_id 
_struct_conf.beg_label_seq_id 
_struct_conf.pdbx_beg_PDB_ins_code 
_struct_conf.end_label_comp_id 
_struct_conf.end_label_asym_id 
_struct_conf.end_label_seq_id 
_struct_conf.pdbx_end_PDB_ins_code 
_struct_conf.beg_auth_comp_id 
_struct_conf.beg_auth_asym_id 
_struct_conf.beg_auth_seq_id 
_struct_conf.end_auth_comp_id 
_struct_conf.end_auth_asym_id 
_struct_conf.end_auth_seq_id 
_struct_conf.pdbx_PDB_helix_class 
_struct_conf.details 
_struct_conf.pdbx_PDB_helix_length 
HELX_P HELX_P1 1 LYS A 18  ? LEU A 29  ? LYS A 18  LEU A 29  1 ? 12 
HELX_P HELX_P2 2 SER A 36  ? HIS A 50  ? SER A 36  HIS A 50  1 ? 15 
HELX_P HELX_P3 3 GLU A 57  ? SER A 65  ? GLU A 57  SER A 65  1 ? 9  
HELX_P HELX_P4 4 GLU A 90  ? ARG A 92  ? GLU A 90  ARG A 92  5 ? 3  
HELX_P HELX_P5 5 GLN A 94  ? ALA A 105 ? GLN A 94  ALA A 105 1 ? 12 
HELX_P HELX_P6 6 PRO A 107 ? PHE A 120 ? PRO A 107 PHE A 120 1 ? 14 
HELX_P HELX_P7 7 SER A 151 ? LYS A 165 ? SER A 151 LYS A 165 1 ? 15 
HELX_P HELX_P8 8 PHE A 171 ? ILE A 178 ? PHE A 171 ILE A 178 1 ? 8  
HELX_P HELX_P9 9 ILE A 209 ? LEU A 224 ? ILE A 209 LEU A 224 1 ? 16 
# 
_struct_conf_type.id          HELX_P 
_struct_conf_type.criteria    ? 
_struct_conf_type.reference   ? 
# 
_struct_mon_prot_cis.pdbx_id                1 
_struct_mon_prot_cis.label_comp_id          LEU 
_struct_mon_prot_cis.label_seq_id           123 
_struct_mon_prot_cis.label_asym_id          A 
_struct_mon_prot_cis.label_alt_id           . 
_struct_mon_prot_cis.pdbx_PDB_ins_code      ? 
_struct_mon_prot_cis.auth_comp_id           LEU 
_struct_mon_prot_cis.auth_seq_id            123 
_struct_mon_prot_cis.auth_asym_id           A 
_struct_mon_prot_cis.pdbx_label_comp_id_2   PRO 
_struct_mon_prot_cis.pdbx_label_seq_id_2    124 
_struct_mon_prot_cis.pdbx_label_asym_id_2   A 
_struct_mon_prot_cis.pdbx_PDB_ins_code_2    ? 
_struct_mon_prot_cis.pdbx_auth_comp_id_2    PRO 
_struct_mon_prot_cis.pdbx_auth_seq_id_2     124 
_struct_mon_prot_cis.pdbx_auth_asym_id_2    A 
_struct_mon_prot_cis.pdbx_PDB_model_num     1 
_struct_mon_prot_cis.pdbx_omega_angle       2.78 
# 
loop_
_struct_sheet.id 
_struct_sheet.type 
_struct_sheet.number_strands 
_struct_sheet.details 
A ? 5 ? 
B ? 2 ? 
# 
loop_
_struct_sheet_order.sheet_id 
_struct_sheet_order.range_id_1 
_struct_sheet_order.range_id_2 
_struct_sheet_order.offset 
_struct_sheet_order.sense 
A 1 2 ? parallel      
A 2 3 ? parallel      
A 3 4 ? parallel      
A 4 5 ? parallel      
B 1 2 ? anti-parallel 
# 
loop_
_struct_sheet_range.sheet_id 
_struct_sheet_range.id 
_struct_sheet_range.beg_label_comp_id 
_struct_sheet_range.beg_label_asym_id 
_struct_sheet_range.beg_label_seq_id 
_struct_sheet_range.pdbx_beg_PDB_ins_code 
_struct_sheet_range.end_label_comp_id 
_struct_sheet_range.end_label_asym_id 
_struct_sheet_range.end_label_seq_id 
_struct_sheet_range.pdbx_end_PDB_ins_code 
_struct_sheet_range.beg_auth_comp_id 
_struct_sheet_range.beg_auth_asym_id 
_struct_sheet_range.beg_auth_seq_id 
_struct_sheet_range.end_auth_comp_id 
_struct_sheet_range.end_auth_asym_id 
_struct_sheet_range.end_auth_seq_id 
A 1 LEU A 200 ? ASP A 203 ? LEU A 200 ASP A 203 
A 2 VAL A 143 ? ASP A 148 ? VAL A 143 ASP A 148 
A 3 VAL A 7   ? GLY A 12  ? VAL A 7   GLY A 12  
A 4 LEU A 126 ? GLY A 130 ? LEU A 126 GLY A 130 
A 5 HIS A 32  ? ASP A 35  ? HIS A 32  ASP A 35  
B 1 VAL A 69  ? THR A 74  ? VAL A 69  THR A 74  
B 2 ASN A 77  ? LEU A 82  ? ASN A 77  LEU A 82  
# 
loop_
_pdbx_struct_sheet_hbond.sheet_id 
_pdbx_struct_sheet_hbond.range_id_1 
_pdbx_struct_sheet_hbond.range_id_2 
_pdbx_struct_sheet_hbond.range_1_label_atom_id 
_pdbx_struct_sheet_hbond.range_1_label_comp_id 
_pdbx_struct_sheet_hbond.range_1_label_asym_id 
_pdbx_struct_sheet_hbond.range_1_label_seq_id 
_pdbx_struct_sheet_hbond.range_1_PDB_ins_code 
_pdbx_struct_sheet_hbond.range_1_auth_atom_id 
_pdbx_struct_sheet_hbond.range_1_auth_comp_id 
_pdbx_struct_sheet_hbond.range_1_auth_asym_id 
_pdbx_struct_sheet_hbond.range_1_auth_seq_id 
_pdbx_struct_sheet_hbond.range_2_label_atom_id 
_pdbx_struct_sheet_hbond.range_2_label_comp_id 
_pdbx_struct_sheet_hbond.range_2_label_asym_id 
_pdbx_struct_sheet_hbond.range_2_label_seq_id 
_pdbx_struct_sheet_hbond.range_2_PDB_ins_code 
_pdbx_struct_sheet_hbond.range_2_auth_atom_id 
_pdbx_struct_sheet_hbond.range_2_auth_comp_id 
_pdbx_struct_sheet_hbond.range_2_auth_asym_id 
_pdbx_struct_sheet_hbond.range_2_auth_seq_id 
A 1 2 O LEU A 200 ? O LEU A 200 N PHE A 146 ? N PHE A 146 
A 2 3 O VAL A 143 ? O VAL A 143 N THR A 9   ? N THR A 9   
A 3 4 O ILE A 8   ? O ILE A 8   N LEU A 126 ? N LEU A 126 
A 4 5 O ILE A 127 ? O ILE A 127 N HIS A 32  ? N HIS A 32  
B 1 2 O ARG A 70  ? O ARG A 70  N ILE A 81  ? N ILE A 81  
# 
_struct_site.id                   AC1 
_struct_site.pdbx_evidence_code   Software 
_struct_site.pdbx_auth_asym_id    A 
_struct_site.pdbx_auth_comp_id    SO4 
_struct_site.pdbx_auth_seq_id     228 
_struct_site.pdbx_auth_ins_code   ? 
_struct_site.pdbx_num_residues    9 
_struct_site.details              'BINDING SITE FOR RESIDUE SO4 A 228' 
# 
loop_
_struct_site_gen.id 
_struct_site_gen.site_id 
_struct_site_gen.pdbx_num_res 
_struct_site_gen.label_comp_id 
_struct_site_gen.label_asym_id 
_struct_site_gen.label_seq_id 
_struct_site_gen.pdbx_auth_ins_code 
_struct_site_gen.auth_comp_id 
_struct_site_gen.auth_asym_id 
_struct_site_gen.auth_seq_id 
_struct_site_gen.label_atom_id 
_struct_site_gen.label_alt_id 
_struct_site_gen.symmetry 
_struct_site_gen.details 
1 AC1 9 PRO A 13  ? PRO A 13  . ? 1_555 ? 
2 AC1 9 GLY A 15  ? GLY A 15  . ? 1_555 ? 
3 AC1 9 ALA A 16  ? ALA A 16  . ? 1_555 ? 
4 AC1 9 GLY A 17  ? GLY A 17  . ? 1_555 ? 
5 AC1 9 LYS A 18  ? LYS A 18  . ? 1_555 ? 
6 AC1 9 GLY A 19  ? GLY A 19  . ? 1_555 ? 
7 AC1 9 ARG A 157 ? ARG A 157 . ? 1_555 ? 
8 AC1 9 HOH C .   ? HOH A 231 . ? 1_555 ? 
9 AC1 9 HOH C .   ? HOH A 342 . ? 1_555 ? 
# 
loop_
_pdbx_validate_rmsd_angle.id 
_pdbx_validate_rmsd_angle.PDB_model_num 
_pdbx_validate_rmsd_angle.auth_atom_id_1 
_pdbx_validate_rmsd_angle.auth_asym_id_1 
_pdbx_validate_rmsd_angle.auth_comp_id_1 
_pdbx_validate_rmsd_angle.auth_seq_id_1 
_pdbx_validate_rmsd_angle.PDB_ins_code_1 
_pdbx_validate_rmsd_angle.label_alt_id_1 
_pdbx_validate_rmsd_angle.auth_atom_id_2 
_pdbx_validate_rmsd_angle.auth_asym_id_2 
_pdbx_validate_rmsd_angle.auth_comp_id_2 
_pdbx_validate_rmsd_angle.auth_seq_id_2 
_pdbx_validate_rmsd_angle.PDB_ins_code_2 
_pdbx_validate_rmsd_angle.label_alt_id_2 
_pdbx_validate_rmsd_angle.auth_atom_id_3 
_pdbx_validate_rmsd_angle.auth_asym_id_3 
_pdbx_validate_rmsd_angle.auth_comp_id_3 
_pdbx_validate_rmsd_angle.auth_seq_id_3 
_pdbx_validate_rmsd_angle.PDB_ins_code_3 
_pdbx_validate_rmsd_angle.label_alt_id_3 
_pdbx_validate_rmsd_angle.angle_value 
_pdbx_validate_rmsd_angle.angle_target_value 
_pdbx_validate_rmsd_angle.angle_deviation 
_pdbx_validate_rmsd_angle.angle_standard_deviation 
_pdbx_validate_rmsd_angle.linker_flag 
1 1 N  A ALA 3   ? ? CA A ALA 3   ? ? C  A ALA 3   ? ? 130.16 111.00 19.16  2.70 N 
2 1 CA A ALA 3   ? ? C  A ALA 3   ? ? N  A ILE 4   ? ? 97.50  117.20 -19.70 2.20 Y 
3 1 C  A ALA 3   ? ? N  A ILE 4   ? ? CA A ILE 4   ? ? 140.34 121.70 18.64  2.50 Y 
4 1 CB A VAL 69  ? ? CA A VAL 69  ? ? C  A VAL 69  ? ? 94.96  111.40 -16.44 1.90 N 
5 1 CA A LEU 126 ? ? CB A LEU 126 ? ? CG A LEU 126 ? ? 131.72 115.30 16.42  2.30 N 
# 
loop_
_pdbx_validate_torsion.id 
_pdbx_validate_torsion.PDB_model_num 
_pdbx_validate_torsion.auth_comp_id 
_pdbx_validate_torsion.auth_asym_id 
_pdbx_validate_torsion.auth_seq_id 
_pdbx_validate_torsion.PDB_ins_code 
_pdbx_validate_torsion.label_alt_id 
_pdbx_validate_torsion.phi 
_pdbx_validate_torsion.psi 
1 1 ILE A 4   ? ? 137.30  -59.35  
2 1 ALA A 225 ? ? -138.60 -122.97 
3 1 LEU A 226 ? ? 42.75   155.74  
# 
_pdbx_validate_main_chain_plane.id                       1 
_pdbx_validate_main_chain_plane.PDB_model_num            1 
_pdbx_validate_main_chain_plane.auth_comp_id             ALA 
_pdbx_validate_main_chain_plane.auth_asym_id             A 
_pdbx_validate_main_chain_plane.auth_seq_id              3 
_pdbx_validate_main_chain_plane.PDB_ins_code             ? 
_pdbx_validate_main_chain_plane.label_alt_id             ? 
_pdbx_validate_main_chain_plane.improper_torsion_angle   15.14 
# 
loop_
_pdbx_unobs_or_zero_occ_residues.id 
_pdbx_unobs_or_zero_occ_residues.PDB_model_num 
_pdbx_unobs_or_zero_occ_residues.polymer_flag 
_pdbx_unobs_or_zero_occ_residues.occupancy_flag 
_pdbx_unobs_or_zero_occ_residues.auth_asym_id 
_pdbx_unobs_or_zero_occ_residues.auth_comp_id 
_pdbx_unobs_or_zero_occ_residues.auth_seq_id 
_pdbx_unobs_or_zero_occ_residues.PDB_ins_code 
_pdbx_unobs_or_zero_occ_residues.label_asym_id 
_pdbx_unobs_or_zero_occ_residues.label_comp_id 
_pdbx_unobs_or_zero_occ_residues.label_seq_id 
1  1 Y 1 A MET 1   ? A MET 1   
2  1 Y 1 A THR 2   ? A THR 2   
3  1 Y 1 A GLU 180 ? A GLU 180 
4  1 Y 1 A ARG 181 ? A ARG 181 
5  1 Y 1 A ASP 182 ? A ASP 182 
6  1 Y 1 A ASP 183 ? A ASP 183 
7  1 Y 1 A ARG 184 ? A ARG 184 
8  1 Y 1 A ASP 185 ? A ASP 185 
9  1 Y 1 A ARG 186 ? A ARG 186 
10 1 Y 1 A ASN 187 ? A ASN 187 
11 1 Y 1 A ARG 188 ? A ARG 188 
12 1 Y 1 A ALA 189 ? A ALA 189 
13 1 Y 1 A VAL 190 ? A VAL 190 
14 1 Y 1 A ALA 191 ? A ALA 191 
15 1 Y 1 A PRO 192 ? A PRO 192 
# 
loop_
_chem_comp_atom.comp_id 
_chem_comp_atom.atom_id 
_chem_comp_atom.type_symbol 
_chem_comp_atom.pdbx_aromatic_flag 
_chem_comp_atom.pdbx_stereo_config 
_chem_comp_atom.pdbx_ordinal 
ALA N    N N N 1   
ALA CA   C N S 2   
ALA C    C N N 3   
ALA O    O N N 4   
ALA CB   C N N 5   
ALA OXT  O N N 6   
ALA H    H N N 7   
ALA H2   H N N 8   
ALA HA   H N N 9   
ALA HB1  H N N 10  
ALA HB2  H N N 11  
ALA HB3  H N N 12  
ALA HXT  H N N 13  
ARG N    N N N 14  
ARG CA   C N S 15  
ARG C    C N N 16  
ARG O    O N N 17  
ARG CB   C N N 18  
ARG CG   C N N 19  
ARG CD   C N N 20  
ARG NE   N N N 21  
ARG CZ   C N N 22  
ARG NH1  N N N 23  
ARG NH2  N N N 24  
ARG OXT  O N N 25  
ARG H    H N N 26  
ARG H2   H N N 27  
ARG HA   H N N 28  
ARG HB2  H N N 29  
ARG HB3  H N N 30  
ARG HG2  H N N 31  
ARG HG3  H N N 32  
ARG HD2  H N N 33  
ARG HD3  H N N 34  
ARG HE   H N N 35  
ARG HH11 H N N 36  
ARG HH12 H N N 37  
ARG HH21 H N N 38  
ARG HH22 H N N 39  
ARG HXT  H N N 40  
ASN N    N N N 41  
ASN CA   C N S 42  
ASN C    C N N 43  
ASN O    O N N 44  
ASN CB   C N N 45  
ASN CG   C N N 46  
ASN OD1  O N N 47  
ASN ND2  N N N 48  
ASN OXT  O N N 49  
ASN H    H N N 50  
ASN H2   H N N 51  
ASN HA   H N N 52  
ASN HB2  H N N 53  
ASN HB3  H N N 54  
ASN HD21 H N N 55  
ASN HD22 H N N 56  
ASN HXT  H N N 57  
ASP N    N N N 58  
ASP CA   C N S 59  
ASP C    C N N 60  
ASP O    O N N 61  
ASP CB   C N N 62  
ASP CG   C N N 63  
ASP OD1  O N N 64  
ASP OD2  O N N 65  
ASP OXT  O N N 66  
ASP H    H N N 67  
ASP H2   H N N 68  
ASP HA   H N N 69  
ASP HB2  H N N 70  
ASP HB3  H N N 71  
ASP HD2  H N N 72  
ASP HXT  H N N 73  
CYS N    N N N 74  
CYS CA   C N R 75  
CYS C    C N N 76  
CYS O    O N N 77  
CYS CB   C N N 78  
CYS SG   S N N 79  
CYS OXT  O N N 80  
CYS H    H N N 81  
CYS H2   H N N 82  
CYS HA   H N N 83  
CYS HB2  H N N 84  
CYS HB3  H N N 85  
CYS HG   H N N 86  
CYS HXT  H N N 87  
GLN N    N N N 88  
GLN CA   C N S 89  
GLN C    C N N 90  
GLN O    O N N 91  
GLN CB   C N N 92  
GLN CG   C N N 93  
GLN CD   C N N 94  
GLN OE1  O N N 95  
GLN NE2  N N N 96  
GLN OXT  O N N 97  
GLN H    H N N 98  
GLN H2   H N N 99  
GLN HA   H N N 100 
GLN HB2  H N N 101 
GLN HB3  H N N 102 
GLN HG2  H N N 103 
GLN HG3  H N N 104 
GLN HE21 H N N 105 
GLN HE22 H N N 106 
GLN HXT  H N N 107 
GLU N    N N N 108 
GLU CA   C N S 109 
GLU C    C N N 110 
GLU O    O N N 111 
GLU CB   C N N 112 
GLU CG   C N N 113 
GLU CD   C N N 114 
GLU OE1  O N N 115 
GLU OE2  O N N 116 
GLU OXT  O N N 117 
GLU H    H N N 118 
GLU H2   H N N 119 
GLU HA   H N N 120 
GLU HB2  H N N 121 
GLU HB3  H N N 122 
GLU HG2  H N N 123 
GLU HG3  H N N 124 
GLU HE2  H N N 125 
GLU HXT  H N N 126 
GLY N    N N N 127 
GLY CA   C N N 128 
GLY C    C N N 129 
GLY O    O N N 130 
GLY OXT  O N N 131 
GLY H    H N N 132 
GLY H2   H N N 133 
GLY HA2  H N N 134 
GLY HA3  H N N 135 
GLY HXT  H N N 136 
HIS N    N N N 137 
HIS CA   C N S 138 
HIS C    C N N 139 
HIS O    O N N 140 
HIS CB   C N N 141 
HIS CG   C Y N 142 
HIS ND1  N Y N 143 
HIS CD2  C Y N 144 
HIS CE1  C Y N 145 
HIS NE2  N Y N 146 
HIS OXT  O N N 147 
HIS H    H N N 148 
HIS H2   H N N 149 
HIS HA   H N N 150 
HIS HB2  H N N 151 
HIS HB3  H N N 152 
HIS HD1  H N N 153 
HIS HD2  H N N 154 
HIS HE1  H N N 155 
HIS HE2  H N N 156 
HIS HXT  H N N 157 
HOH O    O N N 158 
HOH H1   H N N 159 
HOH H2   H N N 160 
ILE N    N N N 161 
ILE CA   C N S 162 
ILE C    C N N 163 
ILE O    O N N 164 
ILE CB   C N S 165 
ILE CG1  C N N 166 
ILE CG2  C N N 167 
ILE CD1  C N N 168 
ILE OXT  O N N 169 
ILE H    H N N 170 
ILE H2   H N N 171 
ILE HA   H N N 172 
ILE HB   H N N 173 
ILE HG12 H N N 174 
ILE HG13 H N N 175 
ILE HG21 H N N 176 
ILE HG22 H N N 177 
ILE HG23 H N N 178 
ILE HD11 H N N 179 
ILE HD12 H N N 180 
ILE HD13 H N N 181 
ILE HXT  H N N 182 
LEU N    N N N 183 
LEU CA   C N S 184 
LEU C    C N N 185 
LEU O    O N N 186 
LEU CB   C N N 187 
LEU CG   C N N 188 
LEU CD1  C N N 189 
LEU CD2  C N N 190 
LEU OXT  O N N 191 
LEU H    H N N 192 
LEU H2   H N N 193 
LEU HA   H N N 194 
LEU HB2  H N N 195 
LEU HB3  H N N 196 
LEU HG   H N N 197 
LEU HD11 H N N 198 
LEU HD12 H N N 199 
LEU HD13 H N N 200 
LEU HD21 H N N 201 
LEU HD22 H N N 202 
LEU HD23 H N N 203 
LEU HXT  H N N 204 
LYS N    N N N 205 
LYS CA   C N S 206 
LYS C    C N N 207 
LYS O    O N N 208 
LYS CB   C N N 209 
LYS CG   C N N 210 
LYS CD   C N N 211 
LYS CE   C N N 212 
LYS NZ   N N N 213 
LYS OXT  O N N 214 
LYS H    H N N 215 
LYS H2   H N N 216 
LYS HA   H N N 217 
LYS HB2  H N N 218 
LYS HB3  H N N 219 
LYS HG2  H N N 220 
LYS HG3  H N N 221 
LYS HD2  H N N 222 
LYS HD3  H N N 223 
LYS HE2  H N N 224 
LYS HE3  H N N 225 
LYS HZ1  H N N 226 
LYS HZ2  H N N 227 
LYS HZ3  H N N 228 
LYS HXT  H N N 229 
MET N    N N N 230 
MET CA   C N S 231 
MET C    C N N 232 
MET O    O N N 233 
MET CB   C N N 234 
MET CG   C N N 235 
MET SD   S N N 236 
MET CE   C N N 237 
MET OXT  O N N 238 
MET H    H N N 239 
MET H2   H N N 240 
MET HA   H N N 241 
MET HB2  H N N 242 
MET HB3  H N N 243 
MET HG2  H N N 244 
MET HG3  H N N 245 
MET HE1  H N N 246 
MET HE2  H N N 247 
MET HE3  H N N 248 
MET HXT  H N N 249 
PHE N    N N N 250 
PHE CA   C N S 251 
PHE C    C N N 252 
PHE O    O N N 253 
PHE CB   C N N 254 
PHE CG   C Y N 255 
PHE CD1  C Y N 256 
PHE CD2  C Y N 257 
PHE CE1  C Y N 258 
PHE CE2  C Y N 259 
PHE CZ   C Y N 260 
PHE OXT  O N N 261 
PHE H    H N N 262 
PHE H2   H N N 263 
PHE HA   H N N 264 
PHE HB2  H N N 265 
PHE HB3  H N N 266 
PHE HD1  H N N 267 
PHE HD2  H N N 268 
PHE HE1  H N N 269 
PHE HE2  H N N 270 
PHE HZ   H N N 271 
PHE HXT  H N N 272 
PRO N    N N N 273 
PRO CA   C N S 274 
PRO C    C N N 275 
PRO O    O N N 276 
PRO CB   C N N 277 
PRO CG   C N N 278 
PRO CD   C N N 279 
PRO OXT  O N N 280 
PRO H    H N N 281 
PRO HA   H N N 282 
PRO HB2  H N N 283 
PRO HB3  H N N 284 
PRO HG2  H N N 285 
PRO HG3  H N N 286 
PRO HD2  H N N 287 
PRO HD3  H N N 288 
PRO HXT  H N N 289 
SER N    N N N 290 
SER CA   C N S 291 
SER C    C N N 292 
SER O    O N N 293 
SER CB   C N N 294 
SER OG   O N N 295 
SER OXT  O N N 296 
SER H    H N N 297 
SER H2   H N N 298 
SER HA   H N N 299 
SER HB2  H N N 300 
SER HB3  H N N 301 
SER HG   H N N 302 
SER HXT  H N N 303 
SO4 S    S N N 304 
SO4 O1   O N N 305 
SO4 O2   O N N 306 
SO4 O3   O N N 307 
SO4 O4   O N N 308 
THR N    N N N 309 
THR CA   C N S 310 
THR C    C N N 311 
THR O    O N N 312 
THR CB   C N R 313 
THR OG1  O N N 314 
THR CG2  C N N 315 
THR OXT  O N N 316 
THR H    H N N 317 
THR H2   H N N 318 
THR HA   H N N 319 
THR HB   H N N 320 
THR HG1  H N N 321 
THR HG21 H N N 322 
THR HG22 H N N 323 
THR HG23 H N N 324 
THR HXT  H N N 325 
TRP N    N N N 326 
TRP CA   C N S 327 
TRP C    C N N 328 
TRP O    O N N 329 
TRP CB   C N N 330 
TRP CG   C Y N 331 
TRP CD1  C Y N 332 
TRP CD2  C Y N 333 
TRP NE1  N Y N 334 
TRP CE2  C Y N 335 
TRP CE3  C Y N 336 
TRP CZ2  C Y N 337 
TRP CZ3  C Y N 338 
TRP CH2  C Y N 339 
TRP OXT  O N N 340 
TRP H    H N N 341 
TRP H2   H N N 342 
TRP HA   H N N 343 
TRP HB2  H N N 344 
TRP HB3  H N N 345 
TRP HD1  H N N 346 
TRP HE1  H N N 347 
TRP HE3  H N N 348 
TRP HZ2  H N N 349 
TRP HZ3  H N N 350 
TRP HH2  H N N 351 
TRP HXT  H N N 352 
TYR N    N N N 353 
TYR CA   C N S 354 
TYR C    C N N 355 
TYR O    O N N 356 
TYR CB   C N N 357 
TYR CG   C Y N 358 
TYR CD1  C Y N 359 
TYR CD2  C Y N 360 
TYR CE1  C Y N 361 
TYR CE2  C Y N 362 
TYR CZ   C Y N 363 
TYR OH   O N N 364 
TYR OXT  O N N 365 
TYR H    H N N 366 
TYR H2   H N N 367 
TYR HA   H N N 368 
TYR HB2  H N N 369 
TYR HB3  H N N 370 
TYR HD1  H N N 371 
TYR HD2  H N N 372 
TYR HE1  H N N 373 
TYR HE2  H N N 374 
TYR HH   H N N 375 
TYR HXT  H N N 376 
VAL N    N N N 377 
VAL CA   C N S 378 
VAL C    C N N 379 
VAL O    O N N 380 
VAL CB   C N N 381 
VAL CG1  C N N 382 
VAL CG2  C N N 383 
VAL OXT  O N N 384 
VAL H    H N N 385 
VAL H2   H N N 386 
VAL HA   H N N 387 
VAL HB   H N N 388 
VAL HG11 H N N 389 
VAL HG12 H N N 390 
VAL HG13 H N N 391 
VAL HG21 H N N 392 
VAL HG22 H N N 393 
VAL HG23 H N N 394 
VAL HXT  H N N 395 
# 
loop_
_chem_comp_bond.comp_id 
_chem_comp_bond.atom_id_1 
_chem_comp_bond.atom_id_2 
_chem_comp_bond.value_order 
_chem_comp_bond.pdbx_aromatic_flag 
_chem_comp_bond.pdbx_stereo_config 
_chem_comp_bond.pdbx_ordinal 
ALA N   CA   sing N N 1   
ALA N   H    sing N N 2   
ALA N   H2   sing N N 3   
ALA CA  C    sing N N 4   
ALA CA  CB   sing N N 5   
ALA CA  HA   sing N N 6   
ALA C   O    doub N N 7   
ALA C   OXT  sing N N 8   
ALA CB  HB1  sing N N 9   
ALA CB  HB2  sing N N 10  
ALA CB  HB3  sing N N 11  
ALA OXT HXT  sing N N 12  
ARG N   CA   sing N N 13  
ARG N   H    sing N N 14  
ARG N   H2   sing N N 15  
ARG CA  C    sing N N 16  
ARG CA  CB   sing N N 17  
ARG CA  HA   sing N N 18  
ARG C   O    doub N N 19  
ARG C   OXT  sing N N 20  
ARG CB  CG   sing N N 21  
ARG CB  HB2  sing N N 22  
ARG CB  HB3  sing N N 23  
ARG CG  CD   sing N N 24  
ARG CG  HG2  sing N N 25  
ARG CG  HG3  sing N N 26  
ARG CD  NE   sing N N 27  
ARG CD  HD2  sing N N 28  
ARG CD  HD3  sing N N 29  
ARG NE  CZ   sing N N 30  
ARG NE  HE   sing N N 31  
ARG CZ  NH1  sing N N 32  
ARG CZ  NH2  doub N N 33  
ARG NH1 HH11 sing N N 34  
ARG NH1 HH12 sing N N 35  
ARG NH2 HH21 sing N N 36  
ARG NH2 HH22 sing N N 37  
ARG OXT HXT  sing N N 38  
ASN N   CA   sing N N 39  
ASN N   H    sing N N 40  
ASN N   H2   sing N N 41  
ASN CA  C    sing N N 42  
ASN CA  CB   sing N N 43  
ASN CA  HA   sing N N 44  
ASN C   O    doub N N 45  
ASN C   OXT  sing N N 46  
ASN CB  CG   sing N N 47  
ASN CB  HB2  sing N N 48  
ASN CB  HB3  sing N N 49  
ASN CG  OD1  doub N N 50  
ASN CG  ND2  sing N N 51  
ASN ND2 HD21 sing N N 52  
ASN ND2 HD22 sing N N 53  
ASN OXT HXT  sing N N 54  
ASP N   CA   sing N N 55  
ASP N   H    sing N N 56  
ASP N   H2   sing N N 57  
ASP CA  C    sing N N 58  
ASP CA  CB   sing N N 59  
ASP CA  HA   sing N N 60  
ASP C   O    doub N N 61  
ASP C   OXT  sing N N 62  
ASP CB  CG   sing N N 63  
ASP CB  HB2  sing N N 64  
ASP CB  HB3  sing N N 65  
ASP CG  OD1  doub N N 66  
ASP CG  OD2  sing N N 67  
ASP OD2 HD2  sing N N 68  
ASP OXT HXT  sing N N 69  
CYS N   CA   sing N N 70  
CYS N   H    sing N N 71  
CYS N   H2   sing N N 72  
CYS CA  C    sing N N 73  
CYS CA  CB   sing N N 74  
CYS CA  HA   sing N N 75  
CYS C   O    doub N N 76  
CYS C   OXT  sing N N 77  
CYS CB  SG   sing N N 78  
CYS CB  HB2  sing N N 79  
CYS CB  HB3  sing N N 80  
CYS SG  HG   sing N N 81  
CYS OXT HXT  sing N N 82  
GLN N   CA   sing N N 83  
GLN N   H    sing N N 84  
GLN N   H2   sing N N 85  
GLN CA  C    sing N N 86  
GLN CA  CB   sing N N 87  
GLN CA  HA   sing N N 88  
GLN C   O    doub N N 89  
GLN C   OXT  sing N N 90  
GLN CB  CG   sing N N 91  
GLN CB  HB2  sing N N 92  
GLN CB  HB3  sing N N 93  
GLN CG  CD   sing N N 94  
GLN CG  HG2  sing N N 95  
GLN CG  HG3  sing N N 96  
GLN CD  OE1  doub N N 97  
GLN CD  NE2  sing N N 98  
GLN NE2 HE21 sing N N 99  
GLN NE2 HE22 sing N N 100 
GLN OXT HXT  sing N N 101 
GLU N   CA   sing N N 102 
GLU N   H    sing N N 103 
GLU N   H2   sing N N 104 
GLU CA  C    sing N N 105 
GLU CA  CB   sing N N 106 
GLU CA  HA   sing N N 107 
GLU C   O    doub N N 108 
GLU C   OXT  sing N N 109 
GLU CB  CG   sing N N 110 
GLU CB  HB2  sing N N 111 
GLU CB  HB3  sing N N 112 
GLU CG  CD   sing N N 113 
GLU CG  HG2  sing N N 114 
GLU CG  HG3  sing N N 115 
GLU CD  OE1  doub N N 116 
GLU CD  OE2  sing N N 117 
GLU OE2 HE2  sing N N 118 
GLU OXT HXT  sing N N 119 
GLY N   CA   sing N N 120 
GLY N   H    sing N N 121 
GLY N   H2   sing N N 122 
GLY CA  C    sing N N 123 
GLY CA  HA2  sing N N 124 
GLY CA  HA3  sing N N 125 
GLY C   O    doub N N 126 
GLY C   OXT  sing N N 127 
GLY OXT HXT  sing N N 128 
HIS N   CA   sing N N 129 
HIS N   H    sing N N 130 
HIS N   H2   sing N N 131 
HIS CA  C    sing N N 132 
HIS CA  CB   sing N N 133 
HIS CA  HA   sing N N 134 
HIS C   O    doub N N 135 
HIS C   OXT  sing N N 136 
HIS CB  CG   sing N N 137 
HIS CB  HB2  sing N N 138 
HIS CB  HB3  sing N N 139 
HIS CG  ND1  sing Y N 140 
HIS CG  CD2  doub Y N 141 
HIS ND1 CE1  doub Y N 142 
HIS ND1 HD1  sing N N 143 
HIS CD2 NE2  sing Y N 144 
HIS CD2 HD2  sing N N 145 
HIS CE1 NE2  sing Y N 146 
HIS CE1 HE1  sing N N 147 
HIS NE2 HE2  sing N N 148 
HIS OXT HXT  sing N N 149 
HOH O   H1   sing N N 150 
HOH O   H2   sing N N 151 
ILE N   CA   sing N N 152 
ILE N   H    sing N N 153 
ILE N   H2   sing N N 154 
ILE CA  C    sing N N 155 
ILE CA  CB   sing N N 156 
ILE CA  HA   sing N N 157 
ILE C   O    doub N N 158 
ILE C   OXT  sing N N 159 
ILE CB  CG1  sing N N 160 
ILE CB  CG2  sing N N 161 
ILE CB  HB   sing N N 162 
ILE CG1 CD1  sing N N 163 
ILE CG1 HG12 sing N N 164 
ILE CG1 HG13 sing N N 165 
ILE CG2 HG21 sing N N 166 
ILE CG2 HG22 sing N N 167 
ILE CG2 HG23 sing N N 168 
ILE CD1 HD11 sing N N 169 
ILE CD1 HD12 sing N N 170 
ILE CD1 HD13 sing N N 171 
ILE OXT HXT  sing N N 172 
LEU N   CA   sing N N 173 
LEU N   H    sing N N 174 
LEU N   H2   sing N N 175 
LEU CA  C    sing N N 176 
LEU CA  CB   sing N N 177 
LEU CA  HA   sing N N 178 
LEU C   O    doub N N 179 
LEU C   OXT  sing N N 180 
LEU CB  CG   sing N N 181 
LEU CB  HB2  sing N N 182 
LEU CB  HB3  sing N N 183 
LEU CG  CD1  sing N N 184 
LEU CG  CD2  sing N N 185 
LEU CG  HG   sing N N 186 
LEU CD1 HD11 sing N N 187 
LEU CD1 HD12 sing N N 188 
LEU CD1 HD13 sing N N 189 
LEU CD2 HD21 sing N N 190 
LEU CD2 HD22 sing N N 191 
LEU CD2 HD23 sing N N 192 
LEU OXT HXT  sing N N 193 
LYS N   CA   sing N N 194 
LYS N   H    sing N N 195 
LYS N   H2   sing N N 196 
LYS CA  C    sing N N 197 
LYS CA  CB   sing N N 198 
LYS CA  HA   sing N N 199 
LYS C   O    doub N N 200 
LYS C   OXT  sing N N 201 
LYS CB  CG   sing N N 202 
LYS CB  HB2  sing N N 203 
LYS CB  HB3  sing N N 204 
LYS CG  CD   sing N N 205 
LYS CG  HG2  sing N N 206 
LYS CG  HG3  sing N N 207 
LYS CD  CE   sing N N 208 
LYS CD  HD2  sing N N 209 
LYS CD  HD3  sing N N 210 
LYS CE  NZ   sing N N 211 
LYS CE  HE2  sing N N 212 
LYS CE  HE3  sing N N 213 
LYS NZ  HZ1  sing N N 214 
LYS NZ  HZ2  sing N N 215 
LYS NZ  HZ3  sing N N 216 
LYS OXT HXT  sing N N 217 
MET N   CA   sing N N 218 
MET N   H    sing N N 219 
MET N   H2   sing N N 220 
MET CA  C    sing N N 221 
MET CA  CB   sing N N 222 
MET CA  HA   sing N N 223 
MET C   O    doub N N 224 
MET C   OXT  sing N N 225 
MET CB  CG   sing N N 226 
MET CB  HB2  sing N N 227 
MET CB  HB3  sing N N 228 
MET CG  SD   sing N N 229 
MET CG  HG2  sing N N 230 
MET CG  HG3  sing N N 231 
MET SD  CE   sing N N 232 
MET CE  HE1  sing N N 233 
MET CE  HE2  sing N N 234 
MET CE  HE3  sing N N 235 
MET OXT HXT  sing N N 236 
PHE N   CA   sing N N 237 
PHE N   H    sing N N 238 
PHE N   H2   sing N N 239 
PHE CA  C    sing N N 240 
PHE CA  CB   sing N N 241 
PHE CA  HA   sing N N 242 
PHE C   O    doub N N 243 
PHE C   OXT  sing N N 244 
PHE CB  CG   sing N N 245 
PHE CB  HB2  sing N N 246 
PHE CB  HB3  sing N N 247 
PHE CG  CD1  doub Y N 248 
PHE CG  CD2  sing Y N 249 
PHE CD1 CE1  sing Y N 250 
PHE CD1 HD1  sing N N 251 
PHE CD2 CE2  doub Y N 252 
PHE CD2 HD2  sing N N 253 
PHE CE1 CZ   doub Y N 254 
PHE CE1 HE1  sing N N 255 
PHE CE2 CZ   sing Y N 256 
PHE CE2 HE2  sing N N 257 
PHE CZ  HZ   sing N N 258 
PHE OXT HXT  sing N N 259 
PRO N   CA   sing N N 260 
PRO N   CD   sing N N 261 
PRO N   H    sing N N 262 
PRO CA  C    sing N N 263 
PRO CA  CB   sing N N 264 
PRO CA  HA   sing N N 265 
PRO C   O    doub N N 266 
PRO C   OXT  sing N N 267 
PRO CB  CG   sing N N 268 
PRO CB  HB2  sing N N 269 
PRO CB  HB3  sing N N 270 
PRO CG  CD   sing N N 271 
PRO CG  HG2  sing N N 272 
PRO CG  HG3  sing N N 273 
PRO CD  HD2  sing N N 274 
PRO CD  HD3  sing N N 275 
PRO OXT HXT  sing N N 276 
SER N   CA   sing N N 277 
SER N   H    sing N N 278 
SER N   H2   sing N N 279 
SER CA  C    sing N N 280 
SER CA  CB   sing N N 281 
SER CA  HA   sing N N 282 
SER C   O    doub N N 283 
SER C   OXT  sing N N 284 
SER CB  OG   sing N N 285 
SER CB  HB2  sing N N 286 
SER CB  HB3  sing N N 287 
SER OG  HG   sing N N 288 
SER OXT HXT  sing N N 289 
SO4 S   O1   doub N N 290 
SO4 S   O2   doub N N 291 
SO4 S   O3   sing N N 292 
SO4 S   O4   sing N N 293 
THR N   CA   sing N N 294 
THR N   H    sing N N 295 
THR N   H2   sing N N 296 
THR CA  C    sing N N 297 
THR CA  CB   sing N N 298 
THR CA  HA   sing N N 299 
THR C   O    doub N N 300 
THR C   OXT  sing N N 301 
THR CB  OG1  sing N N 302 
THR CB  CG2  sing N N 303 
THR CB  HB   sing N N 304 
THR OG1 HG1  sing N N 305 
THR CG2 HG21 sing N N 306 
THR CG2 HG22 sing N N 307 
THR CG2 HG23 sing N N 308 
THR OXT HXT  sing N N 309 
TRP N   CA   sing N N 310 
TRP N   H    sing N N 311 
TRP N   H2   sing N N 312 
TRP CA  C    sing N N 313 
TRP CA  CB   sing N N 314 
TRP CA  HA   sing N N 315 
TRP C   O    doub N N 316 
TRP C   OXT  sing N N 317 
TRP CB  CG   sing N N 318 
TRP CB  HB2  sing N N 319 
TRP CB  HB3  sing N N 320 
TRP CG  CD1  doub Y N 321 
TRP CG  CD2  sing Y N 322 
TRP CD1 NE1  sing Y N 323 
TRP CD1 HD1  sing N N 324 
TRP CD2 CE2  doub Y N 325 
TRP CD2 CE3  sing Y N 326 
TRP NE1 CE2  sing Y N 327 
TRP NE1 HE1  sing N N 328 
TRP CE2 CZ2  sing Y N 329 
TRP CE3 CZ3  doub Y N 330 
TRP CE3 HE3  sing N N 331 
TRP CZ2 CH2  doub Y N 332 
TRP CZ2 HZ2  sing N N 333 
TRP CZ3 CH2  sing Y N 334 
TRP CZ3 HZ3  sing N N 335 
TRP CH2 HH2  sing N N 336 
TRP OXT HXT  sing N N 337 
TYR N   CA   sing N N 338 
TYR N   H    sing N N 339 
TYR N   H2   sing N N 340 
TYR CA  C    sing N N 341 
TYR CA  CB   sing N N 342 
TYR CA  HA   sing N N 343 
TYR C   O    doub N N 344 
TYR C   OXT  sing N N 345 
TYR CB  CG   sing N N 346 
TYR CB  HB2  sing N N 347 
TYR CB  HB3  sing N N 348 
TYR CG  CD1  doub Y N 349 
TYR CG  CD2  sing Y N 350 
TYR CD1 CE1  sing Y N 351 
TYR CD1 HD1  sing N N 352 
TYR CD2 CE2  doub Y N 353 
TYR CD2 HD2  sing N N 354 
TYR CE1 CZ   doub Y N 355 
TYR CE1 HE1  sing N N 356 
TYR CE2 CZ   sing Y N 357 
TYR CE2 HE2  sing N N 358 
TYR CZ  OH   sing N N 359 
TYR OH  HH   sing N N 360 
TYR OXT HXT  sing N N 361 
VAL N   CA   sing N N 362 
VAL N   H    sing N N 363 
VAL N   H2   sing N N 364 
VAL CA  C    sing N N 365 
VAL CA  CB   sing N N 366 
VAL CA  HA   sing N N 367 
VAL C   O    doub N N 368 
VAL C   OXT  sing N N 369 
VAL CB  CG1  sing N N 370 
VAL CB  CG2  sing N N 371 
VAL CB  HB   sing N N 372 
VAL CG1 HG11 sing N N 373 
VAL CG1 HG12 sing N N 374 
VAL CG1 HG13 sing N N 375 
VAL CG2 HG21 sing N N 376 
VAL CG2 HG22 sing N N 377 
VAL CG2 HG23 sing N N 378 
VAL OXT HXT  sing N N 379 
# 
_atom_sites.entry_id                    1CKE 
_atom_sites.fract_transf_matrix[1][1]   0.00122485 
_atom_sites.fract_transf_matrix[1][2]   0.01364646 
_atom_sites.fract_transf_matrix[1][3]   0.00266915 
_atom_sites.fract_transf_matrix[2][1]   0.00008873 
_atom_sites.fract_transf_matrix[2][2]   0.00918650 
_atom_sites.fract_transf_matrix[2][3]   -0.01050971 
_atom_sites.fract_transf_matrix[3][1]   -0.01629442 
_atom_sites.fract_transf_matrix[3][2]   0.00127196 
_atom_sites.fract_transf_matrix[3][3]   0.00097425 
_atom_sites.fract_transf_vector[1]      0.182917 
_atom_sites.fract_transf_vector[2]      0.373561 
_atom_sites.fract_transf_vector[3]      0.494175 
# 
loop_
_atom_type.symbol 
C 
N 
O 
S 
# 
loop_
_atom_site.group_PDB 
_atom_site.id 
_atom_site.type_symbol 
_atom_site.label_atom_id 
_atom_site.label_alt_id 
_atom_site.label_comp_id 
_atom_site.label_asym_id 
_atom_site.label_entity_id 
_atom_site.label_seq_id 
_atom_site.pdbx_PDB_ins_code 
_atom_site.Cartn_x 
_atom_site.Cartn_y 
_atom_site.Cartn_z 
_atom_site.occupancy 
_atom_site.B_iso_or_equiv 
_atom_site.pdbx_formal_charge 
_atom_site.auth_seq_id 
_atom_site.auth_comp_id 
_atom_site.auth_asym_id 
_atom_site.auth_atom_id 
_atom_site.pdbx_PDB_model_num 
ATOM   1    N N   . ALA A 1 3   ? -18.329 5.511   2.248   1.00 83.65 ? 3   ALA A N   1 
ATOM   2    C CA  . ALA A 1 3   ? -18.677 5.731   3.636   1.00 74.65 ? 3   ALA A CA  1 
ATOM   3    C C   . ALA A 1 3   ? -19.639 4.915   4.587   1.00 69.65 ? 3   ALA A C   1 
ATOM   4    O O   . ALA A 1 3   ? -19.971 3.736   4.483   1.00 71.42 ? 3   ALA A O   1 
ATOM   5    C CB  . ALA A 1 3   ? -18.948 7.205   3.838   1.00 74.59 ? 3   ALA A CB  1 
ATOM   6    N N   . ILE A 1 4   ? -19.280 5.524   5.772   1.00 63.51 ? 4   ILE A N   1 
ATOM   7    C CA  . ILE A 1 4   ? -19.739 5.653   7.162   1.00 52.08 ? 4   ILE A CA  1 
ATOM   8    C C   . ILE A 1 4   ? -18.419 5.502   7.913   1.00 36.56 ? 4   ILE A C   1 
ATOM   9    O O   . ILE A 1 4   ? -17.989 6.462   8.492   1.00 31.28 ? 4   ILE A O   1 
ATOM   10   C CB  . ILE A 1 4   ? -20.940 4.920   7.677   1.00 53.54 ? 4   ILE A CB  1 
ATOM   11   C CG1 . ILE A 1 4   ? -22.270 5.433   6.933   1.00 59.95 ? 4   ILE A CG1 1 
ATOM   12   C CG2 . ILE A 1 4   ? -21.206 5.347   9.132   1.00 52.98 ? 4   ILE A CG2 1 
ATOM   13   C CD1 . ILE A 1 4   ? -22.813 6.836   7.443   1.00 59.16 ? 4   ILE A CD1 1 
ATOM   14   N N   . ALA A 1 5   ? -17.726 4.368   7.746   1.00 25.96 ? 5   ALA A N   1 
ATOM   15   C CA  . ALA A 1 5   ? -16.470 4.115   8.454   1.00 23.34 ? 5   ALA A CA  1 
ATOM   16   C C   . ALA A 1 5   ? -15.352 5.057   7.926   1.00 19.70 ? 5   ALA A C   1 
ATOM   17   O O   . ALA A 1 5   ? -15.276 5.324   6.715   1.00 22.86 ? 5   ALA A O   1 
ATOM   18   C CB  . ALA A 1 5   ? -16.013 2.693   8.340   1.00 22.79 ? 5   ALA A CB  1 
ATOM   19   N N   . PRO A 1 6   ? -14.575 5.697   8.817   1.00 22.55 ? 6   PRO A N   1 
ATOM   20   C CA  . PRO A 1 6   ? -13.497 6.599   8.381   1.00 20.64 ? 6   PRO A CA  1 
ATOM   21   C C   . PRO A 1 6   ? -12.347 5.896   7.702   1.00 24.38 ? 6   PRO A C   1 
ATOM   22   O O   . PRO A 1 6   ? -11.983 4.780   8.059   1.00 27.52 ? 6   PRO A O   1 
ATOM   23   C CB  . PRO A 1 6   ? -13.047 7.266   9.672   1.00 17.60 ? 6   PRO A CB  1 
ATOM   24   C CG  . PRO A 1 6   ? -13.267 6.228   10.696  1.00 23.33 ? 6   PRO A CG  1 
ATOM   25   C CD  . PRO A 1 6   ? -14.534 5.497   10.276  1.00 21.41 ? 6   PRO A CD  1 
ATOM   26   N N   . VAL A 1 7   ? -11.834 6.547   6.680   1.00 22.40 ? 7   VAL A N   1 
ATOM   27   C CA  . VAL A 1 7   ? -10.679 6.045   5.971   1.00 17.68 ? 7   VAL A CA  1 
ATOM   28   C C   . VAL A 1 7   ? -9.611  7.159   5.962   1.00 20.10 ? 7   VAL A C   1 
ATOM   29   O O   . VAL A 1 7   ? -9.918  8.355   5.736   1.00 17.91 ? 7   VAL A O   1 
ATOM   30   C CB  . VAL A 1 7   ? -10.980 5.754   4.497   1.00 18.25 ? 7   VAL A CB  1 
ATOM   31   C CG1 . VAL A 1 7   ? -9.674  5.241   3.788   1.00 19.45 ? 7   VAL A CG1 1 
ATOM   32   C CG2 . VAL A 1 7   ? -12.051 4.737   4.372   1.00 21.45 ? 7   VAL A CG2 1 
ATOM   33   N N   . ILE A 1 8   ? -8.367  6.785   6.245   1.00 15.90 ? 8   ILE A N   1 
ATOM   34   C CA  . ILE A 1 8   ? -7.264  7.713   6.157   1.00 14.20 ? 8   ILE A CA  1 
ATOM   35   C C   . ILE A 1 8   ? -6.463  7.171   4.950   1.00 14.87 ? 8   ILE A C   1 
ATOM   36   O O   . ILE A 1 8   ? -6.109  5.993   4.938   1.00 14.26 ? 8   ILE A O   1 
ATOM   37   C CB  . ILE A 1 8   ? -6.406  7.662   7.422   1.00 16.79 ? 8   ILE A CB  1 
ATOM   38   C CG1 . ILE A 1 8   ? -7.221  8.208   8.597   1.00 14.53 ? 8   ILE A CG1 1 
ATOM   39   C CG2 . ILE A 1 8   ? -5.053  8.434   7.168   1.00 19.88 ? 8   ILE A CG2 1 
ATOM   40   C CD1 . ILE A 1 8   ? -6.601  7.995   9.891   1.00 19.88 ? 8   ILE A CD1 1 
ATOM   41   N N   . THR A 1 9   ? -6.264  7.981   3.905   1.00 15.74 ? 9   THR A N   1 
ATOM   42   C CA  . THR A 1 9   ? -5.509  7.545   2.692   1.00 15.22 ? 9   THR A CA  1 
ATOM   43   C C   . THR A 1 9   ? -4.086  8.112   2.720   1.00 16.19 ? 9   THR A C   1 
ATOM   44   O O   . THR A 1 9   ? -3.883  9.251   3.159   1.00 15.89 ? 9   THR A O   1 
ATOM   45   C CB  . THR A 1 9   ? -6.182  8.009   1.354   1.00 16.46 ? 9   THR A CB  1 
ATOM   46   O OG1 . THR A 1 9   ? -6.276  9.450   1.282   1.00 13.96 ? 9   THR A OG1 1 
ATOM   47   C CG2 . THR A 1 9   ? -7.578  7.342   1.167   1.00 18.26 ? 9   THR A CG2 1 
ATOM   48   N N   . ILE A 1 10  ? -3.115  7.321   2.268   1.00 12.68 ? 10  ILE A N   1 
ATOM   49   C CA  . ILE A 1 10  ? -1.714  7.766   2.257   1.00 15.27 ? 10  ILE A CA  1 
ATOM   50   C C   . ILE A 1 10  ? -1.203  7.427   0.881   1.00 15.33 ? 10  ILE A C   1 
ATOM   51   O O   . ILE A 1 10  ? -1.026  6.253   0.570   1.00 16.71 ? 10  ILE A O   1 
ATOM   52   C CB  . ILE A 1 10  ? -0.862  7.025   3.328   1.00 17.74 ? 10  ILE A CB  1 
ATOM   53   C CG1 . ILE A 1 10  ? -1.353  7.405   4.725   1.00 19.65 ? 10  ILE A CG1 1 
ATOM   54   C CG2 . ILE A 1 10  ? 0.612   7.419   3.206   1.00 17.23 ? 10  ILE A CG2 1 
ATOM   55   C CD1 . ILE A 1 10  ? -1.096  6.361   5.789   1.00 27.97 ? 10  ILE A CD1 1 
ATOM   56   N N   . ASP A 1 11  ? -0.951  8.476   0.089   1.00 16.08 ? 11  ASP A N   1 
ATOM   57   C CA  . ASP A 1 11  ? -0.446  8.339   -1.279  1.00 14.24 ? 11  ASP A CA  1 
ATOM   58   C C   . ASP A 1 11  ? 0.911   8.982   -1.399  1.00 14.71 ? 11  ASP A C   1 
ATOM   59   O O   . ASP A 1 11  ? 1.228   9.879   -0.625  1.00 13.74 ? 11  ASP A O   1 
ATOM   60   C CB  . ASP A 1 11  ? -1.393  8.976   -2.288  1.00 14.67 ? 11  ASP A CB  1 
ATOM   61   C CG  . ASP A 1 11  ? -2.692  8.185   -2.412  1.00 17.76 ? 11  ASP A CG  1 
ATOM   62   O OD1 . ASP A 1 11  ? -2.705  6.973   -2.698  1.00 15.33 ? 11  ASP A OD1 1 
ATOM   63   O OD2 . ASP A 1 11  ? -3.724  8.766   -2.102  1.00 21.19 ? 11  ASP A OD2 1 
ATOM   64   N N   . GLY A 1 12  ? 1.686   8.559   -2.388  1.00 14.97 ? 12  GLY A N   1 
ATOM   65   C CA  . GLY A 1 12  ? 2.989   9.155   -2.553  1.00 16.41 ? 12  GLY A CA  1 
ATOM   66   C C   . GLY A 1 12  ? 3.870   8.268   -3.389  1.00 17.35 ? 12  GLY A C   1 
ATOM   67   O O   . GLY A 1 12  ? 3.609   7.089   -3.565  1.00 17.21 ? 12  GLY A O   1 
ATOM   68   N N   . PRO A 1 13  ? 5.017   8.799   -3.815  1.00 20.03 ? 13  PRO A N   1 
ATOM   69   C CA  . PRO A 1 13  ? 5.900   7.979   -4.637  1.00 20.23 ? 13  PRO A CA  1 
ATOM   70   C C   . PRO A 1 13  ? 6.553   6.858   -3.836  1.00 22.69 ? 13  PRO A C   1 
ATOM   71   O O   . PRO A 1 13  ? 6.480   6.802   -2.593  1.00 21.67 ? 13  PRO A O   1 
ATOM   72   C CB  . PRO A 1 13  ? 6.919   9.007   -5.124  1.00 19.36 ? 13  PRO A CB  1 
ATOM   73   C CG  . PRO A 1 13  ? 7.098   9.855   -3.871  1.00 22.88 ? 13  PRO A CG  1 
ATOM   74   C CD  . PRO A 1 13  ? 5.664   10.057  -3.394  1.00 20.49 ? 13  PRO A CD  1 
ATOM   75   N N   . SER A 1 14  ? 7.205   5.966   -4.597  1.00 28.49 ? 14  SER A N   1 
ATOM   76   C CA  . SER A 1 14  ? 7.964   4.816   -4.099  1.00 29.12 ? 14  SER A CA  1 
ATOM   77   C C   . SER A 1 14  ? 9.140   5.288   -3.253  1.00 19.54 ? 14  SER A C   1 
ATOM   78   O O   . SER A 1 14  ? 9.857   6.203   -3.659  1.00 24.58 ? 14  SER A O   1 
ATOM   79   C CB  . SER A 1 14  ? 8.518   4.002   -5.294  1.00 28.40 ? 14  SER A CB  1 
ATOM   80   O OG  . SER A 1 14  ? 7.470   3.331   -5.973  1.00 43.46 ? 14  SER A OG  1 
ATOM   81   N N   . GLY A 1 15  ? 9.324   4.673   -2.099  1.00 18.80 ? 15  GLY A N   1 
ATOM   82   C CA  . GLY A 1 15  ? 10.447  5.051   -1.247  1.00 23.03 ? 15  GLY A CA  1 
ATOM   83   C C   . GLY A 1 15  ? 10.233  6.286   -0.401  1.00 25.50 ? 15  GLY A C   1 
ATOM   84   O O   . GLY A 1 15  ? 11.160  6.723   0.236   1.00 22.61 ? 15  GLY A O   1 
ATOM   85   N N   . ALA A 1 16  ? 8.991   6.782   -0.300  1.00 25.23 ? 16  ALA A N   1 
ATOM   86   C CA  . ALA A 1 16  ? 8.701   7.964   0.521   1.00 20.75 ? 16  ALA A CA  1 
ATOM   87   C C   . ALA A 1 16  ? 8.460   7.644   2.017   1.00 19.16 ? 16  ALA A C   1 
ATOM   88   O O   . ALA A 1 16  ? 8.500   8.537   2.855   1.00 20.69 ? 16  ALA A O   1 
ATOM   89   C CB  . ALA A 1 16  ? 7.504   8.750   -0.066  1.00 19.93 ? 16  ALA A CB  1 
ATOM   90   N N   . GLY A 1 17  ? 8.274   6.368   2.355   1.00 17.73 ? 17  GLY A N   1 
ATOM   91   C CA  . GLY A 1 17  ? 8.047   6.012   3.740   1.00 16.47 ? 17  GLY A CA  1 
ATOM   92   C C   . GLY A 1 17  ? 6.564   5.739   4.026   1.00 19.39 ? 17  GLY A C   1 
ATOM   93   O O   . GLY A 1 17  ? 6.181   5.623   5.200   1.00 20.74 ? 17  GLY A O   1 
ATOM   94   N N   . LYS A 1 18  ? 5.730   5.641   2.986   1.00 16.50 ? 18  LYS A N   1 
ATOM   95   C CA  . LYS A 1 18  ? 4.308   5.370   3.209   1.00 15.44 ? 18  LYS A CA  1 
ATOM   96   C C   . LYS A 1 18  ? 4.099   4.106   4.009   1.00 19.41 ? 18  LYS A C   1 
ATOM   97   O O   . LYS A 1 18  ? 3.237   4.059   4.896   1.00 16.08 ? 18  LYS A O   1 
ATOM   98   C CB  . LYS A 1 18  ? 3.536   5.209   1.902   1.00 17.38 ? 18  LYS A CB  1 
ATOM   99   C CG  . LYS A 1 18  ? 3.665   6.325   0.922   1.00 17.55 ? 18  LYS A CG  1 
ATOM   100  C CD  . LYS A 1 18  ? 2.779   6.037   -0.344  1.00 20.24 ? 18  LYS A CD  1 
ATOM   101  C CE  . LYS A 1 18  ? 3.135   4.780   -1.153  1.00 18.62 ? 18  LYS A CE  1 
ATOM   102  N NZ  . LYS A 1 18  ? 4.489   4.928   -1.816  1.00 22.60 ? 18  LYS A NZ  1 
ATOM   103  N N   . GLY A 1 19  ? 4.880   3.058   3.716   1.00 20.18 ? 19  GLY A N   1 
ATOM   104  C CA  . GLY A 1 19  ? 4.718   1.802   4.431   1.00 21.87 ? 19  GLY A CA  1 
ATOM   105  C C   . GLY A 1 19  ? 4.889   1.960   5.923   1.00 24.18 ? 19  GLY A C   1 
ATOM   106  O O   . GLY A 1 19  ? 4.054   1.543   6.752   1.00 21.58 ? 19  GLY A O   1 
ATOM   107  N N   . THR A 1 20  ? 5.988   2.618   6.272   1.00 21.39 ? 20  THR A N   1 
ATOM   108  C CA  . THR A 1 20  ? 6.311   2.848   7.662   1.00 23.53 ? 20  THR A CA  1 
ATOM   109  C C   . THR A 1 20  ? 5.162   3.617   8.370   1.00 21.27 ? 20  THR A C   1 
ATOM   110  O O   . THR A 1 20  ? 4.666   3.178   9.431   1.00 21.89 ? 20  THR A O   1 
ATOM   111  C CB  . THR A 1 20  ? 7.658   3.593   7.712   1.00 23.40 ? 20  THR A CB  1 
ATOM   112  O OG1 . THR A 1 20  ? 8.668   2.698   7.248   1.00 25.71 ? 20  THR A OG1 1 
ATOM   113  C CG2 . THR A 1 20  ? 7.997   4.033   9.098   1.00 27.62 ? 20  THR A CG2 1 
ATOM   114  N N   . LEU A 1 21  ? 4.698   4.689   7.716   1.00 20.53 ? 21  LEU A N   1 
ATOM   115  C CA  . LEU A 1 21  ? 3.630   5.568   8.239   1.00 21.42 ? 21  LEU A CA  1 
ATOM   116  C C   . LEU A 1 21  ? 2.350   4.772   8.413   1.00 18.23 ? 21  LEU A C   1 
ATOM   117  O O   . LEU A 1 21  ? 1.750   4.813   9.469   1.00 22.66 ? 21  LEU A O   1 
ATOM   118  C CB  . LEU A 1 21  ? 3.303   6.722   7.272   1.00 20.69 ? 21  LEU A CB  1 
ATOM   119  C CG  . LEU A 1 21  ? 2.937   8.121   7.779   1.00 22.25 ? 21  LEU A CG  1 
ATOM   120  C CD1 . LEU A 1 21  ? 1.973   8.760   6.810   1.00 21.89 ? 21  LEU A CD1 1 
ATOM   121  C CD2 . LEU A 1 21  ? 2.468   8.200   9.225   1.00 20.79 ? 21  LEU A CD2 1 
ATOM   122  N N   . CYS A 1 22  ? 1.936   4.096   7.357   1.00 18.71 ? 22  CYS A N   1 
ATOM   123  C CA  . CYS A 1 22  ? 0.725   3.321   7.358   1.00 20.89 ? 22  CYS A CA  1 
ATOM   124  C C   . CYS A 1 22  ? 0.761   2.268   8.456   1.00 24.14 ? 22  CYS A C   1 
ATOM   125  O O   . CYS A 1 22  ? -0.217  2.121   9.212   1.00 21.17 ? 22  CYS A O   1 
ATOM   126  C CB  . CYS A 1 22  ? 0.499   2.753   5.956   1.00 25.90 ? 22  CYS A CB  1 
ATOM   127  S SG  . CYS A 1 22  ? -0.919  1.673   5.734   1.00 41.14 ? 22  CYS A SG  1 
ATOM   128  N N   . LYS A 1 23  ? 1.896   1.600   8.645   1.00 23.48 ? 23  LYS A N   1 
ATOM   129  C CA  . LYS A 1 23  ? 1.969   0.607   9.740   1.00 26.91 ? 23  LYS A CA  1 
ATOM   130  C C   . LYS A 1 23  ? 1.878   1.262   11.116  1.00 22.78 ? 23  LYS A C   1 
ATOM   131  O O   . LYS A 1 23  ? 1.147   0.773   11.974  1.00 23.65 ? 23  LYS A O   1 
ATOM   132  C CB  . LYS A 1 23  ? 3.227   -0.287  9.656   1.00 22.86 ? 23  LYS A CB  1 
ATOM   133  C CG  . LYS A 1 23  ? 3.082   -1.408  8.629   1.00 24.39 ? 23  LYS A CG  1 
ATOM   134  C CD  . LYS A 1 23  ? 4.373   -2.228  8.470   1.00 28.32 ? 23  LYS A CD  1 
ATOM   135  C CE  . LYS A 1 23  ? 5.531   -1.330  8.076   1.00 26.99 ? 23  LYS A CE  1 
ATOM   136  N NZ  . LYS A 1 23  ? 6.802   -2.075  8.047   1.00 30.54 ? 23  LYS A NZ  1 
ATOM   137  N N   . ALA A 1 24  ? 2.582   2.373   11.323  1.00 22.44 ? 24  ALA A N   1 
ATOM   138  C CA  . ALA A 1 24  ? 2.521   3.082   12.618  1.00 22.79 ? 24  ALA A CA  1 
ATOM   139  C C   . ALA A 1 24  ? 1.103   3.564   12.947  1.00 23.65 ? 24  ALA A C   1 
ATOM   140  O O   . ALA A 1 24  ? 0.643   3.432   14.064  1.00 21.38 ? 24  ALA A O   1 
ATOM   141  C CB  . ALA A 1 24  ? 3.474   4.294   12.633  1.00 23.27 ? 24  ALA A CB  1 
ATOM   142  N N   . MET A 1 25  ? 0.395   4.094   11.959  1.00 23.41 ? 25  MET A N   1 
ATOM   143  C CA  . MET A 1 25  ? -0.976  4.576   12.176  1.00 19.98 ? 25  MET A CA  1 
ATOM   144  C C   . MET A 1 25  ? -1.969  3.462   12.418  1.00 19.15 ? 25  MET A C   1 
ATOM   145  O O   . MET A 1 25  ? -2.834  3.574   13.274  1.00 23.49 ? 25  MET A O   1 
ATOM   146  C CB  . MET A 1 25  ? -1.450  5.488   11.036  1.00 19.04 ? 25  MET A CB  1 
ATOM   147  C CG  . MET A 1 25  ? -0.683  6.822   10.949  1.00 19.79 ? 25  MET A CG  1 
ATOM   148  S SD  . MET A 1 25  ? -1.278  7.826   9.628   1.00 30.22 ? 25  MET A SD  1 
ATOM   149  C CE  . MET A 1 25  ? -2.498  8.831   10.625  1.00 20.75 ? 25  MET A CE  1 
ATOM   150  N N   . ALA A 1 26  ? -1.857  2.363   11.697  1.00 18.44 ? 26  ALA A N   1 
ATOM   151  C CA  . ALA A 1 26  ? -2.773  1.260   11.920  1.00 20.33 ? 26  ALA A CA  1 
ATOM   152  C C   . ALA A 1 26  ? -2.541  0.635   13.324  1.00 23.67 ? 26  ALA A C   1 
ATOM   153  O O   . ALA A 1 26  ? -3.492  0.193   13.983  1.00 23.16 ? 26  ALA A O   1 
ATOM   154  C CB  . ALA A 1 26  ? -2.617  0.203   10.821  1.00 20.19 ? 26  ALA A CB  1 
ATOM   155  N N   . GLU A 1 27  ? -1.294  0.620   13.790  1.00 23.10 ? 27  GLU A N   1 
ATOM   156  C CA  . GLU A 1 27  ? -0.996  0.056   15.104  1.00 25.28 ? 27  GLU A CA  1 
ATOM   157  C C   . GLU A 1 27  ? -1.449  1.000   16.227  1.00 27.26 ? 27  GLU A C   1 
ATOM   158  O O   . GLU A 1 27  ? -2.098  0.555   17.175  1.00 30.20 ? 27  GLU A O   1 
ATOM   159  C CB  . GLU A 1 27  ? 0.490   -0.313  15.219  1.00 27.09 ? 27  GLU A CB  1 
ATOM   160  C CG  . GLU A 1 27  ? 0.806   -1.543  14.386  1.00 32.69 ? 27  GLU A CG  1 
ATOM   161  C CD  . GLU A 1 27  ? 2.143   -2.186  14.679  1.00 36.82 ? 27  GLU A CD  1 
ATOM   162  O OE1 . GLU A 1 27  ? 2.262   -2.842  15.737  1.00 46.05 ? 27  GLU A OE1 1 
ATOM   163  O OE2 . GLU A 1 27  ? 3.040   -2.108  13.818  1.00 33.07 ? 27  GLU A OE2 1 
ATOM   164  N N   . ALA A 1 28  ? -1.158  2.292   16.077  1.00 25.04 ? 28  ALA A N   1 
ATOM   165  C CA  . ALA A 1 28  ? -1.574  3.329   17.024  1.00 28.03 ? 28  ALA A CA  1 
ATOM   166  C C   . ALA A 1 28  ? -3.122  3.361   17.181  1.00 31.09 ? 28  ALA A C   1 
ATOM   167  O O   . ALA A 1 28  ? -3.664  3.293   18.288  1.00 34.44 ? 28  ALA A O   1 
ATOM   168  C CB  . ALA A 1 28  ? -1.094  4.706   16.540  1.00 24.01 ? 28  ALA A CB  1 
ATOM   169  N N   . LEU A 1 29  ? -3.848  3.346   16.077  1.00 28.29 ? 29  LEU A N   1 
ATOM   170  C CA  . LEU A 1 29  ? -5.280  3.466   16.177  1.00 27.23 ? 29  LEU A CA  1 
ATOM   171  C C   . LEU A 1 29  ? -6.004  2.187   16.294  1.00 27.35 ? 29  LEU A C   1 
ATOM   172  O O   . LEU A 1 29  ? -7.206  2.189   16.565  1.00 25.72 ? 29  LEU A O   1 
ATOM   173  C CB  . LEU A 1 29  ? -5.835  4.219   14.957  1.00 25.76 ? 29  LEU A CB  1 
ATOM   174  C CG  . LEU A 1 29  ? -5.141  5.507   14.502  1.00 27.77 ? 29  LEU A CG  1 
ATOM   175  C CD1 . LEU A 1 29  ? -5.884  6.051   13.287  1.00 29.83 ? 29  LEU A CD1 1 
ATOM   176  C CD2 . LEU A 1 29  ? -5.110  6.542   15.596  1.00 32.82 ? 29  LEU A CD2 1 
ATOM   177  N N   . GLN A 1 30  ? -5.282  1.110   16.013  1.00 24.13 ? 30  GLN A N   1 
ATOM   178  C CA  . GLN A 1 30  ? -5.832  -0.221  15.961  1.00 30.58 ? 30  GLN A CA  1 
ATOM   179  C C   . GLN A 1 30  ? -6.977  -0.327  14.943  1.00 29.64 ? 30  GLN A C   1 
ATOM   180  O O   . GLN A 1 30  ? -8.027  -0.951  15.220  1.00 28.53 ? 30  GLN A O   1 
ATOM   181  C CB  . GLN A 1 30  ? -6.244  -0.728  17.336  1.00 43.81 ? 30  GLN A CB  1 
ATOM   182  C CG  . GLN A 1 30  ? -5.106  -0.709  18.290  1.00 64.32 ? 30  GLN A CG  1 
ATOM   183  C CD  . GLN A 1 30  ? -5.535  -0.192  19.640  1.00 77.82 ? 30  GLN A CD  1 
ATOM   184  O OE1 . GLN A 1 30  ? -6.243  -0.899  20.369  1.00 83.84 ? 30  GLN A OE1 1 
ATOM   185  N NE2 . GLN A 1 30  ? -5.137  1.057   19.983  1.00 82.11 ? 30  GLN A NE2 1 
ATOM   186  N N   . TRP A 1 31  ? -6.731  0.167   13.720  1.00 24.23 ? 31  TRP A N   1 
ATOM   187  C CA  . TRP A 1 31  ? -7.719  0.125   12.616  1.00 22.60 ? 31  TRP A CA  1 
ATOM   188  C C   . TRP A 1 31  ? -7.313  -0.910  11.562  1.00 22.22 ? 31  TRP A C   1 
ATOM   189  O O   . TRP A 1 31  ? -6.236  -1.470  11.611  1.00 25.31 ? 31  TRP A O   1 
ATOM   190  C CB  . TRP A 1 31  ? -7.791  1.466   11.900  1.00 22.73 ? 31  TRP A CB  1 
ATOM   191  C CG  . TRP A 1 31  ? -8.529  2.533   12.622  1.00 28.08 ? 31  TRP A CG  1 
ATOM   192  C CD1 . TRP A 1 31  ? -8.973  2.514   13.923  1.00 30.20 ? 31  TRP A CD1 1 
ATOM   193  C CD2 . TRP A 1 31  ? -8.923  3.792   12.076  1.00 28.86 ? 31  TRP A CD2 1 
ATOM   194  N NE1 . TRP A 1 31  ? -9.635  3.687   14.211  1.00 29.02 ? 31  TRP A NE1 1 
ATOM   195  C CE2 . TRP A 1 31  ? -9.632  4.482   13.092  1.00 30.49 ? 31  TRP A CE2 1 
ATOM   196  C CE3 . TRP A 1 31  ? -8.777  4.399   10.814  1.00 27.97 ? 31  TRP A CE3 1 
ATOM   197  C CZ2 . TRP A 1 31  ? -10.156 5.756   12.886  1.00 34.16 ? 31  TRP A CZ2 1 
ATOM   198  C CZ3 . TRP A 1 31  ? -9.291  5.654   10.602  1.00 29.14 ? 31  TRP A CZ3 1 
ATOM   199  C CH2 . TRP A 1 31  ? -9.989  6.318   11.628  1.00 32.67 ? 31  TRP A CH2 1 
ATOM   200  N N   . HIS A 1 32  ? -8.157  -1.143  10.586  1.00 19.85 ? 32  HIS A N   1 
ATOM   201  C CA  . HIS A 1 32  ? -7.815  -2.095  9.568   1.00 21.16 ? 32  HIS A CA  1 
ATOM   202  C C   . HIS A 1 32  ? -6.774  -1.483  8.664   1.00 20.59 ? 32  HIS A C   1 
ATOM   203  O O   . HIS A 1 32  ? -6.694  -0.267  8.555   1.00 18.83 ? 32  HIS A O   1 
ATOM   204  C CB  . HIS A 1 32  ? -9.044  -2.459  8.790   1.00 20.44 ? 32  HIS A CB  1 
ATOM   205  C CG  . HIS A 1 32  ? -10.085 -3.128  9.632   1.00 29.21 ? 32  HIS A CG  1 
ATOM   206  N ND1 . HIS A 1 32  ? -11.332 -2.577  9.854   1.00 30.60 ? 32  HIS A ND1 1 
ATOM   207  C CD2 . HIS A 1 32  ? -10.079 -4.320  10.259  1.00 26.25 ? 32  HIS A CD2 1 
ATOM   208  C CE1 . HIS A 1 32  ? -12.058 -3.422  10.569  1.00 28.30 ? 32  HIS A CE1 1 
ATOM   209  N NE2 . HIS A 1 32  ? -11.315 -4.485  10.828  1.00 33.98 ? 32  HIS A NE2 1 
ATOM   210  N N   . LEU A 1 33  ? -6.044  -2.337  7.947   1.00 21.25 ? 33  LEU A N   1 
ATOM   211  C CA  . LEU A 1 33  ? -4.958  -1.873  7.053   1.00 25.13 ? 33  LEU A CA  1 
ATOM   212  C C   . LEU A 1 33  ? -5.075  -2.388  5.612   1.00 18.12 ? 33  LEU A C   1 
ATOM   213  O O   . LEU A 1 33  ? -5.411  -3.579  5.413   1.00 15.98 ? 33  LEU A O   1 
ATOM   214  C CB  . LEU A 1 33  ? -3.629  -2.352  7.647   1.00 27.29 ? 33  LEU A CB  1 
ATOM   215  C CG  . LEU A 1 33  ? -2.359  -2.065  6.891   1.00 32.52 ? 33  LEU A CG  1 
ATOM   216  C CD1 . LEU A 1 33  ? -2.200  -0.561  6.850   1.00 37.39 ? 33  LEU A CD1 1 
ATOM   217  C CD2 . LEU A 1 33  ? -1.227  -2.702  7.669   1.00 35.16 ? 33  LEU A CD2 1 
ATOM   218  N N   . LEU A 1 34  ? -4.860  -1.520  4.619   1.00 13.07 ? 34  LEU A N   1 
ATOM   219  C CA  . LEU A 1 34  ? -4.875  -2.004  3.220   1.00 16.15 ? 34  LEU A CA  1 
ATOM   220  C C   . LEU A 1 34  ? -3.590  -1.476  2.506   1.00 16.54 ? 34  LEU A C   1 
ATOM   221  O O   . LEU A 1 34  ? -3.307  -0.259  2.489   1.00 13.57 ? 34  LEU A O   1 
ATOM   222  C CB  . LEU A 1 34  ? -6.073  -1.503  2.422   1.00 15.61 ? 34  LEU A CB  1 
ATOM   223  C CG  . LEU A 1 34  ? -6.504  -1.978  0.992   1.00 21.45 ? 34  LEU A CG  1 
ATOM   224  C CD1 . LEU A 1 34  ? -6.936  -0.835  0.098   1.00 17.65 ? 34  LEU A CD1 1 
ATOM   225  C CD2 . LEU A 1 34  ? -5.678  -3.019  0.277   1.00 16.88 ? 34  LEU A CD2 1 
ATOM   226  N N   . ASP A 1 35  ? -2.843  -2.395  1.898   1.00 18.30 ? 35  ASP A N   1 
ATOM   227  C CA  . ASP A 1 35  ? -1.649  -2.019  1.151   1.00 19.67 ? 35  ASP A CA  1 
ATOM   228  C C   . ASP A 1 35  ? -1.982  -2.278  -0.306  1.00 19.82 ? 35  ASP A C   1 
ATOM   229  O O   . ASP A 1 35  ? -1.921  -3.433  -0.758  1.00 17.33 ? 35  ASP A O   1 
ATOM   230  C CB  . ASP A 1 35  ? -0.482  -2.915  1.592   1.00 22.57 ? 35  ASP A CB  1 
ATOM   231  C CG  . ASP A 1 35  ? 0.816   -2.530  0.939   1.00 23.60 ? 35  ASP A CG  1 
ATOM   232  O OD1 . ASP A 1 35  ? 0.844   -2.069  -0.208  1.00 23.78 ? 35  ASP A OD1 1 
ATOM   233  O OD2 . ASP A 1 35  ? 1.814   -2.666  1.617   1.00 27.42 ? 35  ASP A OD2 1 
ATOM   234  N N   . SER A 1 36  ? -2.321  -1.240  -1.055  1.00 15.86 ? 36  SER A N   1 
ATOM   235  C CA  . SER A 1 36  ? -2.703  -1.462  -2.410  1.00 15.69 ? 36  SER A CA  1 
ATOM   236  C C   . SER A 1 36  ? -1.570  -1.986  -3.296  1.00 21.20 ? 36  SER A C   1 
ATOM   237  O O   . SER A 1 36  ? -1.834  -2.677  -4.308  1.00 18.57 ? 36  SER A O   1 
ATOM   238  C CB  . SER A 1 36  ? -3.316  -0.208  -3.032  1.00 19.37 ? 36  SER A CB  1 
ATOM   239  O OG  . SER A 1 36  ? -2.362  0.852   -3.064  1.00 32.37 ? 36  SER A OG  1 
ATOM   240  N N   . GLY A 1 37  ? -0.322  -1.667  -2.924  1.00 21.96 ? 37  GLY A N   1 
ATOM   241  C CA  . GLY A 1 37  ? 0.814   -2.142  -3.709  1.00 22.71 ? 37  GLY A CA  1 
ATOM   242  C C   . GLY A 1 37  ? 0.934   -3.666  -3.652  1.00 25.87 ? 37  GLY A C   1 
ATOM   243  O O   . GLY A 1 37  ? 1.201   -4.296  -4.683  1.00 35.95 ? 37  GLY A O   1 
ATOM   244  N N   . ALA A 1 38  ? 0.655   -4.259  -2.488  1.00 17.65 ? 38  ALA A N   1 
ATOM   245  C CA  . ALA A 1 38  ? 0.745   -5.689  -2.285  1.00 20.19 ? 38  ALA A CA  1 
ATOM   246  C C   . ALA A 1 38  ? -0.406  -6.463  -2.955  1.00 31.73 ? 38  ALA A C   1 
ATOM   247  O O   . ALA A 1 38  ? -0.205  -7.634  -3.382  1.00 25.01 ? 38  ALA A O   1 
ATOM   248  C CB  . ALA A 1 38  ? 0.803   -5.984  -0.798  1.00 20.23 ? 38  ALA A CB  1 
ATOM   249  N N   . ILE A 1 39  ? -1.578  -5.795  -3.099  1.00 35.38 ? 39  ILE A N   1 
ATOM   250  C CA  . ILE A 1 39  ? -2.819  -6.361  -3.694  1.00 29.54 ? 39  ILE A CA  1 
ATOM   251  C C   . ILE A 1 39  ? -2.713  -7.138  -5.017  1.00 22.51 ? 39  ILE A C   1 
ATOM   252  O O   . ILE A 1 39  ? -3.328  -8.234  -5.146  1.00 21.71 ? 39  ILE A O   1 
ATOM   253  C CB  . ILE A 1 39  ? -3.998  -5.278  -3.782  1.00 31.07 ? 39  ILE A CB  1 
ATOM   254  C CG1 . ILE A 1 39  ? -5.317  -5.959  -3.520  1.00 33.66 ? 39  ILE A CG1 1 
ATOM   255  C CG2 . ILE A 1 39  ? -4.085  -4.601  -5.150  1.00 30.26 ? 39  ILE A CG2 1 
ATOM   256  C CD1 . ILE A 1 39  ? -5.278  -6.668  -2.234  1.00 32.59 ? 39  ILE A CD1 1 
ATOM   257  N N   . TYR A 1 40  ? -2.000  -6.592  -6.011  1.00 21.67 ? 40  TYR A N   1 
ATOM   258  C CA  . TYR A 1 40  ? -1.847  -7.302  -7.283  1.00 24.95 ? 40  TYR A CA  1 
ATOM   259  C C   . TYR A 1 40  ? -0.958  -8.538  -7.180  1.00 22.47 ? 40  TYR A C   1 
ATOM   260  O O   . TYR A 1 40  ? -1.174  -9.511  -7.906  1.00 18.21 ? 40  TYR A O   1 
ATOM   261  C CB  . TYR A 1 40  ? -1.337  -6.388  -8.376  1.00 33.82 ? 40  TYR A CB  1 
ATOM   262  C CG  . TYR A 1 40  ? -2.434  -5.506  -8.925  1.00 38.39 ? 40  TYR A CG  1 
ATOM   263  C CD1 . TYR A 1 40  ? -2.680  -4.257  -8.363  1.00 41.08 ? 40  TYR A CD1 1 
ATOM   264  C CD2 . TYR A 1 40  ? -3.187  -5.894  -10.049 1.00 38.90 ? 40  TYR A CD2 1 
ATOM   265  C CE1 . TYR A 1 40  ? -3.657  -3.404  -8.898  1.00 45.00 ? 40  TYR A CE1 1 
ATOM   266  C CE2 . TYR A 1 40  ? -4.175  -5.040  -10.599 1.00 42.06 ? 40  TYR A CE2 1 
ATOM   267  C CZ  . TYR A 1 40  ? -4.386  -3.787  -10.027 1.00 43.01 ? 40  TYR A CZ  1 
ATOM   268  O OH  . TYR A 1 40  ? -5.275  -2.882  -10.595 1.00 45.67 ? 40  TYR A OH  1 
ATOM   269  N N   . ARG A 1 41  ? 0.047   -8.476  -6.292  1.00 21.60 ? 41  ARG A N   1 
ATOM   270  C CA  . ARG A 1 41  ? 0.935   -9.611  -6.045  1.00 18.91 ? 41  ARG A CA  1 
ATOM   271  C C   . ARG A 1 41  ? 0.185   -10.724 -5.319  1.00 16.92 ? 41  ARG A C   1 
ATOM   272  O O   . ARG A 1 41  ? 0.391   -11.914 -5.593  1.00 16.51 ? 41  ARG A O   1 
ATOM   273  C CB  . ARG A 1 41  ? 2.144   -9.175  -5.220  1.00 15.83 ? 41  ARG A CB  1 
ATOM   274  C CG  . ARG A 1 41  ? 3.139   -8.448  -6.079  1.00 18.59 ? 41  ARG A CG  1 
ATOM   275  C CD  . ARG A 1 41  ? 4.100   -7.753  -5.188  1.00 30.55 ? 41  ARG A CD  1 
ATOM   276  N NE  . ARG A 1 41  ? 4.917   -6.846  -5.959  1.00 42.26 ? 41  ARG A NE  1 
ATOM   277  C CZ  . ARG A 1 41  ? 6.200   -7.050  -6.261  1.00 48.15 ? 41  ARG A CZ  1 
ATOM   278  N NH1 . ARG A 1 41  ? 6.842   -8.159  -5.840  1.00 48.45 ? 41  ARG A NH1 1 
ATOM   279  N NH2 . ARG A 1 41  ? 6.829   -6.138  -6.999  1.00 46.20 ? 41  ARG A NH2 1 
ATOM   280  N N   . VAL A 1 42  ? -0.694  -10.348 -4.397  1.00 15.13 ? 42  VAL A N   1 
ATOM   281  C CA  . VAL A 1 42  ? -1.467  -11.356 -3.707  1.00 14.29 ? 42  VAL A CA  1 
ATOM   282  C C   . VAL A 1 42  ? -2.381  -12.046 -4.725  1.00 13.74 ? 42  VAL A C   1 
ATOM   283  O O   . VAL A 1 42  ? -2.552  -13.247 -4.682  1.00 16.18 ? 42  VAL A O   1 
ATOM   284  C CB  . VAL A 1 42  ? -2.281  -10.740 -2.577  1.00 17.36 ? 42  VAL A CB  1 
ATOM   285  C CG1 . VAL A 1 42  ? -3.215  -11.796 -1.991  1.00 15.50 ? 42  VAL A CG1 1 
ATOM   286  C CG2 . VAL A 1 42  ? -1.295  -10.189 -1.491  1.00 19.65 ? 42  VAL A CG2 1 
ATOM   287  N N   . LEU A 1 43  ? -3.038  -11.284 -5.588  1.00 14.67 ? 43  LEU A N   1 
ATOM   288  C CA  . LEU A 1 43  ? -3.896  -11.875 -6.622  1.00 13.18 ? 43  LEU A CA  1 
ATOM   289  C C   . LEU A 1 43  ? -3.097  -12.857 -7.498  1.00 15.39 ? 43  LEU A C   1 
ATOM   290  O O   . LEU A 1 43  ? -3.584  -13.932 -7.809  1.00 14.42 ? 43  LEU A O   1 
ATOM   291  C CB  . LEU A 1 43  ? -4.488  -10.808 -7.534  1.00 14.91 ? 43  LEU A CB  1 
ATOM   292  C CG  . LEU A 1 43  ? -5.819  -11.009 -8.304  1.00 23.91 ? 43  LEU A CG  1 
ATOM   293  C CD1 . LEU A 1 43  ? -5.825  -10.365 -9.641  1.00 18.39 ? 43  LEU A CD1 1 
ATOM   294  C CD2 . LEU A 1 43  ? -6.333  -12.414 -8.373  1.00 22.47 ? 43  LEU A CD2 1 
ATOM   295  N N   . ALA A 1 44  ? -1.925  -12.441 -7.988  1.00 16.07 ? 44  ALA A N   1 
ATOM   296  C CA  . ALA A 1 44  ? -1.073  -13.295 -8.840  1.00 17.59 ? 44  ALA A CA  1 
ATOM   297  C C   . ALA A 1 44  ? -0.722  -14.577 -8.051  1.00 15.68 ? 44  ALA A C   1 
ATOM   298  O O   . ALA A 1 44  ? -0.759  -15.658 -8.612  1.00 18.38 ? 44  ALA A O   1 
ATOM   299  C CB  . ALA A 1 44  ? 0.220   -12.520 -9.252  1.00 15.26 ? 44  ALA A CB  1 
ATOM   300  N N   . LEU A 1 45  ? -0.461  -14.479 -6.745  1.00 19.87 ? 45  LEU A N   1 
ATOM   301  C CA  . LEU A 1 45  ? -0.106  -15.670 -5.959  1.00 18.68 ? 45  LEU A CA  1 
ATOM   302  C C   . LEU A 1 45  ? -1.262  -16.605 -5.803  1.00 20.19 ? 45  LEU A C   1 
ATOM   303  O O   . LEU A 1 45  ? -1.102  -17.820 -5.914  1.00 20.04 ? 45  LEU A O   1 
ATOM   304  C CB  . LEU A 1 45  ? 0.504   -15.323 -4.595  1.00 17.59 ? 45  LEU A CB  1 
ATOM   305  C CG  . LEU A 1 45  ? 1.113   -16.531 -3.845  1.00 20.75 ? 45  LEU A CG  1 
ATOM   306  C CD1 . LEU A 1 45  ? 2.251   -17.072 -4.648  1.00 21.52 ? 45  LEU A CD1 1 
ATOM   307  C CD2 . LEU A 1 45  ? 1.612   -16.138 -2.458  1.00 22.14 ? 45  LEU A CD2 1 
ATOM   308  N N   . ALA A 1 46  ? -2.437  -16.056 -5.543  1.00 19.31 ? 46  ALA A N   1 
ATOM   309  C CA  . ALA A 1 46  ? -3.639  -16.890 -5.435  1.00 20.85 ? 46  ALA A CA  1 
ATOM   310  C C   . ALA A 1 46  ? -3.848  -17.651 -6.778  1.00 21.41 ? 46  ALA A C   1 
ATOM   311  O O   . ALA A 1 46  ? -4.157  -18.853 -6.760  1.00 22.61 ? 46  ALA A O   1 
ATOM   312  C CB  . ALA A 1 46  ? -4.889  -16.013 -5.151  1.00 19.88 ? 46  ALA A CB  1 
ATOM   313  N N   . ALA A 1 47  ? -3.689  -16.968 -7.924  1.00 16.44 ? 47  ALA A N   1 
ATOM   314  C CA  . ALA A 1 47  ? -3.858  -17.610 -9.222  1.00 18.80 ? 47  ALA A CA  1 
ATOM   315  C C   . ALA A 1 47  ? -2.873  -18.814 -9.372  1.00 25.43 ? 47  ALA A C   1 
ATOM   316  O O   . ALA A 1 47  ? -3.297  -19.949 -9.667  1.00 22.02 ? 47  ALA A O   1 
ATOM   317  C CB  . ALA A 1 47  ? -3.665  -16.619 -10.332 1.00 15.94 ? 47  ALA A CB  1 
ATOM   318  N N   . LEU A 1 48  ? -1.600  -18.567 -9.033  1.00 23.62 ? 48  LEU A N   1 
ATOM   319  C CA  . LEU A 1 48  ? -0.540  -19.572 -9.083  1.00 23.38 ? 48  LEU A CA  1 
ATOM   320  C C   . LEU A 1 48  ? -0.913  -20.702 -8.176  1.00 23.21 ? 48  LEU A C   1 
ATOM   321  O O   . LEU A 1 48  ? -0.879  -21.860 -8.609  1.00 26.10 ? 48  LEU A O   1 
ATOM   322  C CB  . LEU A 1 48  ? 0.830   -18.973 -8.678  1.00 19.98 ? 48  LEU A CB  1 
ATOM   323  C CG  . LEU A 1 48  ? 1.378   -18.030 -9.778  1.00 23.52 ? 48  LEU A CG  1 
ATOM   324  C CD1 . LEU A 1 48  ? 2.637   -17.270 -9.388  1.00 22.99 ? 48  LEU A CD1 1 
ATOM   325  C CD2 . LEU A 1 48  ? 1.644   -18.817 -11.036 1.00 27.84 ? 48  LEU A CD2 1 
ATOM   326  N N   . HIS A 1 49  ? -1.371  -20.372 -6.963  1.00 21.41 ? 49  HIS A N   1 
ATOM   327  C CA  . HIS A 1 49  ? -1.768  -21.385 -5.997  1.00 24.26 ? 49  HIS A CA  1 
ATOM   328  C C   . HIS A 1 49  ? -2.953  -22.221 -6.442  1.00 32.67 ? 49  HIS A C   1 
ATOM   329  O O   . HIS A 1 49  ? -2.966  -23.438 -6.190  1.00 30.74 ? 49  HIS A O   1 
ATOM   330  C CB  . HIS A 1 49  ? -2.090  -20.821 -4.608  1.00 25.14 ? 49  HIS A CB  1 
ATOM   331  C CG  . HIS A 1 49  ? -0.886  -20.502 -3.782  1.00 31.41 ? 49  HIS A CG  1 
ATOM   332  N ND1 . HIS A 1 49  ? -0.979  -19.968 -2.512  1.00 34.75 ? 49  HIS A ND1 1 
ATOM   333  C CD2 . HIS A 1 49  ? 0.446   -20.586 -4.057  1.00 34.98 ? 49  HIS A CD2 1 
ATOM   334  C CE1 . HIS A 1 49  ? 0.242   -19.727 -2.049  1.00 36.70 ? 49  HIS A CE1 1 
ATOM   335  N NE2 . HIS A 1 49  ? 1.119   -20.094 -2.966  1.00 33.21 ? 49  HIS A NE2 1 
ATOM   336  N N   . HIS A 1 50  ? -3.926  -21.604 -7.121  1.00 26.50 ? 50  HIS A N   1 
ATOM   337  C CA  . HIS A 1 50  ? -5.132  -22.320 -7.535  1.00 26.96 ? 50  HIS A CA  1 
ATOM   338  C C   . HIS A 1 50  ? -5.104  -22.869 -8.941  1.00 23.99 ? 50  HIS A C   1 
ATOM   339  O O   . HIS A 1 50  ? -5.975  -23.608 -9.336  1.00 27.39 ? 50  HIS A O   1 
ATOM   340  C CB  . HIS A 1 50  ? -6.381  -21.439 -7.287  1.00 21.98 ? 50  HIS A CB  1 
ATOM   341  C CG  . HIS A 1 50  ? -6.734  -21.330 -5.843  1.00 20.51 ? 50  HIS A CG  1 
ATOM   342  N ND1 . HIS A 1 50  ? -6.864  -20.119 -5.201  1.00 26.36 ? 50  HIS A ND1 1 
ATOM   343  C CD2 . HIS A 1 50  ? -6.952  -22.269 -4.899  1.00 25.76 ? 50  HIS A CD2 1 
ATOM   344  C CE1 . HIS A 1 50  ? -7.151  -20.320 -3.920  1.00 24.75 ? 50  HIS A CE1 1 
ATOM   345  N NE2 . HIS A 1 50  ? -7.206  -21.626 -3.715  1.00 29.21 ? 50  HIS A NE2 1 
ATOM   346  N N   . HIS A 1 51  ? -4.049  -22.569 -9.663  1.00 26.07 ? 51  HIS A N   1 
ATOM   347  C CA  . HIS A 1 51  ? -3.872  -22.994 -11.037 1.00 28.87 ? 51  HIS A CA  1 
ATOM   348  C C   . HIS A 1 51  ? -4.835  -22.278 -11.953 1.00 31.46 ? 51  HIS A C   1 
ATOM   349  O O   . HIS A 1 51  ? -5.359  -22.888 -12.884 1.00 30.59 ? 51  HIS A O   1 
ATOM   350  C CB  . HIS A 1 51  ? -3.977  -24.514 -11.228 1.00 30.09 ? 51  HIS A CB  1 
ATOM   351  C CG  . HIS A 1 51  ? -2.828  -25.269 -10.629 1.00 39.36 ? 51  HIS A CG  1 
ATOM   352  N ND1 . HIS A 1 51  ? -2.843  -25.755 -9.339  1.00 44.26 ? 51  HIS A ND1 1 
ATOM   353  C CD2 . HIS A 1 51  ? -1.569  -25.477 -11.094 1.00 42.19 ? 51  HIS A CD2 1 
ATOM   354  C CE1 . HIS A 1 51  ? -1.652  -26.212 -9.018  1.00 43.81 ? 51  HIS A CE1 1 
ATOM   355  N NE2 . HIS A 1 51  ? -0.853  -26.054 -10.066 1.00 45.73 ? 51  HIS A NE2 1 
ATOM   356  N N   . VAL A 1 52  ? -5.117  -21.004 -11.654 1.00 25.50 ? 52  VAL A N   1 
ATOM   357  C CA  . VAL A 1 52  ? -5.974  -20.176 -12.516 1.00 22.73 ? 52  VAL A CA  1 
ATOM   358  C C   . VAL A 1 52  ? -4.988  -19.572 -13.555 1.00 30.83 ? 52  VAL A C   1 
ATOM   359  O O   . VAL A 1 52  ? -3.905  -19.058 -13.192 1.00 31.18 ? 52  VAL A O   1 
ATOM   360  C CB  . VAL A 1 52  ? -6.655  -19.002 -11.746 1.00 19.77 ? 52  VAL A CB  1 
ATOM   361  C CG1 . VAL A 1 52  ? -7.517  -18.159 -12.686 1.00 25.86 ? 52  VAL A CG1 1 
ATOM   362  C CG2 . VAL A 1 52  ? -7.500  -19.497 -10.571 1.00 24.68 ? 52  VAL A CG2 1 
ATOM   363  N N   . ASP A 1 53  ? -5.367  -19.647 -14.833 1.00 28.10 ? 53  ASP A N   1 
ATOM   364  C CA  . ASP A 1 53  ? -4.567  -19.160 -15.916 1.00 25.09 ? 53  ASP A CA  1 
ATOM   365  C C   . ASP A 1 53  ? -4.452  -17.638 -15.890 1.00 28.20 ? 53  ASP A C   1 
ATOM   366  O O   . ASP A 1 53  ? -5.414  -16.885 -16.009 1.00 28.51 ? 53  ASP A O   1 
ATOM   367  C CB  . ASP A 1 53  ? -5.082  -19.728 -17.243 1.00 28.20 ? 53  ASP A CB  1 
ATOM   368  C CG  . ASP A 1 53  ? -4.266  -19.274 -18.437 1.00 34.36 ? 53  ASP A CG  1 
ATOM   369  O OD1 . ASP A 1 53  ? -3.189  -18.666 -18.253 1.00 38.47 ? 53  ASP A OD1 1 
ATOM   370  O OD2 . ASP A 1 53  ? -4.709  -19.482 -19.589 1.00 41.78 ? 53  ASP A OD2 1 
ATOM   371  N N   . VAL A 1 54  ? -3.217  -17.215 -15.680 1.00 26.76 ? 54  VAL A N   1 
ATOM   372  C CA  . VAL A 1 54  ? -2.783  -15.825 -15.579 1.00 27.81 ? 54  VAL A CA  1 
ATOM   373  C C   . VAL A 1 54  ? -3.127  -14.934 -16.799 1.00 26.79 ? 54  VAL A C   1 
ATOM   374  O O   . VAL A 1 54  ? -3.174  -13.693 -16.704 1.00 29.58 ? 54  VAL A O   1 
ATOM   375  C CB  . VAL A 1 54  ? -1.259  -15.884 -15.242 1.00 28.16 ? 54  VAL A CB  1 
ATOM   376  C CG1 . VAL A 1 54  ? -0.517  -14.725 -15.761 1.00 31.14 ? 54  VAL A CG1 1 
ATOM   377  C CG2 . VAL A 1 54  ? -1.074  -16.100 -13.750 1.00 27.68 ? 54  VAL A CG2 1 
ATOM   378  N N   . ALA A 1 55  ? -3.348  -15.584 -17.943 1.00 27.70 ? 55  ALA A N   1 
ATOM   379  C CA  . ALA A 1 55  ? -3.682  -14.924 -19.212 1.00 28.75 ? 55  ALA A CA  1 
ATOM   380  C C   . ALA A 1 55  ? -5.160  -14.907 -19.524 1.00 29.52 ? 55  ALA A C   1 
ATOM   381  O O   . ALA A 1 55  ? -5.573  -14.490 -20.601 1.00 28.63 ? 55  ALA A O   1 
ATOM   382  C CB  . ALA A 1 55  ? -2.998  -15.618 -20.324 1.00 33.18 ? 55  ALA A CB  1 
ATOM   383  N N   . SER A 1 56  ? -5.942  -15.504 -18.644 1.00 29.60 ? 56  SER A N   1 
ATOM   384  C CA  . SER A 1 56  ? -7.374  -15.543 -18.841 1.00 27.83 ? 56  SER A CA  1 
ATOM   385  C C   . SER A 1 56  ? -8.110  -14.481 -18.015 1.00 23.06 ? 56  SER A C   1 
ATOM   386  O O   . SER A 1 56  ? -8.337  -14.681 -16.831 1.00 21.44 ? 56  SER A O   1 
ATOM   387  C CB  . SER A 1 56  ? -7.900  -16.923 -18.492 1.00 26.09 ? 56  SER A CB  1 
ATOM   388  O OG  . SER A 1 56  ? -9.308  -16.899 -18.571 1.00 31.06 ? 56  SER A OG  1 
ATOM   389  N N   . GLU A 1 57  ? -8.526  -13.388 -18.642 1.00 24.67 ? 57  GLU A N   1 
ATOM   390  C CA  . GLU A 1 57  ? -9.272  -12.354 -17.921 1.00 19.69 ? 57  GLU A CA  1 
ATOM   391  C C   . GLU A 1 57  ? -10.567 -12.910 -17.292 1.00 19.44 ? 57  GLU A C   1 
ATOM   392  O O   . GLU A 1 57  ? -10.891 -12.609 -16.148 1.00 20.00 ? 57  GLU A O   1 
ATOM   393  C CB  . GLU A 1 57  ? -9.613  -11.197 -18.856 1.00 21.48 ? 57  GLU A CB  1 
ATOM   394  C CG  . GLU A 1 57  ? -10.350 -10.020 -18.166 1.00 18.49 ? 57  GLU A CG  1 
ATOM   395  C CD  . GLU A 1 57  ? -10.567 -8.849  -19.100 1.00 20.26 ? 57  GLU A CD  1 
ATOM   396  O OE1 . GLU A 1 57  ? -11.100 -9.040  -20.205 1.00 24.14 ? 57  GLU A OE1 1 
ATOM   397  O OE2 . GLU A 1 57  ? -10.236 -7.722  -18.722 1.00 22.23 ? 57  GLU A OE2 1 
ATOM   398  N N   . ASP A 1 58  ? -11.263 -13.789 -18.014 1.00 20.18 ? 58  ASP A N   1 
ATOM   399  C CA  . ASP A 1 58  ? -12.525 -14.373 -17.514 1.00 21.60 ? 58  ASP A CA  1 
ATOM   400  C C   . ASP A 1 58  ? -12.392 -15.209 -16.269 1.00 22.04 ? 58  ASP A C   1 
ATOM   401  O O   . ASP A 1 58  ? -13.266 -15.145 -15.412 1.00 23.12 ? 58  ASP A O   1 
ATOM   402  C CB  . ASP A 1 58  ? -13.203 -15.180 -18.597 1.00 24.58 ? 58  ASP A CB  1 
ATOM   403  C CG  . ASP A 1 58  ? -13.727 -14.319 -19.715 1.00 31.40 ? 58  ASP A CG  1 
ATOM   404  O OD1 . ASP A 1 58  ? -13.878 -13.098 -19.548 1.00 36.14 ? 58  ASP A OD1 1 
ATOM   405  O OD2 . ASP A 1 58  ? -13.992 -14.869 -20.787 1.00 38.38 ? 58  ASP A OD2 1 
ATOM   406  N N   . ALA A 1 59  ? -11.285 -15.958 -16.146 1.00 19.98 ? 59  ALA A N   1 
ATOM   407  C CA  . ALA A 1 59  ? -11.001 -16.787 -14.953 1.00 20.41 ? 59  ALA A CA  1 
ATOM   408  C C   . ALA A 1 59  ? -10.475 -15.938 -13.754 1.00 19.11 ? 59  ALA A C   1 
ATOM   409  O O   . ALA A 1 59  ? -10.775 -16.224 -12.587 1.00 21.84 ? 59  ALA A O   1 
ATOM   410  C CB  . ALA A 1 59  ? -10.006 -17.900 -15.295 1.00 21.75 ? 59  ALA A CB  1 
ATOM   411  N N   . LEU A 1 60  ? -9.759  -14.860 -14.053 1.00 16.27 ? 60  LEU A N   1 
ATOM   412  C CA  . LEU A 1 60  ? -9.207  -14.000 -13.029 1.00 15.05 ? 60  LEU A CA  1 
ATOM   413  C C   . LEU A 1 60  ? -10.203 -13.071 -12.345 1.00 17.00 ? 60  LEU A C   1 
ATOM   414  O O   . LEU A 1 60  ? -10.004 -12.751 -11.194 1.00 20.23 ? 60  LEU A O   1 
ATOM   415  C CB  . LEU A 1 60  ? -8.068  -13.163 -13.639 1.00 19.76 ? 60  LEU A CB  1 
ATOM   416  C CG  . LEU A 1 60  ? -6.737  -13.850 -14.038 1.00 23.52 ? 60  LEU A CG  1 
ATOM   417  C CD1 . LEU A 1 60  ? -5.863  -12.796 -14.779 1.00 21.21 ? 60  LEU A CD1 1 
ATOM   418  C CD2 . LEU A 1 60  ? -6.014  -14.380 -12.773 1.00 23.47 ? 60  LEU A CD2 1 
ATOM   419  N N   . VAL A 1 61  ? -11.268 -12.639 -13.019 1.00 17.96 ? 61  VAL A N   1 
ATOM   420  C CA  . VAL A 1 61  ? -12.267 -11.721 -12.417 1.00 16.17 ? 61  VAL A CA  1 
ATOM   421  C C   . VAL A 1 61  ? -12.958 -12.250 -11.110 1.00 15.63 ? 61  VAL A C   1 
ATOM   422  O O   . VAL A 1 61  ? -12.954 -11.580 -10.070 1.00 14.85 ? 61  VAL A O   1 
ATOM   423  C CB  . VAL A 1 61  ? -13.301 -11.296 -13.507 1.00 18.10 ? 61  VAL A CB  1 
ATOM   424  C CG1 . VAL A 1 61  ? -14.501 -10.613 -12.879 1.00 18.53 ? 61  VAL A CG1 1 
ATOM   425  C CG2 . VAL A 1 61  ? -12.639 -10.385 -14.522 1.00 16.30 ? 61  VAL A CG2 1 
ATOM   426  N N   . PRO A 1 62  ? -13.513 -13.477 -11.129 1.00 17.99 ? 62  PRO A N   1 
ATOM   427  C CA  . PRO A 1 62  ? -14.164 -14.015 -9.925  1.00 16.32 ? 62  PRO A CA  1 
ATOM   428  C C   . PRO A 1 62  ? -13.107 -14.200 -8.838  1.00 17.15 ? 62  PRO A C   1 
ATOM   429  O O   . PRO A 1 62  ? -13.377 -14.029 -7.655  1.00 20.36 ? 62  PRO A O   1 
ATOM   430  C CB  . PRO A 1 62  ? -14.685 -15.397 -10.356 1.00 16.22 ? 62  PRO A CB  1 
ATOM   431  C CG  . PRO A 1 62  ? -14.602 -15.462 -11.777 1.00 19.22 ? 62  PRO A CG  1 
ATOM   432  C CD  . PRO A 1 62  ? -13.665 -14.371 -12.293 1.00 16.79 ? 62  PRO A CD  1 
ATOM   433  N N   . LEU A 1 63  ? -11.904 -14.604 -9.229  1.00 16.99 ? 63  LEU A N   1 
ATOM   434  C CA  . LEU A 1 63  ? -10.840 -14.788 -8.251  1.00 18.74 ? 63  LEU A CA  1 
ATOM   435  C C   . LEU A 1 63  ? -10.573 -13.450 -7.555  1.00 17.15 ? 63  LEU A C   1 
ATOM   436  O O   . LEU A 1 63  ? -10.544 -13.389 -6.344  1.00 17.90 ? 63  LEU A O   1 
ATOM   437  C CB  . LEU A 1 63  ? -9.577  -15.357 -8.927  1.00 21.70 ? 63  LEU A CB  1 
ATOM   438  C CG  . LEU A 1 63  ? -8.384  -15.674 -7.992  1.00 25.58 ? 63  LEU A CG  1 
ATOM   439  C CD1 . LEU A 1 63  ? -8.761  -16.771 -7.060  1.00 28.59 ? 63  LEU A CD1 1 
ATOM   440  C CD2 . LEU A 1 63  ? -7.143  -16.078 -8.779  1.00 25.45 ? 63  LEU A CD2 1 
ATOM   441  N N   . ALA A 1 64  ? -10.408 -12.381 -8.330  1.00 19.66 ? 64  ALA A N   1 
ATOM   442  C CA  . ALA A 1 64  ? -10.168 -11.042 -7.795  1.00 17.01 ? 64  ALA A CA  1 
ATOM   443  C C   . ALA A 1 64  ? -11.343 -10.570 -6.911  1.00 19.59 ? 64  ALA A C   1 
ATOM   444  O O   . ALA A 1 64  ? -11.146 -10.052 -5.822  1.00 16.72 ? 64  ALA A O   1 
ATOM   445  C CB  . ALA A 1 64  ? -9.964  -10.060 -8.972  1.00 14.12 ? 64  ALA A CB  1 
ATOM   446  N N   . SER A 1 65  ? -12.572 -10.725 -7.393  1.00 19.00 ? 65  SER A N   1 
ATOM   447  C CA  . SER A 1 65  ? -13.705 -10.241 -6.611  1.00 23.30 ? 65  SER A CA  1 
ATOM   448  C C   . SER A 1 65  ? -13.919 -10.936 -5.276  1.00 22.75 ? 65  SER A C   1 
ATOM   449  O O   . SER A 1 65  ? -14.435 -10.333 -4.344  1.00 23.25 ? 65  SER A O   1 
ATOM   450  C CB  . SER A 1 65  ? -14.987 -10.211 -7.463  1.00 25.68 ? 65  SER A CB  1 
ATOM   451  O OG  . SER A 1 65  ? -15.549 -11.488 -7.580  1.00 35.23 ? 65  SER A OG  1 
ATOM   452  N N   . HIS A 1 66  ? -13.453 -12.174 -5.150  1.00 20.64 ? 66  HIS A N   1 
ATOM   453  C CA  . HIS A 1 66  ? -13.575 -12.947 -3.903  1.00 28.69 ? 66  HIS A CA  1 
ATOM   454  C C   . HIS A 1 66  ? -12.281 -13.105 -3.092  1.00 25.43 ? 66  HIS A C   1 
ATOM   455  O O   . HIS A 1 66  ? -12.273 -13.833 -2.119  1.00 25.09 ? 66  HIS A O   1 
ATOM   456  C CB  . HIS A 1 66  ? -14.166 -14.345 -4.194  1.00 31.46 ? 66  HIS A CB  1 
ATOM   457  C CG  . HIS A 1 66  ? -15.517 -14.291 -4.835  1.00 41.03 ? 66  HIS A CG  1 
ATOM   458  N ND1 . HIS A 1 66  ? -15.692 -14.321 -6.211  1.00 43.65 ? 66  HIS A ND1 1 
ATOM   459  C CD2 . HIS A 1 66  ? -16.766 -14.095 -4.316  1.00 42.60 ? 66  HIS A CD2 1 
ATOM   460  C CE1 . HIS A 1 66  ? -16.969 -14.140 -6.499  1.00 45.28 ? 66  HIS A CE1 1 
ATOM   461  N NE2 . HIS A 1 66  ? -17.638 -14.000 -5.380  1.00 44.49 ? 66  HIS A NE2 1 
ATOM   462  N N   . LEU A 1 67  ? -11.248 -12.332 -3.419  1.00 22.94 ? 67  LEU A N   1 
ATOM   463  C CA  . LEU A 1 67  ? -9.946  -12.447 -2.792  1.00 18.72 ? 67  LEU A CA  1 
ATOM   464  C C   . LEU A 1 67  ? -9.975  -12.407 -1.281  1.00 23.85 ? 67  LEU A C   1 
ATOM   465  O O   . LEU A 1 67  ? -10.362 -11.407 -0.654  1.00 24.13 ? 67  LEU A O   1 
ATOM   466  C CB  . LEU A 1 67  ? -9.027  -11.334 -3.279  1.00 21.21 ? 67  LEU A CB  1 
ATOM   467  C CG  . LEU A 1 67  ? -7.671  -11.622 -3.897  1.00 30.74 ? 67  LEU A CG  1 
ATOM   468  C CD1 . LEU A 1 67  ? -6.818  -10.385 -3.628  1.00 27.87 ? 67  LEU A CD1 1 
ATOM   469  C CD2 . LEU A 1 67  ? -7.011  -12.917 -3.398  1.00 29.45 ? 67  LEU A CD2 1 
ATOM   470  N N   . ASP A 1 68  ? -9.461  -13.474 -0.685  1.00 23.73 ? 68  ASP A N   1 
ATOM   471  C CA  . ASP A 1 68  ? -9.418  -13.586 0.761   1.00 23.26 ? 68  ASP A CA  1 
ATOM   472  C C   . ASP A 1 68  ? -8.057  -13.197 1.302   1.00 24.32 ? 68  ASP A C   1 
ATOM   473  O O   . ASP A 1 68  ? -7.230  -14.095 1.504   1.00 25.32 ? 68  ASP A O   1 
ATOM   474  C CB  . ASP A 1 68  ? -9.729  -15.020 1.170   1.00 24.31 ? 68  ASP A CB  1 
ATOM   475  C CG  . ASP A 1 68  ? -9.711  -15.215 2.651   1.00 28.85 ? 68  ASP A CG  1 
ATOM   476  O OD1 . ASP A 1 68  ? -9.806  -14.228 3.432   1.00 27.50 ? 68  ASP A OD1 1 
ATOM   477  O OD2 . ASP A 1 68  ? -9.603  -16.389 3.044   1.00 33.71 ? 68  ASP A OD2 1 
ATOM   478  N N   . VAL A 1 69  ? -7.845  -11.888 1.560   1.00 24.49 ? 69  VAL A N   1 
ATOM   479  C CA  . VAL A 1 69  ? -6.564  -11.379 2.083   1.00 22.36 ? 69  VAL A CA  1 
ATOM   480  C C   . VAL A 1 69  ? -6.796  -10.442 3.214   1.00 20.68 ? 69  VAL A C   1 
ATOM   481  O O   . VAL A 1 69  ? -7.740  -9.662  3.150   1.00 22.35 ? 69  VAL A O   1 
ATOM   482  C CB  . VAL A 1 69  ? -5.868  -10.319 1.170   1.00 27.17 ? 69  VAL A CB  1 
ATOM   483  C CG1 . VAL A 1 69  ? -4.360  -10.529 1.122   1.00 24.87 ? 69  VAL A CG1 1 
ATOM   484  C CG2 . VAL A 1 69  ? -6.620  -10.007 -0.102  1.00 24.49 ? 69  VAL A CG2 1 
ATOM   485  N N   . ARG A 1 70  ? -5.833  -10.375 4.127   1.00 19.42 ? 70  ARG A N   1 
ATOM   486  C CA  . ARG A 1 70  ? -5.827  -9.381  5.203   1.00 24.40 ? 70  ARG A CA  1 
ATOM   487  C C   . ARG A 1 70  ? -4.385  -8.988  5.519   1.00 22.85 ? 70  ARG A C   1 
ATOM   488  O O   . ARG A 1 70  ? -3.456  -9.764  5.272   1.00 22.37 ? 70  ARG A O   1 
ATOM   489  C CB  . ARG A 1 70  ? -6.620  -9.787  6.449   1.00 29.64 ? 70  ARG A CB  1 
ATOM   490  C CG  . ARG A 1 70  ? -6.117  -10.944 7.208   1.00 44.77 ? 70  ARG A CG  1 
ATOM   491  C CD  . ARG A 1 70  ? -7.213  -11.370 8.192   1.00 54.94 ? 70  ARG A CD  1 
ATOM   492  N NE  . ARG A 1 70  ? -6.732  -12.377 9.133   1.00 58.46 ? 70  ARG A NE  1 
ATOM   493  C CZ  . ARG A 1 70  ? -6.319  -12.075 10.355  1.00 64.07 ? 70  ARG A CZ  1 
ATOM   494  N NH1 . ARG A 1 70  ? -6.362  -10.807 10.747  1.00 67.15 ? 70  ARG A NH1 1 
ATOM   495  N NH2 . ARG A 1 70  ? -5.812  -13.017 11.158  1.00 69.11 ? 70  ARG A NH2 1 
ATOM   496  N N   . PHE A 1 71  ? -4.197  -7.739  5.919   1.00 18.57 ? 71  PHE A N   1 
ATOM   497  C CA  . PHE A 1 71  ? -2.891  -7.183  6.268   1.00 20.44 ? 71  PHE A CA  1 
ATOM   498  C C   . PHE A 1 71  ? -2.846  -6.849  7.743   1.00 26.14 ? 71  PHE A C   1 
ATOM   499  O O   . PHE A 1 71  ? -3.697  -6.121  8.263   1.00 24.93 ? 71  PHE A O   1 
ATOM   500  C CB  . PHE A 1 71  ? -2.572  -5.932  5.446   1.00 19.91 ? 71  PHE A CB  1 
ATOM   501  C CG  . PHE A 1 71  ? -2.643  -6.149  3.969   1.00 20.55 ? 71  PHE A CG  1 
ATOM   502  C CD1 . PHE A 1 71  ? -1.535  -6.597  3.262   1.00 19.02 ? 71  PHE A CD1 1 
ATOM   503  C CD2 . PHE A 1 71  ? -3.841  -5.929  3.274   1.00 15.72 ? 71  PHE A CD2 1 
ATOM   504  C CE1 . PHE A 1 71  ? -1.624  -6.815  1.894   1.00 19.07 ? 71  PHE A CE1 1 
ATOM   505  C CE2 . PHE A 1 71  ? -3.939  -6.144  1.894   1.00 18.20 ? 71  PHE A CE2 1 
ATOM   506  C CZ  . PHE A 1 71  ? -2.842  -6.587  1.200   1.00 19.89 ? 71  PHE A CZ  1 
ATOM   507  N N   . VAL A 1 72  ? -1.862  -7.425  8.423   1.00 26.17 ? 72  VAL A N   1 
ATOM   508  C CA  . VAL A 1 72  ? -1.691  -7.233  9.851   1.00 27.10 ? 72  VAL A CA  1 
ATOM   509  C C   . VAL A 1 72  ? -0.275  -6.697  10.125  1.00 25.68 ? 72  VAL A C   1 
ATOM   510  O O   . VAL A 1 72  ? 0.712   -7.218  9.641   1.00 27.07 ? 72  VAL A O   1 
ATOM   511  C CB  . VAL A 1 72  ? -1.927  -8.584  10.599  1.00 26.62 ? 72  VAL A CB  1 
ATOM   512  C CG1 . VAL A 1 72  ? -2.108  -8.342  12.066  1.00 34.57 ? 72  VAL A CG1 1 
ATOM   513  C CG2 . VAL A 1 72  ? -3.160  -9.325  10.035  1.00 31.82 ? 72  VAL A CG2 1 
ATOM   514  N N   . SER A 1 73  ? -0.194  -5.638  10.904  1.00 24.33 ? 73  SER A N   1 
ATOM   515  C CA  . SER A 1 73  ? 1.077   -5.047  11.256  1.00 32.77 ? 73  SER A CA  1 
ATOM   516  C C   . SER A 1 73  ? 1.337   -5.228  12.763  1.00 37.49 ? 73  SER A C   1 
ATOM   517  O O   . SER A 1 73  ? 0.481   -4.871  13.593  1.00 35.83 ? 73  SER A O   1 
ATOM   518  C CB  . SER A 1 73  ? 1.066   -3.578  10.907  1.00 29.73 ? 73  SER A CB  1 
ATOM   519  O OG  . SER A 1 73  ? 2.308   -3.016  11.263  1.00 34.96 ? 73  SER A OG  1 
ATOM   520  N N   . THR A 1 74  ? 2.445   -5.883  13.117  1.00 40.35 ? 74  THR A N   1 
ATOM   521  C CA  . THR A 1 74  ? 2.799   -6.111  14.542  1.00 46.76 ? 74  THR A CA  1 
ATOM   522  C C   . THR A 1 74  ? 4.200   -5.608  14.761  1.00 42.04 ? 74  THR A C   1 
ATOM   523  O O   . THR A 1 74  ? 5.131   -6.162  14.212  1.00 41.02 ? 74  THR A O   1 
ATOM   524  C CB  . THR A 1 74  ? 2.862   -7.603  14.893  1.00 48.97 ? 74  THR A CB  1 
ATOM   525  O OG1 . THR A 1 74  ? 1.548   -8.183  14.804  1.00 50.56 ? 74  THR A OG1 1 
ATOM   526  C CG2 . THR A 1 74  ? 3.475   -7.793  16.302  1.00 53.25 ? 74  THR A CG2 1 
ATOM   527  N N   . ASN A 1 75  ? 4.360   -4.593  15.584  1.00 45.38 ? 75  ASN A N   1 
ATOM   528  C CA  . ASN A 1 75  ? 5.684   -4.038  15.823  1.00 57.56 ? 75  ASN A CA  1 
ATOM   529  C C   . ASN A 1 75  ? 6.350   -3.593  14.522  1.00 51.47 ? 75  ASN A C   1 
ATOM   530  O O   . ASN A 1 75  ? 7.570   -3.763  14.377  1.00 50.23 ? 75  ASN A O   1 
ATOM   531  C CB  . ASN A 1 75  ? 6.642   -5.084  16.429  1.00 72.52 ? 75  ASN A CB  1 
ATOM   532  C CG  . ASN A 1 75  ? 6.360   -5.421  17.897  1.00 88.84 ? 75  ASN A CG  1 
ATOM   533  O OD1 . ASN A 1 75  ? 6.027   -4.556  18.712  1.00 96.77 ? 75  ASN A OD1 1 
ATOM   534  N ND2 . ASN A 1 75  ? 6.597   -6.684  18.252  1.00 95.75 ? 75  ASN A ND2 1 
ATOM   535  N N   . GLY A 1 76  ? 5.588   -3.135  13.532  1.00 44.06 ? 76  GLY A N   1 
ATOM   536  C CA  . GLY A 1 76  ? 6.223   -2.687  12.297  1.00 41.60 ? 76  GLY A CA  1 
ATOM   537  C C   . GLY A 1 76  ? 6.517   -3.786  11.285  1.00 39.45 ? 76  GLY A C   1 
ATOM   538  O O   . GLY A 1 76  ? 7.188   -3.578  10.263  1.00 36.74 ? 76  GLY A O   1 
ATOM   539  N N   . ASN A 1 77  ? 6.025   -4.973  11.596  1.00 41.88 ? 77  ASN A N   1 
ATOM   540  C CA  . ASN A 1 77  ? 6.179   -6.124  10.727  1.00 48.07 ? 77  ASN A CA  1 
ATOM   541  C C   . ASN A 1 77  ? 4.811   -6.418  10.109  1.00 42.45 ? 77  ASN A C   1 
ATOM   542  O O   . ASN A 1 77  ? 3.816   -6.573  10.816  1.00 41.39 ? 77  ASN A O   1 
ATOM   543  C CB  . ASN A 1 77  ? 6.701   -7.321  11.530  1.00 56.97 ? 77  ASN A CB  1 
ATOM   544  C CG  . ASN A 1 77  ? 8.099   -7.063  12.135  1.00 66.87 ? 77  ASN A CG  1 
ATOM   545  O OD1 . ASN A 1 77  ? 9.017   -6.573  11.442  1.00 67.29 ? 77  ASN A OD1 1 
ATOM   546  N ND2 . ASN A 1 77  ? 8.252   -7.363  13.446  1.00 69.83 ? 77  ASN A ND2 1 
ATOM   547  N N   . LEU A 1 78  ? 4.760   -6.381  8.784   1.00 35.70 ? 78  LEU A N   1 
ATOM   548  C CA  . LEU A 1 78  ? 3.529   -6.634  8.036   1.00 31.19 ? 78  LEU A CA  1 
ATOM   549  C C   . LEU A 1 78  ? 3.338   -8.122  7.700   1.00 31.51 ? 78  LEU A C   1 
ATOM   550  O O   . LEU A 1 78  ? 4.236   -8.768  7.155   1.00 36.03 ? 78  LEU A O   1 
ATOM   551  C CB  . LEU A 1 78  ? 3.610   -5.842  6.731   1.00 33.92 ? 78  LEU A CB  1 
ATOM   552  C CG  . LEU A 1 78  ? 2.409   -5.417  5.872   1.00 35.97 ? 78  LEU A CG  1 
ATOM   553  C CD1 . LEU A 1 78  ? 2.375   -6.225  4.590   1.00 35.30 ? 78  LEU A CD1 1 
ATOM   554  C CD2 . LEU A 1 78  ? 1.076   -5.410  6.640   1.00 33.62 ? 78  LEU A CD2 1 
ATOM   555  N N   . GLU A 1 79  ? 2.234   -8.722  8.094   1.00 28.38 ? 79  GLU A N   1 
ATOM   556  C CA  . GLU A 1 79  ? 1.988   -10.096 7.706   1.00 26.29 ? 79  GLU A CA  1 
ATOM   557  C C   . GLU A 1 79  ? 0.908   -9.991  6.631   1.00 28.05 ? 79  GLU A C   1 
ATOM   558  O O   . GLU A 1 79  ? -0.074  -9.248  6.820   1.00 21.97 ? 79  GLU A O   1 
ATOM   559  C CB  . GLU A 1 79  ? 1.437   -10.920 8.857   1.00 33.14 ? 79  GLU A CB  1 
ATOM   560  C CG  . GLU A 1 79  ? 2.276   -10.948 10.109  1.00 47.99 ? 79  GLU A CG  1 
ATOM   561  C CD  . GLU A 1 79  ? 1.767   -11.963 11.150  1.00 57.04 ? 79  GLU A CD  1 
ATOM   562  O OE1 . GLU A 1 79  ? 0.816   -12.725 10.854  1.00 59.24 ? 79  GLU A OE1 1 
ATOM   563  O OE2 . GLU A 1 79  ? 2.328   -12.012 12.273  1.00 64.52 ? 79  GLU A OE2 1 
ATOM   564  N N   . VAL A 1 80  ? 1.081   -10.708 5.512   1.00 25.41 ? 80  VAL A N   1 
ATOM   565  C CA  . VAL A 1 80  ? 0.105   -10.728 4.410   1.00 19.69 ? 80  VAL A CA  1 
ATOM   566  C C   . VAL A 1 80  ? -0.503  -12.115 4.443   1.00 21.42 ? 80  VAL A C   1 
ATOM   567  O O   . VAL A 1 80  ? 0.119   -13.076 4.011   1.00 20.59 ? 80  VAL A O   1 
ATOM   568  C CB  . VAL A 1 80  ? 0.785   -10.482 3.043   1.00 19.71 ? 80  VAL A CB  1 
ATOM   569  C CG1 . VAL A 1 80  ? -0.229  -10.492 1.827   1.00 17.82 ? 80  VAL A CG1 1 
ATOM   570  C CG2 . VAL A 1 80  ? 1.525   -9.181  3.097   1.00 21.86 ? 80  VAL A CG2 1 
ATOM   571  N N   . ILE A 1 81  ? -1.725  -12.207 4.979   1.00 22.99 ? 81  ILE A N   1 
ATOM   572  C CA  . ILE A 1 81  ? -2.437  -13.473 5.119   1.00 23.17 ? 81  ILE A CA  1 
ATOM   573  C C   . ILE A 1 81  ? -3.387  -13.796 3.935   1.00 24.91 ? 81  ILE A C   1 
ATOM   574  O O   . ILE A 1 81  ? -4.446  -13.161 3.773   1.00 24.90 ? 81  ILE A O   1 
ATOM   575  C CB  . ILE A 1 81  ? -3.217  -13.494 6.458   1.00 22.01 ? 81  ILE A CB  1 
ATOM   576  C CG1 . ILE A 1 81  ? -2.276  -13.255 7.601   1.00 27.55 ? 81  ILE A CG1 1 
ATOM   577  C CG2 . ILE A 1 81  ? -3.784  -14.836 6.775   1.00 22.48 ? 81  ILE A CG2 1 
ATOM   578  C CD1 . ILE A 1 81  ? -1.993  -11.818 7.846   1.00 39.16 ? 81  ILE A CD1 1 
ATOM   579  N N   . LEU A 1 82  ? -3.003  -14.765 3.104   1.00 19.19 ? 82  LEU A N   1 
ATOM   580  C CA  . LEU A 1 82  ? -3.822  -15.171 1.968   1.00 21.24 ? 82  LEU A CA  1 
ATOM   581  C C   . LEU A 1 82  ? -4.493  -16.498 2.310   1.00 28.82 ? 82  LEU A C   1 
ATOM   582  O O   . LEU A 1 82  ? -3.804  -17.496 2.570   1.00 24.57 ? 82  LEU A O   1 
ATOM   583  C CB  . LEU A 1 82  ? -3.001  -15.298 0.674   1.00 21.35 ? 82  LEU A CB  1 
ATOM   584  C CG  . LEU A 1 82  ? -3.712  -15.922 -0.532  1.00 21.68 ? 82  LEU A CG  1 
ATOM   585  C CD1 . LEU A 1 82  ? -4.932  -15.079 -0.895  1.00 17.49 ? 82  LEU A CD1 1 
ATOM   586  C CD2 . LEU A 1 82  ? -2.770  -16.071 -1.738  1.00 21.67 ? 82  LEU A CD2 1 
ATOM   587  N N   . GLU A 1 83  ? -5.832  -16.484 2.336   1.00 27.47 ? 83  GLU A N   1 
ATOM   588  C CA  . GLU A 1 83  ? -6.641  -17.657 2.666   1.00 27.91 ? 83  GLU A CA  1 
ATOM   589  C C   . GLU A 1 83  ? -6.110  -18.286 3.956   1.00 32.63 ? 83  GLU A C   1 
ATOM   590  O O   . GLU A 1 83  ? -5.862  -19.499 4.031   1.00 32.66 ? 83  GLU A O   1 
ATOM   591  C CB  . GLU A 1 83  ? -6.627  -18.637 1.500   1.00 24.89 ? 83  GLU A CB  1 
ATOM   592  C CG  . GLU A 1 83  ? -7.343  -18.073 0.330   1.00 27.29 ? 83  GLU A CG  1 
ATOM   593  C CD  . GLU A 1 83  ? -7.049  -18.774 -0.977  1.00 33.10 ? 83  GLU A CD  1 
ATOM   594  O OE1 . GLU A 1 83  ? -6.359  -19.812 -0.986  1.00 38.98 ? 83  GLU A OE1 1 
ATOM   595  O OE2 . GLU A 1 83  ? -7.519  -18.274 -2.029  1.00 37.16 ? 83  GLU A OE2 1 
ATOM   596  N N   . GLY A 1 84  ? -5.867  -17.431 4.950   1.00 32.31 ? 84  GLY A N   1 
ATOM   597  C CA  . GLY A 1 84  ? -5.369  -17.907 6.215   1.00 34.10 ? 84  GLY A CA  1 
ATOM   598  C C   . GLY A 1 84  ? -3.887  -18.182 6.427   1.00 36.38 ? 84  GLY A C   1 
ATOM   599  O O   . GLY A 1 84  ? -3.506  -18.325 7.580   1.00 40.44 ? 84  GLY A O   1 
ATOM   600  N N   . GLU A 1 85  ? -3.043  -18.248 5.400   1.00 38.04 ? 85  GLU A N   1 
ATOM   601  C CA  . GLU A 1 85  ? -1.616  -18.498 5.653   1.00 40.48 ? 85  GLU A CA  1 
ATOM   602  C C   . GLU A 1 85  ? -0.790  -17.248 5.386   1.00 35.57 ? 85  GLU A C   1 
ATOM   603  O O   . GLU A 1 85  ? -1.134  -16.492 4.475   1.00 29.04 ? 85  GLU A O   1 
ATOM   604  C CB  . GLU A 1 85  ? -1.104  -19.609 4.745   1.00 53.56 ? 85  GLU A CB  1 
ATOM   605  C CG  . GLU A 1 85  ? -2.049  -20.823 4.562   1.00 76.69 ? 85  GLU A CG  1 
ATOM   606  C CD  . GLU A 1 85  ? -2.400  -21.572 5.863   1.00 87.07 ? 85  GLU A CD  1 
ATOM   607  O OE1 . GLU A 1 85  ? -1.516  -21.728 6.751   1.00 92.44 ? 85  GLU A OE1 1 
ATOM   608  O OE2 . GLU A 1 85  ? -3.569  -22.035 5.972   1.00 91.85 ? 85  GLU A OE2 1 
ATOM   609  N N   . ASP A 1 86  ? 0.267   -16.987 6.176   1.00 32.68 ? 86  ASP A N   1 
ATOM   610  C CA  . ASP A 1 86  ? 1.107   -15.814 5.910   1.00 33.36 ? 86  ASP A CA  1 
ATOM   611  C C   . ASP A 1 86  ? 1.965   -16.108 4.664   1.00 32.55 ? 86  ASP A C   1 
ATOM   612  O O   . ASP A 1 86  ? 2.566   -17.176 4.542   1.00 33.26 ? 86  ASP A O   1 
ATOM   613  C CB  . ASP A 1 86  ? 1.986   -15.375 7.105   1.00 39.33 ? 86  ASP A CB  1 
ATOM   614  C CG  . ASP A 1 86  ? 2.996   -14.211 6.732   1.00 41.68 ? 86  ASP A CG  1 
ATOM   615  O OD1 . ASP A 1 86  ? 2.728   -13.334 5.858   1.00 42.04 ? 86  ASP A OD1 1 
ATOM   616  O OD2 . ASP A 1 86  ? 4.076   -14.164 7.341   1.00 49.76 ? 86  ASP A OD2 1 
ATOM   617  N N   . VAL A 1 87  ? 1.950   -15.177 3.717   1.00 25.45 ? 87  VAL A N   1 
ATOM   618  C CA  . VAL A 1 87  ? 2.650   -15.326 2.469   1.00 20.01 ? 87  VAL A CA  1 
ATOM   619  C C   . VAL A 1 87  ? 3.517   -14.115 2.239   1.00 18.95 ? 87  VAL A C   1 
ATOM   620  O O   . VAL A 1 87  ? 3.861   -13.774 1.088   1.00 22.31 ? 87  VAL A O   1 
ATOM   621  C CB  . VAL A 1 87  ? 1.635   -15.539 1.242   1.00 20.05 ? 87  VAL A CB  1 
ATOM   622  C CG1 . VAL A 1 87  ? 0.789   -16.779 1.456   1.00 17.42 ? 87  VAL A CG1 1 
ATOM   623  C CG2 . VAL A 1 87  ? 0.737   -14.290 1.010   1.00 19.32 ? 87  VAL A CG2 1 
ATOM   624  N N   . SER A 1 88  ? 3.890   -13.426 3.299   1.00 22.39 ? 88  SER A N   1 
ATOM   625  C CA  . SER A 1 88  ? 4.700   -12.234 3.083   1.00 23.20 ? 88  SER A CA  1 
ATOM   626  C C   . SER A 1 88  ? 5.994   -12.468 2.337   1.00 23.16 ? 88  SER A C   1 
ATOM   627  O O   . SER A 1 88  ? 6.408   -11.633 1.548   1.00 29.20 ? 88  SER A O   1 
ATOM   628  C CB  . SER A 1 88  ? 4.939   -11.532 4.389   1.00 26.61 ? 88  SER A CB  1 
ATOM   629  O OG  . SER A 1 88  ? 5.132   -12.500 5.375   1.00 38.06 ? 88  SER A OG  1 
ATOM   630  N N   . GLY A 1 89  ? 6.620   -13.613 2.569   1.00 23.48 ? 89  GLY A N   1 
ATOM   631  C CA  . GLY A 1 89  ? 7.857   -13.933 1.874   1.00 24.80 ? 89  GLY A CA  1 
ATOM   632  C C   . GLY A 1 89  ? 7.644   -14.195 0.389   1.00 19.85 ? 89  GLY A C   1 
ATOM   633  O O   . GLY A 1 89  ? 8.336   -13.629 -0.453  1.00 25.10 ? 89  GLY A O   1 
ATOM   634  N N   . GLU A 1 90  ? 6.688   -15.069 0.078   1.00 21.03 ? 90  GLU A N   1 
ATOM   635  C CA  . GLU A 1 90  ? 6.314   -15.420 -1.305  1.00 25.02 ? 90  GLU A CA  1 
ATOM   636  C C   . GLU A 1 90  ? 6.065   -14.205 -2.230  1.00 27.13 ? 90  GLU A C   1 
ATOM   637  O O   . GLU A 1 90  ? 6.463   -14.203 -3.391  1.00 22.62 ? 90  GLU A O   1 
ATOM   638  C CB  . GLU A 1 90  ? 5.038   -16.271 -1.294  1.00 28.33 ? 90  GLU A CB  1 
ATOM   639  C CG  . GLU A 1 90  ? 5.231   -17.751 -1.031  1.00 46.03 ? 90  GLU A CG  1 
ATOM   640  C CD  . GLU A 1 90  ? 3.962   -18.600 -1.323  1.00 54.51 ? 90  GLU A CD  1 
ATOM   641  O OE1 . GLU A 1 90  ? 2.998   -18.509 -0.540  1.00 59.59 ? 90  GLU A OE1 1 
ATOM   642  O OE2 . GLU A 1 90  ? 3.921   -19.369 -2.320  1.00 56.86 ? 90  GLU A OE2 1 
ATOM   643  N N   . ILE A 1 91  ? 5.435   -13.155 -1.681  1.00 25.81 ? 91  ILE A N   1 
ATOM   644  C CA  . ILE A 1 91  ? 5.053   -11.967 -2.452  1.00 26.26 ? 91  ILE A CA  1 
ATOM   645  C C   . ILE A 1 91  ? 6.207   -11.077 -2.914  1.00 26.66 ? 91  ILE A C   1 
ATOM   646  O O   . ILE A 1 91  ? 6.114   -10.367 -3.925  1.00 26.28 ? 91  ILE A O   1 
ATOM   647  C CB  . ILE A 1 91  ? 3.920   -11.216 -1.639  1.00 27.69 ? 91  ILE A CB  1 
ATOM   648  C CG1 . ILE A 1 91  ? 2.590   -11.542 -2.263  1.00 30.56 ? 91  ILE A CG1 1 
ATOM   649  C CG2 . ILE A 1 91  ? 4.108   -9.773  -1.472  1.00 29.92 ? 91  ILE A CG2 1 
ATOM   650  C CD1 . ILE A 1 91  ? 2.103   -12.837 -1.830  1.00 29.03 ? 91  ILE A CD1 1 
ATOM   651  N N   . ARG A 1 92  ? 7.351   -11.238 -2.276  1.00 27.62 ? 92  ARG A N   1 
ATOM   652  C CA  . ARG A 1 92  ? 8.479   -10.421 -2.626  1.00 34.02 ? 92  ARG A CA  1 
ATOM   653  C C   . ARG A 1 92  ? 9.340   -10.999 -3.747  1.00 34.53 ? 92  ARG A C   1 
ATOM   654  O O   . ARG A 1 92  ? 10.294  -10.353 -4.193  1.00 40.92 ? 92  ARG A O   1 
ATOM   655  C CB  . ARG A 1 92  ? 9.296   -10.107 -1.387  1.00 39.41 ? 92  ARG A CB  1 
ATOM   656  C CG  . ARG A 1 92  ? 8.500   -9.288  -0.364  1.00 58.07 ? 92  ARG A CG  1 
ATOM   657  C CD  . ARG A 1 92  ? 9.094   -7.870  -0.124  1.00 72.04 ? 92  ARG A CD  1 
ATOM   658  N NE  . ARG A 1 92  ? 10.105  -7.844  0.950   1.00 82.17 ? 92  ARG A NE  1 
ATOM   659  C CZ  . ARG A 1 92  ? 11.171  -7.033  1.012   1.00 86.02 ? 92  ARG A CZ  1 
ATOM   660  N NH1 . ARG A 1 92  ? 11.433  -6.134  0.050   1.00 87.12 ? 92  ARG A NH1 1 
ATOM   661  N NH2 . ARG A 1 92  ? 11.966  -7.099  2.077   1.00 88.38 ? 92  ARG A NH2 1 
ATOM   662  N N   . THR A 1 93  ? 8.968   -12.157 -4.268  1.00 27.75 ? 93  THR A N   1 
ATOM   663  C CA  . THR A 1 93  ? 9.743   -12.759 -5.343  1.00 30.15 ? 93  THR A CA  1 
ATOM   664  C C   . THR A 1 93  ? 9.517   -12.092 -6.690  1.00 35.44 ? 93  THR A C   1 
ATOM   665  O O   . THR A 1 93  ? 8.527   -11.363 -6.897  1.00 34.02 ? 93  THR A O   1 
ATOM   666  C CB  . THR A 1 93  ? 9.489   -14.245 -5.431  1.00 29.47 ? 93  THR A CB  1 
ATOM   667  O OG1 . THR A 1 93  ? 8.124   -14.485 -5.788  1.00 27.52 ? 93  THR A OG1 1 
ATOM   668  C CG2 . THR A 1 93  ? 9.779   -14.870 -4.069  1.00 27.06 ? 93  THR A CG2 1 
ATOM   669  N N   . GLN A 1 94  ? 10.486  -12.261 -7.586  1.00 36.81 ? 94  GLN A N   1 
ATOM   670  C CA  . GLN A 1 94  ? 10.416  -11.615 -8.894  1.00 42.17 ? 94  GLN A CA  1 
ATOM   671  C C   . GLN A 1 94  ? 9.351   -12.288 -9.731  1.00 35.38 ? 94  GLN A C   1 
ATOM   672  O O   . GLN A 1 94  ? 8.616   -11.638 -10.461 1.00 32.09 ? 94  GLN A O   1 
ATOM   673  C CB  . GLN A 1 94  ? 11.796  -11.630 -9.600  1.00 45.25 ? 94  GLN A CB  1 
ATOM   674  C CG  . GLN A 1 94  ? 11.910  -10.680 -10.785 1.00 51.86 ? 94  GLN A CG  1 
ATOM   675  C CD  . GLN A 1 94  ? 11.353  -9.283  -10.488 1.00 57.79 ? 94  GLN A CD  1 
ATOM   676  O OE1 . GLN A 1 94  ? 10.232  -8.958  -10.892 1.00 62.30 ? 94  GLN A OE1 1 
ATOM   677  N NE2 . GLN A 1 94  ? 12.121  -8.460  -9.781  1.00 58.45 ? 94  GLN A NE2 1 
ATOM   678  N N   . GLU A 1 95  ? 9.217   -13.579 -9.496  1.00 29.56 ? 95  GLU A N   1 
ATOM   679  C CA  . GLU A 1 95  ? 8.272   -14.404 -10.180 1.00 30.87 ? 95  GLU A CA  1 
ATOM   680  C C   . GLU A 1 95  ? 6.856   -13.947 -9.882  1.00 32.24 ? 95  GLU A C   1 
ATOM   681  O O   . GLU A 1 95  ? 6.013   -13.978 -10.760 1.00 32.99 ? 95  GLU A O   1 
ATOM   682  C CB  . GLU A 1 95  ? 8.440   -15.815 -9.696  1.00 31.06 ? 95  GLU A CB  1 
ATOM   683  C CG  . GLU A 1 95  ? 7.605   -16.829 -10.422 1.00 41.33 ? 95  GLU A CG  1 
ATOM   684  C CD  . GLU A 1 95  ? 7.406   -18.063 -9.575  1.00 49.03 ? 95  GLU A CD  1 
ATOM   685  O OE1 . GLU A 1 95  ? 6.746   -17.966 -8.522  1.00 55.54 ? 95  GLU A OE1 1 
ATOM   686  O OE2 . GLU A 1 95  ? 7.935   -19.132 -9.928  1.00 54.58 ? 95  GLU A OE2 1 
ATOM   687  N N   . VAL A 1 96  ? 6.555   -13.666 -8.622  1.00 28.55 ? 96  VAL A N   1 
ATOM   688  C CA  . VAL A 1 96  ? 5.230   -13.173 -8.284  1.00 26.78 ? 96  VAL A CA  1 
ATOM   689  C C   . VAL A 1 96  ? 5.067   -11.718 -8.844  1.00 28.09 ? 96  VAL A C   1 
ATOM   690  O O   . VAL A 1 96  ? 4.005   -11.361 -9.379  1.00 27.15 ? 96  VAL A O   1 
ATOM   691  C CB  . VAL A 1 96  ? 4.947   -13.299 -6.771  1.00 25.37 ? 96  VAL A CB  1 
ATOM   692  C CG1 . VAL A 1 96  ? 3.671   -12.519 -6.409  1.00 25.10 ? 96  VAL A CG1 1 
ATOM   693  C CG2 . VAL A 1 96  ? 4.726   -14.755 -6.401  1.00 20.31 ? 96  VAL A CG2 1 
ATOM   694  N N   . ALA A 1 97  ? 6.130   -10.917 -8.831  1.00 23.10 ? 97  ALA A N   1 
ATOM   695  C CA  . ALA A 1 97  ? 6.060   -9.578  -9.373  1.00 24.62 ? 97  ALA A CA  1 
ATOM   696  C C   . ALA A 1 97  ? 5.763   -9.621  -10.888 1.00 26.01 ? 97  ALA A C   1 
ATOM   697  O O   . ALA A 1 97  ? 5.052   -8.777  -11.446 1.00 29.35 ? 97  ALA A O   1 
ATOM   698  C CB  . ALA A 1 97  ? 7.356   -8.874  -9.127  1.00 26.27 ? 97  ALA A CB  1 
ATOM   699  N N   . ASN A 1 98  ? 6.285   -10.630 -11.556 1.00 27.01 ? 98  ASN A N   1 
ATOM   700  C CA  . ASN A 1 98  ? 6.082   -10.760 -12.982 1.00 31.58 ? 98  ASN A CA  1 
ATOM   701  C C   . ASN A 1 98  ? 4.665   -11.189 -13.325 1.00 30.05 ? 98  ASN A C   1 
ATOM   702  O O   . ASN A 1 98  ? 4.085   -10.682 -14.283 1.00 28.62 ? 98  ASN A O   1 
ATOM   703  C CB  . ASN A 1 98  ? 7.104   -11.723 -13.559 1.00 34.11 ? 98  ASN A CB  1 
ATOM   704  C CG  . ASN A 1 98  ? 8.513   -11.104 -13.613 1.00 45.01 ? 98  ASN A CG  1 
ATOM   705  O OD1 . ASN A 1 98  ? 8.700   -9.853  -13.466 1.00 40.54 ? 98  ASN A OD1 1 
ATOM   706  N ND2 . ASN A 1 98  ? 9.524   -11.972 -13.836 1.00 47.07 ? 98  ASN A ND2 1 
ATOM   707  N N   . ALA A 1 99  ? 4.116   -12.134 -12.555 1.00 25.72 ? 99  ALA A N   1 
ATOM   708  C CA  . ALA A 1 99  ? 2.722   -12.603 -12.762 1.00 25.04 ? 99  ALA A CA  1 
ATOM   709  C C   . ALA A 1 99  ? 1.744   -11.439 -12.439 1.00 22.23 ? 99  ALA A C   1 
ATOM   710  O O   . ALA A 1 99  ? 0.744   -11.261 -13.125 1.00 23.64 ? 99  ALA A O   1 
ATOM   711  C CB  . ALA A 1 99  ? 2.418   -13.798 -11.914 1.00 19.25 ? 99  ALA A CB  1 
ATOM   712  N N   . ALA A 1 100 ? 2.112   -10.612 -11.463 1.00 21.05 ? 100 ALA A N   1 
ATOM   713  C CA  . ALA A 1 100 ? 1.328   -9.461  -11.049 1.00 23.15 ? 100 ALA A CA  1 
ATOM   714  C C   . ALA A 1 100 ? 1.206   -8.479  -12.206 1.00 27.03 ? 100 ALA A C   1 
ATOM   715  O O   . ALA A 1 100 ? 0.167   -7.825  -12.398 1.00 22.49 ? 100 ALA A O   1 
ATOM   716  C CB  . ALA A 1 100 ? 1.966   -8.802  -9.847  1.00 20.17 ? 100 ALA A CB  1 
ATOM   717  N N   . SER A 1 101 ? 2.270   -8.356  -12.990 1.00 27.79 ? 101 SER A N   1 
ATOM   718  C CA  . SER A 1 101 ? 2.218   -7.457  -14.143 1.00 34.37 ? 101 SER A CA  1 
ATOM   719  C C   . SER A 1 101 ? 1.289   -7.995  -15.221 1.00 25.29 ? 101 SER A C   1 
ATOM   720  O O   . SER A 1 101 ? 0.655   -7.234  -15.911 1.00 27.75 ? 101 SER A O   1 
ATOM   721  C CB  . SER A 1 101 ? 3.626   -7.224  -14.733 1.00 40.42 ? 101 SER A CB  1 
ATOM   722  O OG  . SER A 1 101 ? 4.550   -6.794  -13.728 1.00 56.16 ? 101 SER A OG  1 
ATOM   723  N N   . GLN A 1 102 ? 1.258   -9.309  -15.399 1.00 27.55 ? 102 GLN A N   1 
ATOM   724  C CA  . GLN A 1 102 ? 0.379   -9.944  -16.385 1.00 27.92 ? 102 GLN A CA  1 
ATOM   725  C C   . GLN A 1 102 ? -1.074  -9.768  -15.978 1.00 27.04 ? 102 GLN A C   1 
ATOM   726  O O   . GLN A 1 102 ? -1.895  -9.402  -16.787 1.00 25.22 ? 102 GLN A O   1 
ATOM   727  C CB  . GLN A 1 102 ? 0.631   -11.433 -16.508 1.00 32.90 ? 102 GLN A CB  1 
ATOM   728  C CG  . GLN A 1 102 ? 1.852   -11.789 -17.230 1.00 48.53 ? 102 GLN A CG  1 
ATOM   729  C CD  . GLN A 1 102 ? 2.002   -13.271 -17.362 1.00 60.19 ? 102 GLN A CD  1 
ATOM   730  O OE1 . GLN A 1 102 ? 2.385   -13.954 -16.406 1.00 64.92 ? 102 GLN A OE1 1 
ATOM   731  N NE2 . GLN A 1 102 ? 1.701   -13.800 -18.553 1.00 67.30 ? 102 GLN A NE2 1 
ATOM   732  N N   . VAL A 1 103 ? -1.375  -10.045 -14.723 1.00 22.39 ? 103 VAL A N   1 
ATOM   733  C CA  . VAL A 1 103 ? -2.722  -9.928  -14.166 1.00 23.65 ? 103 VAL A CA  1 
ATOM   734  C C   . VAL A 1 103 ? -3.293  -8.486  -14.262 1.00 24.19 ? 103 VAL A C   1 
ATOM   735  O O   . VAL A 1 103 ? -4.467  -8.260  -14.644 1.00 22.40 ? 103 VAL A O   1 
ATOM   736  C CB  . VAL A 1 103 ? -2.597  -10.439 -12.729 1.00 20.28 ? 103 VAL A CB  1 
ATOM   737  C CG1 . VAL A 1 103 ? -3.201  -9.555  -11.735 1.00 21.69 ? 103 VAL A CG1 1 
ATOM   738  C CG2 . VAL A 1 103 ? -2.945  -11.879 -12.691 1.00 22.17 ? 103 VAL A CG2 1 
ATOM   739  N N   . ALA A 1 104 ? -2.423  -7.518  -13.992 1.00 18.76 ? 104 ALA A N   1 
ATOM   740  C CA  . ALA A 1 104 ? -2.763  -6.099  -14.023 1.00 18.20 ? 104 ALA A CA  1 
ATOM   741  C C   . ALA A 1 104 ? -3.021  -5.528  -15.420 1.00 15.58 ? 104 ALA A C   1 
ATOM   742  O O   . ALA A 1 104 ? -3.498  -4.397  -15.557 1.00 20.13 ? 104 ALA A O   1 
ATOM   743  C CB  . ALA A 1 104 ? -1.642  -5.280  -13.371 1.00 18.28 ? 104 ALA A CB  1 
ATOM   744  N N   . ALA A 1 105 ? -2.671  -6.270  -16.458 1.00 17.10 ? 105 ALA A N   1 
ATOM   745  C CA  . ALA A 1 105 ? -2.863  -5.782  -17.821 1.00 17.59 ? 105 ALA A CA  1 
ATOM   746  C C   . ALA A 1 105 ? -4.352  -5.701  -18.242 1.00 20.61 ? 105 ALA A C   1 
ATOM   747  O O   . ALA A 1 105 ? -4.719  -4.854  -19.045 1.00 17.33 ? 105 ALA A O   1 
ATOM   748  C CB  . ALA A 1 105 ? -2.110  -6.687  -18.790 1.00 17.85 ? 105 ALA A CB  1 
ATOM   749  N N   . PHE A 1 106 ? -5.198  -6.536  -17.633 1.00 21.36 ? 106 PHE A N   1 
ATOM   750  C CA  . PHE A 1 106 ? -6.608  -6.665  -17.971 1.00 17.35 ? 106 PHE A CA  1 
ATOM   751  C C   . PHE A 1 106 ? -7.548  -5.680  -17.296 1.00 16.35 ? 106 PHE A C   1 
ATOM   752  O O   . PHE A 1 106 ? -7.619  -5.627  -16.058 1.00 16.83 ? 106 PHE A O   1 
ATOM   753  C CB  . PHE A 1 106 ? -7.011  -8.060  -17.624 1.00 18.34 ? 106 PHE A CB  1 
ATOM   754  C CG  . PHE A 1 106 ? -6.282  -9.104  -18.401 1.00 21.05 ? 106 PHE A CG  1 
ATOM   755  C CD1 . PHE A 1 106 ? -6.511  -9.238  -19.754 1.00 19.36 ? 106 PHE A CD1 1 
ATOM   756  C CD2 . PHE A 1 106 ? -5.471  -10.036 -17.757 1.00 23.07 ? 106 PHE A CD2 1 
ATOM   757  C CE1 . PHE A 1 106 ? -5.957  -10.292 -20.472 1.00 22.33 ? 106 PHE A CE1 1 
ATOM   758  C CE2 . PHE A 1 106 ? -4.913  -11.101 -18.468 1.00 24.97 ? 106 PHE A CE2 1 
ATOM   759  C CZ  . PHE A 1 106 ? -5.161  -11.228 -19.820 1.00 22.30 ? 106 PHE A CZ  1 
ATOM   760  N N   . PRO A 1 107 ? -8.329  -4.916  -18.105 1.00 17.03 ? 107 PRO A N   1 
ATOM   761  C CA  . PRO A 1 107 ? -9.294  -3.904  -17.608 1.00 16.87 ? 107 PRO A CA  1 
ATOM   762  C C   . PRO A 1 107 ? -10.344 -4.461  -16.597 1.00 14.74 ? 107 PRO A C   1 
ATOM   763  O O   . PRO A 1 107 ? -10.609 -3.834  -15.553 1.00 15.34 ? 107 PRO A O   1 
ATOM   764  C CB  . PRO A 1 107 ? -9.983  -3.399  -18.893 1.00 17.55 ? 107 PRO A CB  1 
ATOM   765  C CG  . PRO A 1 107 ? -9.243  -3.955  -20.008 1.00 19.54 ? 107 PRO A CG  1 
ATOM   766  C CD  . PRO A 1 107 ? -8.476  -5.134  -19.547 1.00 16.82 ? 107 PRO A CD  1 
ATOM   767  N N   . ARG A 1 108 ? -10.941 -5.639  -16.897 1.00 16.59 ? 108 ARG A N   1 
ATOM   768  C CA  . ARG A 1 108 ? -11.939 -6.199  -15.974 1.00 16.57 ? 108 ARG A CA  1 
ATOM   769  C C   . ARG A 1 108 ? -11.336 -6.659  -14.649 1.00 18.73 ? 108 ARG A C   1 
ATOM   770  O O   . ARG A 1 108 ? -11.983 -6.605  -13.609 1.00 18.12 ? 108 ARG A O   1 
ATOM   771  C CB  . ARG A 1 108 ? -12.744 -7.304  -16.623 1.00 16.53 ? 108 ARG A CB  1 
ATOM   772  C CG  . ARG A 1 108 ? -13.660 -6.764  -17.695 1.00 20.79 ? 108 ARG A CG  1 
ATOM   773  C CD  . ARG A 1 108 ? -14.367 -7.849  -18.465 1.00 28.75 ? 108 ARG A CD  1 
ATOM   774  N NE  . ARG A 1 108 ? -14.893 -8.909  -17.605 1.00 36.38 ? 108 ARG A NE  1 
ATOM   775  C CZ  . ARG A 1 108 ? -14.877 -10.212 -17.920 1.00 39.12 ? 108 ARG A CZ  1 
ATOM   776  N NH1 . ARG A 1 108 ? -14.370 -10.628 -19.087 1.00 38.48 ? 108 ARG A NH1 1 
ATOM   777  N NH2 . ARG A 1 108 ? -15.330 -11.108 -17.055 1.00 38.56 ? 108 ARG A NH2 1 
ATOM   778  N N   . VAL A 1 109 ? -10.081 -7.094  -14.665 1.00 15.06 ? 109 VAL A N   1 
ATOM   779  C CA  . VAL A 1 109 ? -9.432  -7.481  -13.424 1.00 15.44 ? 109 VAL A CA  1 
ATOM   780  C C   . VAL A 1 109 ? -9.158  -6.243  -12.565 1.00 14.93 ? 109 VAL A C   1 
ATOM   781  O O   . VAL A 1 109 ? -9.376  -6.259  -11.354 1.00 17.10 ? 109 VAL A O   1 
ATOM   782  C CB  . VAL A 1 109 ? -8.067  -8.270  -13.727 1.00 17.21 ? 109 VAL A CB  1 
ATOM   783  C CG1 . VAL A 1 109 ? -7.285  -8.491  -12.398 1.00 17.84 ? 109 VAL A CG1 1 
ATOM   784  C CG2 . VAL A 1 109 ? -8.370  -9.628  -14.467 1.00 14.30 ? 109 VAL A CG2 1 
ATOM   785  N N   . ARG A 1 110 ? -8.689  -5.148  -13.171 1.00 13.71 ? 110 ARG A N   1 
ATOM   786  C CA  . ARG A 1 110 ? -8.420  -3.948  -12.381 1.00 15.14 ? 110 ARG A CA  1 
ATOM   787  C C   . ARG A 1 110 ? -9.718  -3.387  -11.759 1.00 13.64 ? 110 ARG A C   1 
ATOM   788  O O   . ARG A 1 110 ? -9.711  -2.898  -10.654 1.00 13.15 ? 110 ARG A O   1 
ATOM   789  C CB  . ARG A 1 110 ? -7.706  -2.877  -13.215 1.00 16.65 ? 110 ARG A CB  1 
ATOM   790  C CG  . ARG A 1 110 ? -6.347  -3.346  -13.798 1.00 19.55 ? 110 ARG A CG  1 
ATOM   791  C CD  . ARG A 1 110 ? -5.545  -2.090  -14.285 1.00 16.93 ? 110 ARG A CD  1 
ATOM   792  N NE  . ARG A 1 110 ? -6.189  -1.327  -15.358 1.00 13.38 ? 110 ARG A NE  1 
ATOM   793  C CZ  . ARG A 1 110 ? -6.126  -1.637  -16.652 1.00 12.97 ? 110 ARG A CZ  1 
ATOM   794  N NH1 . ARG A 1 110 ? -5.440  -2.697  -17.049 1.00 16.63 ? 110 ARG A NH1 1 
ATOM   795  N NH2 . ARG A 1 110 ? -6.793  -0.908  -17.554 1.00 12.77 ? 110 ARG A NH2 1 
ATOM   796  N N   . GLU A 1 111 ? -10.828 -3.487  -12.475 1.00 16.06 ? 111 GLU A N   1 
ATOM   797  C CA  . GLU A 1 111 ? -12.123 -3.010  -11.968 1.00 17.65 ? 111 GLU A CA  1 
ATOM   798  C C   . GLU A 1 111 ? -12.621 -3.898  -10.833 1.00 17.86 ? 111 GLU A C   1 
ATOM   799  O O   . GLU A 1 111 ? -13.205 -3.408  -9.854  1.00 16.10 ? 111 GLU A O   1 
ATOM   800  C CB  . GLU A 1 111 ? -13.145 -3.071  -13.067 1.00 22.96 ? 111 GLU A CB  1 
ATOM   801  C CG  . GLU A 1 111 ? -14.554 -2.844  -12.539 1.00 40.97 ? 111 GLU A CG  1 
ATOM   802  C CD  . GLU A 1 111 ? -15.637 -3.132  -13.584 1.00 51.40 ? 111 GLU A CD  1 
ATOM   803  O OE1 . GLU A 1 111 ? -15.634 -4.237  -14.182 1.00 58.29 ? 111 GLU A OE1 1 
ATOM   804  O OE2 . GLU A 1 111 ? -16.531 -2.278  -13.772 1.00 58.79 ? 111 GLU A OE2 1 
ATOM   805  N N   . ALA A 1 112 ? -12.399 -5.201  -10.959 1.00 14.65 ? 112 ALA A N   1 
ATOM   806  C CA  . ALA A 1 112 ? -12.776 -6.137  -9.907  1.00 17.94 ? 112 ALA A CA  1 
ATOM   807  C C   . ALA A 1 112 ? -11.946 -5.845  -8.643  1.00 15.48 ? 112 ALA A C   1 
ATOM   808  O O   . ALA A 1 112 ? -12.456 -5.818  -7.524  1.00 18.13 ? 112 ALA A O   1 
ATOM   809  C CB  . ALA A 1 112 ? -12.556 -7.565  -10.381 1.00 17.27 ? 112 ALA A CB  1 
ATOM   810  N N   . LEU A 1 113 ? -10.652 -5.583  -8.808  1.00 16.34 ? 113 LEU A N   1 
ATOM   811  C CA  . LEU A 1 113 ? -9.810  -5.248  -7.636  1.00 19.17 ? 113 LEU A CA  1 
ATOM   812  C C   . LEU A 1 113 ? -10.189 -3.869  -7.038  1.00 14.98 ? 113 LEU A C   1 
ATOM   813  O O   . LEU A 1 113 ? -9.971  -3.622  -5.858  1.00 15.88 ? 113 LEU A O   1 
ATOM   814  C CB  . LEU A 1 113 ? -8.313  -5.299  -8.007  1.00 17.14 ? 113 LEU A CB  1 
ATOM   815  C CG  . LEU A 1 113 ? -7.298  -6.146  -7.244  1.00 24.71 ? 113 LEU A CG  1 
ATOM   816  C CD1 . LEU A 1 113 ? -7.871  -7.364  -6.495  1.00 19.77 ? 113 LEU A CD1 1 
ATOM   817  C CD2 . LEU A 1 113 ? -6.286  -6.558  -8.274  1.00 25.82 ? 113 LEU A CD2 1 
ATOM   818  N N   . LEU A 1 114 ? -10.700 -2.963  -7.869  1.00 14.77 ? 114 LEU A N   1 
ATOM   819  C CA  . LEU A 1 114 ? -11.113 -1.674  -7.357  1.00 16.84 ? 114 LEU A CA  1 
ATOM   820  C C   . LEU A 1 114 ? -12.279 -1.946  -6.371  1.00 17.07 ? 114 LEU A C   1 
ATOM   821  O O   . LEU A 1 114 ? -12.301 -1.413  -5.268  1.00 18.68 ? 114 LEU A O   1 
ATOM   822  C CB  . LEU A 1 114 ? -11.589 -0.774  -8.494  1.00 19.93 ? 114 LEU A CB  1 
ATOM   823  C CG  . LEU A 1 114 ? -11.615 0.770   -8.375  1.00 29.69 ? 114 LEU A CG  1 
ATOM   824  C CD1 . LEU A 1 114 ? -12.748 1.332   -9.237  1.00 28.22 ? 114 LEU A CD1 1 
ATOM   825  C CD2 . LEU A 1 114 ? -11.702 1.312   -6.965  1.00 31.34 ? 114 LEU A CD2 1 
ATOM   826  N N   . ARG A 1 115 ? -13.225 -2.783  -6.773  1.00 17.08 ? 115 ARG A N   1 
ATOM   827  C CA  . ARG A 1 115 ? -14.351 -3.108  -5.894  1.00 21.28 ? 115 ARG A CA  1 
ATOM   828  C C   . ARG A 1 115 ? -13.880 -3.844  -4.666  1.00 19.21 ? 115 ARG A C   1 
ATOM   829  O O   . ARG A 1 115 ? -14.386 -3.604  -3.565  1.00 15.22 ? 115 ARG A O   1 
ATOM   830  C CB  . ARG A 1 115 ? -15.356 -4.010  -6.597  1.00 25.01 ? 115 ARG A CB  1 
ATOM   831  C CG  . ARG A 1 115 ? -15.977 -3.403  -7.795  1.00 42.12 ? 115 ARG A CG  1 
ATOM   832  C CD  . ARG A 1 115 ? -16.868 -4.402  -8.560  1.00 53.55 ? 115 ARG A CD  1 
ATOM   833  N NE  . ARG A 1 115 ? -17.625 -3.681  -9.594  1.00 62.65 ? 115 ARG A NE  1 
ATOM   834  C CZ  . ARG A 1 115 ? -17.472 -3.847  -10.904 1.00 65.62 ? 115 ARG A CZ  1 
ATOM   835  N NH1 . ARG A 1 115 ? -16.595 -4.744  -11.363 1.00 66.17 ? 115 ARG A NH1 1 
ATOM   836  N NH2 . ARG A 1 115 ? -18.135 -3.051  -11.745 1.00 65.52 ? 115 ARG A NH2 1 
ATOM   837  N N   . ARG A 1 116 ? -12.970 -4.794  -4.850  1.00 18.19 ? 116 ARG A N   1 
ATOM   838  C CA  . ARG A 1 116 ? -12.434 -5.567  -3.721  1.00 16.68 ? 116 ARG A CA  1 
ATOM   839  C C   . ARG A 1 116 ? -11.706 -4.686  -2.656  1.00 17.06 ? 116 ARG A C   1 
ATOM   840  O O   . ARG A 1 116 ? -11.838 -4.917  -1.439  1.00 17.69 ? 116 ARG A O   1 
ATOM   841  C CB  . ARG A 1 116 ? -11.543 -6.740  -4.224  1.00 14.04 ? 116 ARG A CB  1 
ATOM   842  C CG  . ARG A 1 116 ? -10.900 -7.604  -3.119  1.00 12.55 ? 116 ARG A CG  1 
ATOM   843  C CD  . ARG A 1 116 ? -11.993 -8.324  -2.321  1.00 17.64 ? 116 ARG A CD  1 
ATOM   844  N NE  . ARG A 1 116 ? -11.531 -8.992  -1.118  1.00 15.36 ? 116 ARG A NE  1 
ATOM   845  C CZ  . ARG A 1 116 ? -11.506 -8.476  0.101   1.00 17.17 ? 116 ARG A CZ  1 
ATOM   846  N NH1 . ARG A 1 116 ? -11.900 -7.231  0.317   1.00 17.01 ? 116 ARG A NH1 1 
ATOM   847  N NH2 . ARG A 1 116 ? -11.171 -9.261  1.129   1.00 19.87 ? 116 ARG A NH2 1 
ATOM   848  N N   . GLN A 1 117 ? -10.952 -3.681  -3.093  1.00 14.52 ? 117 GLN A N   1 
ATOM   849  C CA  . GLN A 1 117 ? -10.252 -2.787  -2.174  1.00 15.98 ? 117 GLN A CA  1 
ATOM   850  C C   . GLN A 1 117 ? -11.254 -1.849  -1.411  1.00 16.02 ? 117 GLN A C   1 
ATOM   851  O O   . GLN A 1 117 ? -11.073 -1.577  -0.239  1.00 17.80 ? 117 GLN A O   1 
ATOM   852  C CB  . GLN A 1 117 ? -9.233  -1.918  -2.940  1.00 18.65 ? 117 GLN A CB  1 
ATOM   853  C CG  . GLN A 1 117 ? -8.064  -2.694  -3.590  1.00 13.93 ? 117 GLN A CG  1 
ATOM   854  C CD  . GLN A 1 117 ? -7.190  -1.779  -4.383  1.00 16.80 ? 117 GLN A CD  1 
ATOM   855  O OE1 . GLN A 1 117 ? -6.424  -0.986  -3.808  1.00 22.90 ? 117 GLN A OE1 1 
ATOM   856  N NE2 . GLN A 1 117 ? -7.368  -1.781  -5.699  1.00 18.55 ? 117 GLN A NE2 1 
ATOM   857  N N   . ARG A 1 118 ? -12.315 -1.373  -2.081  1.00 18.09 ? 118 ARG A N   1 
ATOM   858  C CA  . ARG A 1 118 ? -13.307 -0.519  -1.407  1.00 16.18 ? 118 ARG A CA  1 
ATOM   859  C C   . ARG A 1 118 ? -14.020 -1.315  -0.312  1.00 17.26 ? 118 ARG A C   1 
ATOM   860  O O   . ARG A 1 118 ? -14.451 -0.738  0.712   1.00 19.35 ? 118 ARG A O   1 
ATOM   861  C CB  . ARG A 1 118 ? -14.278 0.062   -2.424  1.00 16.76 ? 118 ARG A CB  1 
ATOM   862  C CG  . ARG A 1 118 ? -13.637 1.088   -3.305  1.00 15.30 ? 118 ARG A CG  1 
ATOM   863  C CD  . ARG A 1 118 ? -14.531 1.460   -4.447  1.00 18.00 ? 118 ARG A CD  1 
ATOM   864  N NE  . ARG A 1 118 ? -14.055 2.704   -5.000  1.00 18.28 ? 118 ARG A NE  1 
ATOM   865  C CZ  . ARG A 1 118 ? -14.406 3.198   -6.177  1.00 21.67 ? 118 ARG A CZ  1 
ATOM   866  N NH1 . ARG A 1 118 ? -15.272 2.518   -6.920  1.00 24.84 ? 118 ARG A NH1 1 
ATOM   867  N NH2 . ARG A 1 118 ? -13.836 4.320   -6.634  1.00 19.79 ? 118 ARG A NH2 1 
ATOM   868  N N   . ALA A 1 119 ? -14.082 -2.645  -0.494  1.00 18.06 ? 119 ALA A N   1 
ATOM   869  C CA  . ALA A 1 119 ? -14.674 -3.539  0.523   1.00 20.12 ? 119 ALA A CA  1 
ATOM   870  C C   . ALA A 1 119 ? -13.901 -3.665  1.846   1.00 22.07 ? 119 ALA A C   1 
ATOM   871  O O   . ALA A 1 119 ? -14.374 -4.289  2.777   1.00 25.40 ? 119 ALA A O   1 
ATOM   872  C CB  . ALA A 1 119 ? -14.937 -4.918  -0.052  1.00 15.87 ? 119 ALA A CB  1 
ATOM   873  N N   . PHE A 1 120 ? -12.701 -3.096  1.944   1.00 20.04 ? 120 PHE A N   1 
ATOM   874  C CA  . PHE A 1 120 ? -11.946 -3.134  3.194   1.00 20.05 ? 120 PHE A CA  1 
ATOM   875  C C   . PHE A 1 120 ? -12.419 -2.065  4.179   1.00 18.00 ? 120 PHE A C   1 
ATOM   876  O O   . PHE A 1 120 ? -11.995 -2.054  5.356   1.00 19.24 ? 120 PHE A O   1 
ATOM   877  C CB  . PHE A 1 120 ? -10.444 -2.887  2.929   1.00 18.56 ? 120 PHE A CB  1 
ATOM   878  C CG  . PHE A 1 120 ? -9.699  -4.108  2.465   1.00 18.83 ? 120 PHE A CG  1 
ATOM   879  C CD1 . PHE A 1 120 ? -9.768  -4.519  1.131   1.00 14.64 ? 120 PHE A CD1 1 
ATOM   880  C CD2 . PHE A 1 120 ? -8.876  -4.829  3.365   1.00 22.90 ? 120 PHE A CD2 1 
ATOM   881  C CE1 . PHE A 1 120 ? -9.038  -5.636  0.702   1.00 16.36 ? 120 PHE A CE1 1 
ATOM   882  C CE2 . PHE A 1 120 ? -8.137  -5.963  2.917   1.00 17.29 ? 120 PHE A CE2 1 
ATOM   883  C CZ  . PHE A 1 120 ? -8.233  -6.339  1.598   1.00 15.26 ? 120 PHE A CZ  1 
ATOM   884  N N   . ARG A 1 121 ? -13.186 -1.098  3.658   1.00 18.09 ? 121 ARG A N   1 
ATOM   885  C CA  . ARG A 1 121 ? -13.677 0.016   4.477   1.00 19.73 ? 121 ARG A CA  1 
ATOM   886  C C   . ARG A 1 121 ? -14.749 -0.494  5.431   1.00 17.90 ? 121 ARG A C   1 
ATOM   887  O O   . ARG A 1 121 ? -15.887 -0.619  5.049   1.00 22.44 ? 121 ARG A O   1 
ATOM   888  C CB  . ARG A 1 121 ? -14.284 1.115   3.598   1.00 20.94 ? 121 ARG A CB  1 
ATOM   889  C CG  . ARG A 1 121 ? -14.296 2.487   4.339   1.00 30.67 ? 121 ARG A CG  1 
ATOM   890  C CD  . ARG A 1 121 ? -15.462 3.431   4.122   1.00 33.21 ? 121 ARG A CD  1 
ATOM   891  N NE  . ARG A 1 121 ? -15.386 4.253   2.940   1.00 40.34 ? 121 ARG A NE  1 
ATOM   892  C CZ  . ARG A 1 121 ? -15.454 5.597   2.928   1.00 42.82 ? 121 ARG A CZ  1 
ATOM   893  N NH1 . ARG A 1 121 ? -15.585 6.311   4.060   1.00 37.83 ? 121 ARG A NH1 1 
ATOM   894  N NH2 . ARG A 1 121 ? -15.481 6.222   1.746   1.00 36.00 ? 121 ARG A NH2 1 
ATOM   895  N N   . GLU A 1 122 ? -14.350 -0.762  6.667   1.00 22.69 ? 122 GLU A N   1 
ATOM   896  C CA  . GLU A 1 122 ? -15.206 -1.281  7.746   1.00 29.85 ? 122 GLU A CA  1 
ATOM   897  C C   . GLU A 1 122 ? -14.800 -0.541  9.059   1.00 27.26 ? 122 GLU A C   1 
ATOM   898  O O   . GLU A 1 122 ? -13.697 -0.032  9.213   1.00 25.04 ? 122 GLU A O   1 
ATOM   899  C CB  . GLU A 1 122 ? -14.879 -2.772  8.028   1.00 29.64 ? 122 GLU A CB  1 
ATOM   900  C CG  . GLU A 1 122 ? -15.279 -3.856  7.077   1.00 39.77 ? 122 GLU A CG  1 
ATOM   901  C CD  . GLU A 1 122 ? -14.389 -5.074  7.361   1.00 48.19 ? 122 GLU A CD  1 
ATOM   902  O OE1 . GLU A 1 122 ? -14.274 -5.467  8.554   1.00 53.04 ? 122 GLU A OE1 1 
ATOM   903  O OE2 . GLU A 1 122 ? -13.670 -5.551  6.444   1.00 55.61 ? 122 GLU A OE2 1 
ATOM   904  N N   . LEU A 1 123 ? -15.578 -0.807  10.133  1.00 27.16 ? 123 LEU A N   1 
ATOM   905  C CA  . LEU A 1 123 ? -15.272 -0.215  11.434  1.00 30.98 ? 123 LEU A CA  1 
ATOM   906  C C   . LEU A 1 123 ? -14.200 -1.026  12.133  1.00 27.83 ? 123 LEU A C   1 
ATOM   907  O O   . LEU A 1 123 ? -14.130 -2.230  11.975  1.00 35.45 ? 123 LEU A O   1 
ATOM   908  C CB  . LEU A 1 123 ? -16.517 -0.140  12.364  1.00 33.72 ? 123 LEU A CB  1 
ATOM   909  C CG  . LEU A 1 123 ? -17.764 0.650   11.968  1.00 38.26 ? 123 LEU A CG  1 
ATOM   910  C CD1 . LEU A 1 123 ? -18.651 0.703   13.122  1.00 38.08 ? 123 LEU A CD1 1 
ATOM   911  C CD2 . LEU A 1 123 ? -17.409 2.053   11.638  1.00 37.95 ? 123 LEU A CD2 1 
ATOM   912  N N   . PRO A 1 124 ? -13.383 -0.387  12.982  1.00 25.10 ? 124 PRO A N   1 
ATOM   913  C CA  . PRO A 1 124 ? -13.559 1.047   13.277  1.00 24.65 ? 124 PRO A CA  1 
ATOM   914  C C   . PRO A 1 124 ? -13.023 2.035   12.243  1.00 30.80 ? 124 PRO A C   1 
ATOM   915  O O   . PRO A 1 124 ? -13.210 3.228   12.405  1.00 29.65 ? 124 PRO A O   1 
ATOM   916  C CB  . PRO A 1 124 ? -12.816 1.170   14.581  1.00 30.20 ? 124 PRO A CB  1 
ATOM   917  C CG  . PRO A 1 124 ? -11.687 0.217   14.378  1.00 32.66 ? 124 PRO A CG  1 
ATOM   918  C CD  . PRO A 1 124 ? -12.302 -0.979  13.744  1.00 27.95 ? 124 PRO A CD  1 
ATOM   919  N N   . GLY A 1 125 ? -12.293 1.574   11.245  1.00 23.66 ? 125 GLY A N   1 
ATOM   920  C CA  . GLY A 1 125 ? -11.758 2.490   10.270  1.00 19.93 ? 125 GLY A CA  1 
ATOM   921  C C   . GLY A 1 125 ? -10.742 1.708   9.495   1.00 20.88 ? 125 GLY A C   1 
ATOM   922  O O   . GLY A 1 125 ? -10.460 0.531   9.800   1.00 17.82 ? 125 GLY A O   1 
ATOM   923  N N   . LEU A 1 126 ? -10.132 2.431   8.564   1.00 20.61 ? 126 LEU A N   1 
ATOM   924  C CA  . LEU A 1 126 ? -9.138  1.882   7.642   1.00 20.95 ? 126 LEU A CA  1 
ATOM   925  C C   . LEU A 1 126 ? -8.001  2.859   7.265   1.00 19.03 ? 126 LEU A C   1 
ATOM   926  O O   . LEU A 1 126 ? -8.253  4.039   6.953   1.00 18.75 ? 126 LEU A O   1 
ATOM   927  C CB  . LEU A 1 126 ? -9.857  1.484   6.332   1.00 16.61 ? 126 LEU A CB  1 
ATOM   928  C CG  . LEU A 1 126 ? -9.421  0.572   5.144   1.00 23.14 ? 126 LEU A CG  1 
ATOM   929  C CD1 . LEU A 1 126 ? -9.372  1.334   3.827   1.00 21.18 ? 126 LEU A CD1 1 
ATOM   930  C CD2 . LEU A 1 126 ? -8.262  -0.430  5.398   1.00 17.15 ? 126 LEU A CD2 1 
ATOM   931  N N   . ILE A 1 127 ? -6.759  2.350   7.288   1.00 20.38 ? 127 ILE A N   1 
ATOM   932  C CA  . ILE A 1 127 ? -5.576  3.096   6.818   1.00 17.77 ? 127 ILE A CA  1 
ATOM   933  C C   . ILE A 1 127 ? -5.281  2.418   5.449   1.00 17.64 ? 127 ILE A C   1 
ATOM   934  O O   . ILE A 1 127 ? -5.182  1.161   5.357   1.00 16.96 ? 127 ILE A O   1 
ATOM   935  C CB  . ILE A 1 127 ? -4.362  2.928   7.733   1.00 22.77 ? 127 ILE A CB  1 
ATOM   936  C CG1 . ILE A 1 127 ? -4.772  3.163   9.190   1.00 21.16 ? 127 ILE A CG1 1 
ATOM   937  C CG2 . ILE A 1 127 ? -3.219  3.881   7.248   1.00 20.19 ? 127 ILE A CG2 1 
ATOM   938  C CD1 . ILE A 1 127 ? -5.297  4.566   9.444   1.00 23.42 ? 127 ILE A CD1 1 
ATOM   939  N N   . ALA A 1 128 ? -5.275  3.223   4.376   1.00 15.02 ? 128 ALA A N   1 
ATOM   940  C CA  . ALA A 1 128 ? -5.068  2.683   3.042   1.00 15.91 ? 128 ALA A CA  1 
ATOM   941  C C   . ALA A 1 128 ? -3.849  3.349   2.369   1.00 17.20 ? 128 ALA A C   1 
ATOM   942  O O   . ALA A 1 128 ? -3.774  4.586   2.283   1.00 17.95 ? 128 ALA A O   1 
ATOM   943  C CB  . ALA A 1 128 ? -6.318  2.876   2.211   1.00 15.87 ? 128 ALA A CB  1 
ATOM   944  N N   . ASP A 1 129 ? -2.879  2.540   1.943   1.00 16.58 ? 129 ASP A N   1 
ATOM   945  C CA  . ASP A 1 129 ? -1.740  3.128   1.276   1.00 20.44 ? 129 ASP A CA  1 
ATOM   946  C C   . ASP A 1 129 ? -1.521  2.707   -0.157  1.00 13.75 ? 129 ASP A C   1 
ATOM   947  O O   . ASP A 1 129 ? -1.795  1.582   -0.535  1.00 16.54 ? 129 ASP A O   1 
ATOM   948  C CB  . ASP A 1 129 ? -0.464  3.133   2.169   1.00 26.31 ? 129 ASP A CB  1 
ATOM   949  C CG  . ASP A 1 129 ? 0.520   2.060   1.823   1.00 29.95 ? 129 ASP A CG  1 
ATOM   950  O OD1 . ASP A 1 129 ? 0.338   0.952   2.312   1.00 35.86 ? 129 ASP A OD1 1 
ATOM   951  O OD2 . ASP A 1 129 ? 1.485   2.358   1.096   1.00 27.81 ? 129 ASP A OD2 1 
ATOM   952  N N   . GLY A 1 130 ? -1.130  3.684   -0.972  1.00 14.52 ? 130 GLY A N   1 
ATOM   953  C CA  . GLY A 1 130 ? -0.890  3.430   -2.371  1.00 17.42 ? 130 GLY A CA  1 
ATOM   954  C C   . GLY A 1 130 ? -0.530  4.680   -3.155  1.00 16.46 ? 130 GLY A C   1 
ATOM   955  O O   . GLY A 1 130 ? 0.212   5.545   -2.634  1.00 17.58 ? 130 GLY A O   1 
ATOM   956  N N   . ARG A 1 131 ? -0.983  4.728   -4.419  1.00 16.09 ? 131 ARG A N   1 
ATOM   957  C CA  . ARG A 1 131 ? -0.699  5.838   -5.346  1.00 25.98 ? 131 ARG A CA  1 
ATOM   958  C C   . ARG A 1 131 ? -1.919  6.671   -5.727  1.00 25.01 ? 131 ARG A C   1 
ATOM   959  O O   . ARG A 1 131 ? -1.784  7.913   -5.929  1.00 20.44 ? 131 ARG A O   1 
ATOM   960  C CB  . ARG A 1 131 ? -0.033  5.340   -6.631  1.00 30.06 ? 131 ARG A CB  1 
ATOM   961  C CG  . ARG A 1 131 ? 1.390   4.847   -6.456  1.00 41.64 ? 131 ARG A CG  1 
ATOM   962  C CD  . ARG A 1 131 ? 1.885   4.257   -7.777  1.00 51.36 ? 131 ARG A CD  1 
ATOM   963  N NE  . ARG A 1 131 ? 2.287   5.301   -8.728  1.00 60.20 ? 131 ARG A NE  1 
ATOM   964  C CZ  . ARG A 1 131 ? 1.561   5.718   -9.769  1.00 64.52 ? 131 ARG A CZ  1 
ATOM   965  N NH1 . ARG A 1 131 ? 0.369   5.185   -10.027 1.00 64.82 ? 131 ARG A NH1 1 
ATOM   966  N NH2 . ARG A 1 131 ? 2.044   6.668   -10.569 1.00 66.56 ? 131 ARG A NH2 1 
ATOM   967  N N   . ASP A 1 132 ? -3.092  6.017   -5.747  1.00 16.74 ? 132 ASP A N   1 
ATOM   968  C CA  . ASP A 1 132 ? -4.318  6.720   -6.112  1.00 19.57 ? 132 ASP A CA  1 
ATOM   969  C C   . ASP A 1 132 ? -5.459  6.414   -5.120  1.00 19.29 ? 132 ASP A C   1 
ATOM   970  O O   . ASP A 1 132 ? -6.657  6.310   -5.488  1.00 14.55 ? 132 ASP A O   1 
ATOM   971  C CB  . ASP A 1 132 ? -4.681  6.323   -7.532  1.00 21.85 ? 132 ASP A CB  1 
ATOM   972  C CG  . ASP A 1 132 ? -4.907  4.811   -7.684  1.00 26.39 ? 132 ASP A CG  1 
ATOM   973  O OD1 . ASP A 1 132 ? -4.733  4.034   -6.727  1.00 27.90 ? 132 ASP A OD1 1 
ATOM   974  O OD2 . ASP A 1 132 ? -5.273  4.392   -8.792  1.00 32.15 ? 132 ASP A OD2 1 
ATOM   975  N N   . MET A 1 133 ? -5.073  6.329   -3.850  1.00 17.67 ? 133 MET A N   1 
ATOM   976  C CA  . MET A 1 133 ? -6.012  6.028   -2.775  1.00 19.29 ? 133 MET A CA  1 
ATOM   977  C C   . MET A 1 133 ? -6.982  7.185   -2.539  1.00 20.80 ? 133 MET A C   1 
ATOM   978  O O   . MET A 1 133 ? -8.221  6.987   -2.534  1.00 20.95 ? 133 MET A O   1 
ATOM   979  C CB  . MET A 1 133 ? -5.272  5.656   -1.468  1.00 17.46 ? 133 MET A CB  1 
ATOM   980  C CG  . MET A 1 133 ? -4.441  4.364   -1.591  1.00 20.59 ? 133 MET A CG  1 
ATOM   981  S SD  . MET A 1 133 ? -5.203  2.928   -2.487  1.00 30.12 ? 133 MET A SD  1 
ATOM   982  C CE  . MET A 1 133 ? -6.138  2.634   -1.373  1.00 12.69 ? 133 MET A CE  1 
ATOM   983  N N   . GLY A 1 134 ? -6.464  8.394   -2.479  1.00 15.46 ? 134 GLY A N   1 
ATOM   984  C CA  . GLY A 1 134 ? -7.340  9.500   -2.201  1.00 17.28 ? 134 GLY A CA  1 
ATOM   985  C C   . GLY A 1 134 ? -7.977  10.080  -3.424  1.00 20.61 ? 134 GLY A C   1 
ATOM   986  O O   . GLY A 1 134 ? -8.867  10.901  -3.257  1.00 22.10 ? 134 GLY A O   1 
ATOM   987  N N   . THR A 1 135 ? -7.564  9.678   -4.628  1.00 19.37 ? 135 THR A N   1 
ATOM   988  C CA  . THR A 1 135 ? -8.133  10.287  -5.826  1.00 20.33 ? 135 THR A CA  1 
ATOM   989  C C   . THR A 1 135 ? -9.067  9.387   -6.560  1.00 23.84 ? 135 THR A C   1 
ATOM   990  O O   . THR A 1 135 ? -9.997  9.850   -7.189  1.00 29.02 ? 135 THR A O   1 
ATOM   991  C CB  . THR A 1 135 ? -7.067  10.666  -6.830  1.00 19.26 ? 135 THR A CB  1 
ATOM   992  O OG1 . THR A 1 135 ? -6.161  9.573   -6.900  1.00 22.11 ? 135 THR A OG1 1 
ATOM   993  C CG2 . THR A 1 135 ? -6.295  11.964  -6.437  1.00 19.21 ? 135 THR A CG2 1 
ATOM   994  N N   . VAL A 1 136 ? -8.811  8.090   -6.510  1.00 21.17 ? 136 VAL A N   1 
ATOM   995  C CA  . VAL A 1 136 ? -9.616  7.106   -7.228  1.00 19.57 ? 136 VAL A CA  1 
ATOM   996  C C   . VAL A 1 136 ? -10.379 6.080   -6.375  1.00 23.53 ? 136 VAL A C   1 
ATOM   997  O O   . VAL A 1 136 ? -11.592 5.846   -6.583  1.00 22.79 ? 136 VAL A O   1 
ATOM   998  C CB  . VAL A 1 136 ? -8.724  6.335   -8.266  1.00 20.95 ? 136 VAL A CB  1 
ATOM   999  C CG1 . VAL A 1 136 ? -9.454  5.134   -8.855  1.00 21.61 ? 136 VAL A CG1 1 
ATOM   1000 C CG2 . VAL A 1 136 ? -8.342  7.276   -9.379  1.00 21.04 ? 136 VAL A CG2 1 
ATOM   1001 N N   . VAL A 1 137 ? -9.688  5.428   -5.440  1.00 16.95 ? 137 VAL A N   1 
ATOM   1002 C CA  . VAL A 1 137 ? -10.325 4.416   -4.661  1.00 15.25 ? 137 VAL A CA  1 
ATOM   1003 C C   . VAL A 1 137 ? -11.265 4.965   -3.595  1.00 17.93 ? 137 VAL A C   1 
ATOM   1004 O O   . VAL A 1 137 ? -12.390 4.498   -3.497  1.00 16.51 ? 137 VAL A O   1 
ATOM   1005 C CB  . VAL A 1 137 ? -9.308  3.464   -4.038  1.00 15.84 ? 137 VAL A CB  1 
ATOM   1006 C CG1 . VAL A 1 137 ? -10.015 2.299   -3.414  1.00 13.16 ? 137 VAL A CG1 1 
ATOM   1007 C CG2 . VAL A 1 137 ? -8.352  2.962   -5.111  1.00 15.24 ? 137 VAL A CG2 1 
ATOM   1008 N N   . PHE A 1 138 ? -10.851 6.008   -2.871  1.00 14.99 ? 138 PHE A N   1 
ATOM   1009 C CA  . PHE A 1 138 ? -11.665 6.576   -1.791  1.00 16.56 ? 138 PHE A CA  1 
ATOM   1010 C C   . PHE A 1 138 ? -11.623 8.093   -1.904  1.00 16.02 ? 138 PHE A C   1 
ATOM   1011 O O   . PHE A 1 138 ? -11.005 8.780   -1.063  1.00 15.63 ? 138 PHE A O   1 
ATOM   1012 C CB  . PHE A 1 138 ? -11.106 6.156   -0.423  1.00 15.90 ? 138 PHE A CB  1 
ATOM   1013 C CG  . PHE A 1 138 ? -11.063 4.653   -0.192  1.00 19.73 ? 138 PHE A CG  1 
ATOM   1014 C CD1 . PHE A 1 138 ? -12.235 3.924   0.114   1.00 20.59 ? 138 PHE A CD1 1 
ATOM   1015 C CD2 . PHE A 1 138 ? -9.844  3.977   -0.181  1.00 18.11 ? 138 PHE A CD2 1 
ATOM   1016 C CE1 . PHE A 1 138 ? -12.183 2.547   0.434   1.00 19.98 ? 138 PHE A CE1 1 
ATOM   1017 C CE2 . PHE A 1 138 ? -9.782  2.624   0.133   1.00 18.94 ? 138 PHE A CE2 1 
ATOM   1018 C CZ  . PHE A 1 138 ? -10.955 1.894   0.445   1.00 18.86 ? 138 PHE A CZ  1 
ATOM   1019 N N   . PRO A 1 139 ? -12.292 8.652   -2.934  1.00 16.71 ? 139 PRO A N   1 
ATOM   1020 C CA  . PRO A 1 139 ? -12.329 10.100  -3.174  1.00 18.90 ? 139 PRO A CA  1 
ATOM   1021 C C   . PRO A 1 139 ? -13.056 10.887  -2.098  1.00 18.12 ? 139 PRO A C   1 
ATOM   1022 O O   . PRO A 1 139 ? -12.805 12.068  -1.914  1.00 19.00 ? 139 PRO A O   1 
ATOM   1023 C CB  . PRO A 1 139 ? -12.962 10.222  -4.565  1.00 19.33 ? 139 PRO A CB  1 
ATOM   1024 C CG  . PRO A 1 139 ? -13.739 8.997   -4.698  1.00 20.35 ? 139 PRO A CG  1 
ATOM   1025 C CD  . PRO A 1 139 ? -12.965 7.911   -4.013  1.00 17.88 ? 139 PRO A CD  1 
ATOM   1026 N N   . ASP A 1 140 ? -13.858 10.196  -1.304  1.00 17.18 ? 140 ASP A N   1 
ATOM   1027 C CA  . ASP A 1 140 ? -14.586 10.830  -0.238  1.00 22.06 ? 140 ASP A CA  1 
ATOM   1028 C C   . ASP A 1 140 ? -13.914 10.688  1.122   1.00 22.51 ? 140 ASP A C   1 
ATOM   1029 O O   . ASP A 1 140 ? -14.511 11.053  2.140   1.00 19.48 ? 140 ASP A O   1 
ATOM   1030 C CB  . ASP A 1 140 ? -16.003 10.251  -0.178  1.00 28.58 ? 140 ASP A CB  1 
ATOM   1031 C CG  . ASP A 1 140 ? -16.014 8.759   0.119   1.00 38.76 ? 140 ASP A CG  1 
ATOM   1032 O OD1 . ASP A 1 140 ? -15.203 7.972   -0.478  1.00 39.72 ? 140 ASP A OD1 1 
ATOM   1033 O OD2 . ASP A 1 140 ? -16.869 8.356   0.935   1.00 43.41 ? 140 ASP A OD2 1 
ATOM   1034 N N   . ALA A 1 141 ? -12.670 10.213  1.179   1.00 19.91 ? 141 ALA A N   1 
ATOM   1035 C CA  . ALA A 1 141 ? -12.029 10.038  2.482   1.00 15.83 ? 141 ALA A CA  1 
ATOM   1036 C C   . ALA A 1 141 ? -11.955 11.310  3.315   1.00 14.52 ? 141 ALA A C   1 
ATOM   1037 O O   . ALA A 1 141 ? -11.644 12.378  2.785   1.00 17.43 ? 141 ALA A O   1 
ATOM   1038 C CB  . ALA A 1 141 ? -10.625 9.436   2.295   1.00 17.88 ? 141 ALA A CB  1 
ATOM   1039 N N   . PRO A 1 142 ? -12.273 11.225  4.623   1.00 18.59 ? 142 PRO A N   1 
ATOM   1040 C CA  . PRO A 1 142 ? -12.218 12.392  5.490   1.00 18.75 ? 142 PRO A CA  1 
ATOM   1041 C C   . PRO A 1 142 ? -10.761 12.889  5.734   1.00 24.17 ? 142 PRO A C   1 
ATOM   1042 O O   . PRO A 1 142 ? -10.548 14.091  5.937   1.00 25.13 ? 142 PRO A O   1 
ATOM   1043 C CB  . PRO A 1 142 ? -12.899 11.902  6.782   1.00 18.42 ? 142 PRO A CB  1 
ATOM   1044 C CG  . PRO A 1 142 ? -12.626 10.459  6.814   1.00 18.42 ? 142 PRO A CG  1 
ATOM   1045 C CD  . PRO A 1 142 ? -12.836 10.078  5.361   1.00 16.11 ? 142 PRO A CD  1 
ATOM   1046 N N   . VAL A 1 143 ? -9.762  11.997  5.724   1.00 17.89 ? 143 VAL A N   1 
ATOM   1047 C CA  . VAL A 1 143 ? -8.372  12.447  5.954   1.00 17.33 ? 143 VAL A CA  1 
ATOM   1048 C C   . VAL A 1 143 ? -7.537  11.886  4.808   1.00 18.25 ? 143 VAL A C   1 
ATOM   1049 O O   . VAL A 1 143 ? -7.610  10.708  4.505   1.00 17.48 ? 143 VAL A O   1 
ATOM   1050 C CB  . VAL A 1 143 ? -7.818  11.971  7.300   1.00 21.65 ? 143 VAL A CB  1 
ATOM   1051 C CG1 . VAL A 1 143 ? -6.412  12.562  7.518   1.00 21.10 ? 143 VAL A CG1 1 
ATOM   1052 C CG2 . VAL A 1 143 ? -8.747  12.399  8.466   1.00 21.66 ? 143 VAL A CG2 1 
ATOM   1053 N N   . LYS A 1 144 ? -6.831  12.776  4.121   1.00 16.24 ? 144 LYS A N   1 
ATOM   1054 C CA  . LYS A 1 144 ? -6.023  12.430  2.960   1.00 16.91 ? 144 LYS A CA  1 
ATOM   1055 C C   . LYS A 1 144 ? -4.662  13.031  3.163   1.00 16.49 ? 144 LYS A C   1 
ATOM   1056 O O   . LYS A 1 144 ? -4.563  14.199  3.397   1.00 14.71 ? 144 LYS A O   1 
ATOM   1057 C CB  . LYS A 1 144 ? -6.601  12.998  1.653   1.00 14.96 ? 144 LYS A CB  1 
ATOM   1058 C CG  . LYS A 1 144 ? -7.909  12.338  1.217   1.00 13.99 ? 144 LYS A CG  1 
ATOM   1059 C CD  . LYS A 1 144 ? -8.412  12.846  -0.135  1.00 16.35 ? 144 LYS A CD  1 
ATOM   1060 C CE  . LYS A 1 144 ? -9.840  12.365  -0.431  1.00 18.03 ? 144 LYS A CE  1 
ATOM   1061 N NZ  . LYS A 1 144 ? -10.224 12.994  -1.716  1.00 21.89 ? 144 LYS A NZ  1 
ATOM   1062 N N   . ILE A 1 145 ? -3.625  12.205  3.058   1.00 15.84 ? 145 ILE A N   1 
ATOM   1063 C CA  . ILE A 1 145 ? -2.237  12.646  3.238   1.00 15.90 ? 145 ILE A CA  1 
ATOM   1064 C C   . ILE A 1 145 ? -1.415  12.260  1.991   1.00 16.41 ? 145 ILE A C   1 
ATOM   1065 O O   . ILE A 1 145 ? -1.546  11.131  1.450   1.00 17.69 ? 145 ILE A O   1 
ATOM   1066 C CB  . ILE A 1 145 ? -1.612  11.969  4.478   1.00 19.10 ? 145 ILE A CB  1 
ATOM   1067 C CG1 . ILE A 1 145 ? -2.338  12.383  5.761   1.00 17.34 ? 145 ILE A CG1 1 
ATOM   1068 C CG2 . ILE A 1 145 ? -0.071  12.263  4.575   1.00 18.73 ? 145 ILE A CG2 1 
ATOM   1069 C CD1 . ILE A 1 145 ? -2.155  11.360  6.894   1.00 25.38 ? 145 ILE A CD1 1 
ATOM   1070 N N   . PHE A 1 146 ? -0.629  13.218  1.497   1.00 17.51 ? 146 PHE A N   1 
ATOM   1071 C CA  . PHE A 1 146 ? 0.259   12.937  0.387   1.00 18.30 ? 146 PHE A CA  1 
ATOM   1072 C C   . PHE A 1 146 ? 1.696   13.095  0.982   1.00 21.93 ? 146 PHE A C   1 
ATOM   1073 O O   . PHE A 1 146 ? 2.021   14.136  1.562   1.00 17.97 ? 146 PHE A O   1 
ATOM   1074 C CB  . PHE A 1 146 ? 0.039   13.884  -0.776  1.00 19.17 ? 146 PHE A CB  1 
ATOM   1075 C CG  . PHE A 1 146 ? 0.820   13.490  -2.000  1.00 20.03 ? 146 PHE A CG  1 
ATOM   1076 C CD1 . PHE A 1 146 ? 2.133   13.962  -2.183  1.00 21.00 ? 146 PHE A CD1 1 
ATOM   1077 C CD2 . PHE A 1 146 ? 0.260   12.625  -2.932  1.00 19.28 ? 146 PHE A CD2 1 
ATOM   1078 C CE1 . PHE A 1 146 ? 2.858   13.553  -3.297  1.00 22.47 ? 146 PHE A CE1 1 
ATOM   1079 C CE2 . PHE A 1 146 ? 0.960   12.222  -4.035  1.00 22.47 ? 146 PHE A CE2 1 
ATOM   1080 C CZ  . PHE A 1 146 ? 2.265   12.681  -4.222  1.00 21.90 ? 146 PHE A CZ  1 
ATOM   1081 N N   . LEU A 1 147 ? 2.507   12.049  0.835   1.00 19.20 ? 147 LEU A N   1 
ATOM   1082 C CA  . LEU A 1 147 ? 3.836   12.003  1.385   1.00 19.97 ? 147 LEU A CA  1 
ATOM   1083 C C   . LEU A 1 147 ? 4.848   12.144  0.279   1.00 21.93 ? 147 LEU A C   1 
ATOM   1084 O O   . LEU A 1 147 ? 4.888   11.365  -0.671  1.00 24.93 ? 147 LEU A O   1 
ATOM   1085 C CB  . LEU A 1 147 ? 4.048   10.672  2.071   1.00 21.26 ? 147 LEU A CB  1 
ATOM   1086 C CG  . LEU A 1 147 ? 4.548   10.540  3.502   1.00 30.43 ? 147 LEU A CG  1 
ATOM   1087 C CD1 . LEU A 1 147 ? 5.168   9.109   3.657   1.00 26.94 ? 147 LEU A CD1 1 
ATOM   1088 C CD2 . LEU A 1 147 ? 5.540   11.659  3.939   1.00 32.38 ? 147 LEU A CD2 1 
ATOM   1089 N N   . ASP A 1 148 ? 5.627   13.191  0.383   1.00 23.69 ? 148 ASP A N   1 
ATOM   1090 C CA  . ASP A 1 148 ? 6.661   13.434  -0.585  1.00 32.75 ? 148 ASP A CA  1 
ATOM   1091 C C   . ASP A 1 148 ? 8.022   13.262  0.087   1.00 28.86 ? 148 ASP A C   1 
ATOM   1092 O O   . ASP A 1 148 ? 8.141   13.341  1.319   1.00 31.30 ? 148 ASP A O   1 
ATOM   1093 C CB  . ASP A 1 148 ? 6.536   14.854  -1.121  1.00 35.85 ? 148 ASP A CB  1 
ATOM   1094 C CG  . ASP A 1 148 ? 7.253   15.047  -2.454  1.00 45.58 ? 148 ASP A CG  1 
ATOM   1095 O OD1 . ASP A 1 148 ? 7.514   14.062  -3.192  1.00 41.19 ? 148 ASP A OD1 1 
ATOM   1096 O OD2 . ASP A 1 148 ? 7.555   16.214  -2.757  1.00 53.57 ? 148 ASP A OD2 1 
ATOM   1097 N N   . ALA A 1 149 ? 9.039   12.987  -0.716  1.00 27.50 ? 149 ALA A N   1 
ATOM   1098 C CA  . ALA A 1 149 ? 10.405  12.856  -0.181  1.00 26.58 ? 149 ALA A CA  1 
ATOM   1099 C C   . ALA A 1 149 ? 11.410  13.168  -1.298  1.00 28.03 ? 149 ALA A C   1 
ATOM   1100 O O   . ALA A 1 149 ? 11.084  13.085  -2.526  1.00 25.43 ? 149 ALA A O   1 
ATOM   1101 C CB  . ALA A 1 149 ? 10.656  11.460  0.389   1.00 21.53 ? 149 ALA A CB  1 
ATOM   1102 N N   . SER A 1 150 ? 12.619  13.542  -0.861  1.00 27.46 ? 150 SER A N   1 
ATOM   1103 C CA  . SER A 1 150 ? 13.717  13.859  -1.782  1.00 28.65 ? 150 SER A CA  1 
ATOM   1104 C C   . SER A 1 150 ? 14.215  12.573  -2.431  1.00 23.55 ? 150 SER A C   1 
ATOM   1105 O O   . SER A 1 150 ? 14.083  11.488  -1.866  1.00 21.17 ? 150 SER A O   1 
ATOM   1106 C CB  . SER A 1 150 ? 14.901  14.539  -1.031  1.00 25.51 ? 150 SER A CB  1 
ATOM   1107 O OG  . SER A 1 150 ? 15.555  13.624  -0.162  1.00 26.34 ? 150 SER A OG  1 
ATOM   1108 N N   . SER A 1 151 ? 14.872  12.723  -3.574  1.00 24.63 ? 151 SER A N   1 
ATOM   1109 C CA  . SER A 1 151 ? 15.443  11.561  -4.271  1.00 30.22 ? 151 SER A CA  1 
ATOM   1110 C C   . SER A 1 151 ? 16.416  10.771  -3.380  1.00 23.64 ? 151 SER A C   1 
ATOM   1111 O O   . SER A 1 151 ? 16.393  9.563   -3.357  1.00 27.61 ? 151 SER A O   1 
ATOM   1112 C CB  . SER A 1 151 ? 16.166  12.036  -5.521  1.00 33.93 ? 151 SER A CB  1 
ATOM   1113 O OG  . SER A 1 151 ? 15.269  12.741  -6.364  1.00 45.32 ? 151 SER A OG  1 
ATOM   1114 N N   . GLU A 1 152 ? 17.266  11.467  -2.644  1.00 21.17 ? 152 GLU A N   1 
ATOM   1115 C CA  . GLU A 1 152 ? 18.201  10.807  -1.745  1.00 20.22 ? 152 GLU A CA  1 
ATOM   1116 C C   . GLU A 1 152 ? 17.497  9.960   -0.710  1.00 21.63 ? 152 GLU A C   1 
ATOM   1117 O O   . GLU A 1 152 ? 17.957  8.859   -0.403  1.00 21.55 ? 152 GLU A O   1 
ATOM   1118 C CB  . GLU A 1 152 ? 19.112  11.804  -1.022  1.00 23.40 ? 152 GLU A CB  1 
ATOM   1119 C CG  . GLU A 1 152 ? 20.104  12.476  -1.942  1.00 26.26 ? 152 GLU A CG  1 
ATOM   1120 C CD  . GLU A 1 152 ? 19.530  13.692  -2.645  1.00 31.32 ? 152 GLU A CD  1 
ATOM   1121 O OE1 . GLU A 1 152 ? 18.364  14.044  -2.434  1.00 28.01 ? 152 GLU A OE1 1 
ATOM   1122 O OE2 . GLU A 1 152 ? 20.278  14.325  -3.398  1.00 32.53 ? 152 GLU A OE2 1 
ATOM   1123 N N   . GLU A 1 153 ? 16.476  10.513  -0.060  1.00 19.12 ? 153 GLU A N   1 
ATOM   1124 C CA  . GLU A 1 153 ? 15.686  9.765   0.932   1.00 22.83 ? 153 GLU A CA  1 
ATOM   1125 C C   . GLU A 1 153 ? 15.102  8.497   0.261   1.00 21.67 ? 153 GLU A C   1 
ATOM   1126 O O   . GLU A 1 153 ? 15.083  7.423   0.848   1.00 18.49 ? 153 GLU A O   1 
ATOM   1127 C CB  . GLU A 1 153 ? 14.493  10.619  1.392   1.00 31.58 ? 153 GLU A CB  1 
ATOM   1128 C CG  . GLU A 1 153 ? 13.869  10.175  2.690   1.00 46.55 ? 153 GLU A CG  1 
ATOM   1129 C CD  . GLU A 1 153 ? 14.747  10.499  3.875   1.00 51.97 ? 153 GLU A CD  1 
ATOM   1130 O OE1 . GLU A 1 153 ? 15.447  11.534  3.852   1.00 51.67 ? 153 GLU A OE1 1 
ATOM   1131 O OE2 . GLU A 1 153 ? 14.772  9.671   4.837   1.00 54.54 ? 153 GLU A OE2 1 
ATOM   1132 N N   . ARG A 1 154 ? 14.533  8.686   -0.933  1.00 20.31 ? 154 ARG A N   1 
ATOM   1133 C CA  . ARG A 1 154 ? 13.934  7.601   -1.673  1.00 20.48 ? 154 ARG A CA  1 
ATOM   1134 C C   . ARG A 1 154 ? 15.004  6.602   -2.121  1.00 19.12 ? 154 ARG A C   1 
ATOM   1135 O O   . ARG A 1 154 ? 14.785  5.388   -2.015  1.00 20.58 ? 154 ARG A O   1 
ATOM   1136 C CB  . ARG A 1 154 ? 13.127  8.162   -2.868  1.00 19.23 ? 154 ARG A CB  1 
ATOM   1137 C CG  . ARG A 1 154 ? 11.910  9.057   -2.490  1.00 19.19 ? 154 ARG A CG  1 
ATOM   1138 C CD  . ARG A 1 154 ? 11.299  9.672   -3.750  1.00 20.41 ? 154 ARG A CD  1 
ATOM   1139 N NE  . ARG A 1 154 ? 10.801  8.598   -4.583  1.00 24.07 ? 154 ARG A NE  1 
ATOM   1140 C CZ  . ARG A 1 154 ? 10.687  8.671   -5.898  1.00 27.38 ? 154 ARG A CZ  1 
ATOM   1141 N NH1 . ARG A 1 154 ? 11.043  9.784   -6.525  1.00 31.45 ? 154 ARG A NH1 1 
ATOM   1142 N NH2 . ARG A 1 154 ? 10.205  7.640   -6.581  1.00 27.84 ? 154 ARG A NH2 1 
ATOM   1143 N N   . ALA A 1 155 ? 16.143  7.092   -2.614  1.00 19.37 ? 155 ALA A N   1 
ATOM   1144 C CA  . ALA A 1 155 ? 17.208  6.175   -3.025  1.00 20.33 ? 155 ALA A CA  1 
ATOM   1145 C C   . ALA A 1 155 ? 17.686  5.336   -1.779  1.00 22.07 ? 155 ALA A C   1 
ATOM   1146 O O   . ALA A 1 155 ? 17.859  4.117   -1.872  1.00 25.35 ? 155 ALA A O   1 
ATOM   1147 C CB  . ALA A 1 155 ? 18.340  6.940   -3.659  1.00 17.63 ? 155 ALA A CB  1 
ATOM   1148 N N   . HIS A 1 156 ? 17.823  5.948   -0.599  1.00 18.24 ? 156 HIS A N   1 
ATOM   1149 C CA  . HIS A 1 156 ? 18.254  5.205   0.572   1.00 18.19 ? 156 HIS A CA  1 
ATOM   1150 C C   . HIS A 1 156 ? 17.274  4.112   0.972   1.00 21.95 ? 156 HIS A C   1 
ATOM   1151 O O   . HIS A 1 156 ? 17.652  2.973   1.368   1.00 19.53 ? 156 HIS A O   1 
ATOM   1152 C CB  . HIS A 1 156 ? 18.512  6.148   1.757   1.00 17.72 ? 156 HIS A CB  1 
ATOM   1153 C CG  . HIS A 1 156 ? 18.944  5.435   3.005   1.00 25.97 ? 156 HIS A CG  1 
ATOM   1154 N ND1 . HIS A 1 156 ? 20.247  5.002   3.209   1.00 30.09 ? 156 HIS A ND1 1 
ATOM   1155 C CD2 . HIS A 1 156 ? 18.241  5.021   4.096   1.00 23.47 ? 156 HIS A CD2 1 
ATOM   1156 C CE1 . HIS A 1 156 ? 20.317  4.341   4.354   1.00 25.23 ? 156 HIS A CE1 1 
ATOM   1157 N NE2 . HIS A 1 156 ? 19.125  4.340   4.912   1.00 28.43 ? 156 HIS A NE2 1 
ATOM   1158 N N   . ARG A 1 157 ? 15.999  4.450   0.937   1.00 22.75 ? 157 ARG A N   1 
ATOM   1159 C CA  . ARG A 1 157 ? 14.978  3.467   1.311   1.00 26.23 ? 157 ARG A CA  1 
ATOM   1160 C C   . ARG A 1 157 ? 14.995  2.228   0.365   1.00 25.07 ? 157 ARG A C   1 
ATOM   1161 O O   . ARG A 1 157 ? 14.878  1.077   0.811   1.00 22.97 ? 157 ARG A O   1 
ATOM   1162 C CB  . ARG A 1 157 ? 13.616  4.172   1.360   1.00 28.97 ? 157 ARG A CB  1 
ATOM   1163 C CG  . ARG A 1 157 ? 12.796  3.731   2.521   1.00 35.74 ? 157 ARG A CG  1 
ATOM   1164 C CD  . ARG A 1 157 ? 11.527  4.560   2.679   1.00 33.76 ? 157 ARG A CD  1 
ATOM   1165 N NE  . ARG A 1 157 ? 11.535  5.370   3.897   1.00 31.03 ? 157 ARG A NE  1 
ATOM   1166 C CZ  . ARG A 1 157 ? 11.722  6.685   3.911   1.00 30.44 ? 157 ARG A CZ  1 
ATOM   1167 N NH1 . ARG A 1 157 ? 11.926  7.340   2.769   1.00 28.76 ? 157 ARG A NH1 1 
ATOM   1168 N NH2 . ARG A 1 157 ? 11.639  7.354   5.062   1.00 36.98 ? 157 ARG A NH2 1 
ATOM   1169 N N   . ARG A 1 158 ? 15.225  2.473   -0.921  1.00 25.03 ? 158 ARG A N   1 
ATOM   1170 C CA  . ARG A 1 158 ? 15.298  1.404   -1.909  1.00 31.21 ? 158 ARG A CA  1 
ATOM   1171 C C   . ARG A 1 158 ? 16.515  0.502   -1.657  1.00 30.86 ? 158 ARG A C   1 
ATOM   1172 O O   . ARG A 1 158 ? 16.441  -0.730  -1.864  1.00 28.66 ? 158 ARG A O   1 
ATOM   1173 C CB  . ARG A 1 158 ? 15.459  1.974   -3.293  1.00 34.50 ? 158 ARG A CB  1 
ATOM   1174 C CG  . ARG A 1 158 ? 15.168  0.959   -4.358  1.00 47.28 ? 158 ARG A CG  1 
ATOM   1175 C CD  . ARG A 1 158 ? 13.653  0.723   -4.384  1.00 56.67 ? 158 ARG A CD  1 
ATOM   1176 N NE  . ARG A 1 158 ? 13.293  -0.544  -4.998  1.00 61.36 ? 158 ARG A NE  1 
ATOM   1177 C CZ  . ARG A 1 158 ? 12.676  -1.529  -4.357  1.00 64.41 ? 158 ARG A CZ  1 
ATOM   1178 N NH1 . ARG A 1 158 ? 12.341  -1.401  -3.074  1.00 63.37 ? 158 ARG A NH1 1 
ATOM   1179 N NH2 . ARG A 1 158 ? 12.413  -2.660  -4.999  1.00 68.03 ? 158 ARG A NH2 1 
ATOM   1180 N N   . MET A 1 159 ? 17.656  1.140   -1.374  1.00 27.05 ? 159 MET A N   1 
ATOM   1181 C CA  . MET A 1 159 ? 18.893  0.437   -1.046  1.00 29.15 ? 159 MET A CA  1 
ATOM   1182 C C   . MET A 1 159 ? 18.664  -0.496  0.159   1.00 32.21 ? 159 MET A C   1 
ATOM   1183 O O   . MET A 1 159 ? 19.046  -1.664  0.102   1.00 36.65 ? 159 MET A O   1 
ATOM   1184 C CB  . MET A 1 159 ? 20.009  1.423   -0.766  1.00 26.47 ? 159 MET A CB  1 
ATOM   1185 C CG  . MET A 1 159 ? 21.356  0.777   -0.529  1.00 30.00 ? 159 MET A CG  1 
ATOM   1186 S SD  . MET A 1 159 ? 22.660  2.029   -0.239  1.00 32.49 ? 159 MET A SD  1 
ATOM   1187 C CE  . MET A 1 159 ? 22.303  2.419   1.493   1.00 30.05 ? 159 MET A CE  1 
ATOM   1188 N N   . LEU A 1 160 ? 17.999  -0.052  1.229   1.00 30.80 ? 160 LEU A N   1 
ATOM   1189 C CA  . LEU A 1 160 ? 17.765  -1.006  2.326   1.00 35.12 ? 160 LEU A CA  1 
ATOM   1190 C C   . LEU A 1 160 ? 16.775  -2.102  1.937   1.00 39.21 ? 160 LEU A C   1 
ATOM   1191 O O   . LEU A 1 160 ? 16.859  -3.216  2.427   1.00 38.42 ? 160 LEU A O   1 
ATOM   1192 C CB  . LEU A 1 160 ? 17.192  -0.346  3.566   1.00 35.53 ? 160 LEU A CB  1 
ATOM   1193 C CG  . LEU A 1 160 ? 17.800  0.938   4.076   1.00 39.78 ? 160 LEU A CG  1 
ATOM   1194 C CD1 . LEU A 1 160 ? 17.101  1.318   5.389   1.00 38.77 ? 160 LEU A CD1 1 
ATOM   1195 C CD2 . LEU A 1 160 ? 19.293  0.715   4.243   1.00 43.32 ? 160 LEU A CD2 1 
ATOM   1196 N N   . GLN A 1 161 ? 15.799  -1.770  1.099   1.00 45.93 ? 161 GLN A N   1 
ATOM   1197 C CA  . GLN A 1 161 ? 14.770  -2.719  0.660   1.00 53.75 ? 161 GLN A CA  1 
ATOM   1198 C C   . GLN A 1 161 ? 15.337  -3.893  -0.112  1.00 51.11 ? 161 GLN A C   1 
ATOM   1199 O O   . GLN A 1 161 ? 14.877  -5.038  0.063   1.00 49.13 ? 161 GLN A O   1 
ATOM   1200 C CB  . GLN A 1 161 ? 13.699  -1.994  -0.165  1.00 61.32 ? 161 GLN A CB  1 
ATOM   1201 C CG  . GLN A 1 161 ? 12.893  -1.000  0.710   1.00 77.72 ? 161 GLN A CG  1 
ATOM   1202 C CD  . GLN A 1 161 ? 11.564  -0.545  0.094   1.00 84.38 ? 161 GLN A CD  1 
ATOM   1203 O OE1 . GLN A 1 161 ? 11.119  -1.118  -0.914  1.00 88.65 ? 161 GLN A OE1 1 
ATOM   1204 N NE2 . GLN A 1 161 ? 10.904  0.460   0.719   1.00 84.66 ? 161 GLN A NE2 1 
ATOM   1205 N N   . LEU A 1 162 ? 16.315  -3.592  -0.970  1.00 48.02 ? 162 LEU A N   1 
ATOM   1206 C CA  . LEU A 1 162 ? 16.992  -4.587  -1.795  1.00 47.44 ? 162 LEU A CA  1 
ATOM   1207 C C   . LEU A 1 162 ? 18.012  -5.403  -0.978  1.00 46.92 ? 162 LEU A C   1 
ATOM   1208 O O   . LEU A 1 162 ? 18.087  -6.642  -1.147  1.00 41.27 ? 162 LEU A O   1 
ATOM   1209 C CB  . LEU A 1 162 ? 17.700  -3.916  -2.984  1.00 47.43 ? 162 LEU A CB  1 
ATOM   1210 C CG  . LEU A 1 162 ? 16.919  -3.084  -4.008  1.00 49.41 ? 162 LEU A CG  1 
ATOM   1211 C CD1 . LEU A 1 162 ? 17.832  -2.794  -5.179  1.00 48.22 ? 162 LEU A CD1 1 
ATOM   1212 C CD2 . LEU A 1 162 ? 15.688  -3.829  -4.489  1.00 51.55 ? 162 LEU A CD2 1 
ATOM   1213 N N   . GLN A 1 163 ? 18.788  -4.723  -0.111  1.00 43.16 ? 163 GLN A N   1 
ATOM   1214 C CA  . GLN A 1 163 ? 19.775  -5.411  0.736   1.00 45.74 ? 163 GLN A CA  1 
ATOM   1215 C C   . GLN A 1 163 ? 19.052  -6.552  1.438   1.00 47.84 ? 163 GLN A C   1 
ATOM   1216 O O   . GLN A 1 163 ? 19.622  -7.624  1.619   1.00 45.71 ? 163 GLN A O   1 
ATOM   1217 C CB  . GLN A 1 163 ? 20.346  -4.523  1.825   1.00 45.41 ? 163 GLN A CB  1 
ATOM   1218 C CG  . GLN A 1 163 ? 21.431  -3.584  1.446   1.00 52.41 ? 163 GLN A CG  1 
ATOM   1219 C CD  . GLN A 1 163 ? 21.854  -2.725  2.643   1.00 57.93 ? 163 GLN A CD  1 
ATOM   1220 O OE1 . GLN A 1 163 ? 21.847  -3.200  3.779   1.00 58.63 ? 163 GLN A OE1 1 
ATOM   1221 N NE2 . GLN A 1 163 ? 22.201  -1.457  2.396   1.00 57.85 ? 163 GLN A NE2 1 
ATOM   1222 N N   . VAL A 1 164 ? 17.791  -6.307  1.809   1.00 48.03 ? 164 VAL A N   1 
ATOM   1223 C CA  . VAL A 1 164 ? 16.946  -7.294  2.482   1.00 53.70 ? 164 VAL A CA  1 
ATOM   1224 C C   . VAL A 1 164 ? 16.819  -8.575  1.639   1.00 52.71 ? 164 VAL A C   1 
ATOM   1225 O O   . VAL A 1 164 ? 16.986  -9.680  2.153   1.00 54.71 ? 164 VAL A O   1 
ATOM   1226 C CB  . VAL A 1 164 ? 15.525  -6.704  2.812   1.00 52.82 ? 164 VAL A CB  1 
ATOM   1227 C CG1 . VAL A 1 164 ? 14.563  -7.796  3.164   1.00 58.79 ? 164 VAL A CG1 1 
ATOM   1228 C CG2 . VAL A 1 164 ? 15.603  -5.768  3.997   1.00 57.77 ? 164 VAL A CG2 1 
ATOM   1229 N N   . LYS A 1 165 ? 16.549  -8.425  0.348   1.00 52.91 ? 165 LYS A N   1 
ATOM   1230 C CA  . LYS A 1 165 ? 16.426  -9.580  -0.537  1.00 57.53 ? 165 LYS A CA  1 
ATOM   1231 C C   . LYS A 1 165 ? 17.817  -10.174 -0.826  1.00 53.94 ? 165 LYS A C   1 
ATOM   1232 O O   . LYS A 1 165 ? 17.948  -11.216 -1.465  1.00 52.91 ? 165 LYS A O   1 
ATOM   1233 C CB  . LYS A 1 165 ? 15.708  -9.194  -1.836  1.00 60.56 ? 165 LYS A CB  1 
ATOM   1234 C CG  . LYS A 1 165 ? 14.608  -8.162  -1.629  1.00 66.22 ? 165 LYS A CG  1 
ATOM   1235 C CD  . LYS A 1 165 ? 13.899  -7.833  -2.920  1.00 67.51 ? 165 LYS A CD  1 
ATOM   1236 C CE  . LYS A 1 165 ? 13.037  -9.001  -3.342  1.00 71.25 ? 165 LYS A CE  1 
ATOM   1237 N NZ  . LYS A 1 165 ? 12.280  -8.705  -4.584  1.00 74.53 ? 165 LYS A NZ  1 
ATOM   1238 N N   . GLY A 1 166 ? 18.847  -9.521  -0.309  1.00 46.76 ? 166 GLY A N   1 
ATOM   1239 C CA  . GLY A 1 166 ? 20.183  -10.025 -0.495  1.00 45.77 ? 166 GLY A CA  1 
ATOM   1240 C C   . GLY A 1 166 ? 21.084  -9.190  -1.374  1.00 45.81 ? 166 GLY A C   1 
ATOM   1241 O O   . GLY A 1 166 ? 22.291  -9.300  -1.247  1.00 49.03 ? 166 GLY A O   1 
ATOM   1242 N N   . PHE A 1 167 ? 20.516  -8.319  -2.207  1.00 44.44 ? 167 PHE A N   1 
ATOM   1243 C CA  . PHE A 1 167 ? 21.295  -7.479  -3.134  1.00 44.84 ? 167 PHE A CA  1 
ATOM   1244 C C   . PHE A 1 167 ? 21.737  -6.117  -2.589  1.00 46.21 ? 167 PHE A C   1 
ATOM   1245 O O   . PHE A 1 167 ? 20.907  -5.267  -2.254  1.00 45.89 ? 167 PHE A O   1 
ATOM   1246 C CB  . PHE A 1 167 ? 20.510  -7.290  -4.456  1.00 41.88 ? 167 PHE A CB  1 
ATOM   1247 C CG  . PHE A 1 167 ? 20.204  -8.594  -5.183  1.00 37.70 ? 167 PHE A CG  1 
ATOM   1248 C CD1 . PHE A 1 167 ? 21.202  -9.257  -5.929  1.00 38.07 ? 167 PHE A CD1 1 
ATOM   1249 C CD2 . PHE A 1 167 ? 18.948  -9.171  -5.085  1.00 35.65 ? 167 PHE A CD2 1 
ATOM   1250 C CE1 . PHE A 1 167 ? 20.937  -10.470 -6.554  1.00 35.27 ? 167 PHE A CE1 1 
ATOM   1251 C CE2 . PHE A 1 167 ? 18.665  -10.380 -5.704  1.00 35.90 ? 167 PHE A CE2 1 
ATOM   1252 C CZ  . PHE A 1 167 ? 19.654  -11.035 -6.436  1.00 37.96 ? 167 PHE A CZ  1 
ATOM   1253 N N   . SER A 1 168 ? 23.037  -5.925  -2.458  1.00 46.20 ? 168 SER A N   1 
ATOM   1254 C CA  . SER A 1 168 ? 23.512  -4.657  -1.982  1.00 51.66 ? 168 SER A CA  1 
ATOM   1255 C C   . SER A 1 168 ? 23.952  -3.970  -3.234  1.00 49.68 ? 168 SER A C   1 
ATOM   1256 O O   . SER A 1 168 ? 24.724  -4.538  -4.004  1.00 48.27 ? 168 SER A O   1 
ATOM   1257 C CB  . SER A 1 168 ? 24.683  -4.845  -1.029  1.00 58.15 ? 168 SER A CB  1 
ATOM   1258 O OG  . SER A 1 168 ? 25.880  -4.279  -1.549  1.00 71.25 ? 168 SER A OG  1 
ATOM   1259 N N   . VAL A 1 169 ? 23.427  -2.773  -3.469  1.00 43.89 ? 169 VAL A N   1 
ATOM   1260 C CA  . VAL A 1 169 ? 23.758  -2.031  -4.673  1.00 41.84 ? 169 VAL A CA  1 
ATOM   1261 C C   . VAL A 1 169 ? 24.214  -0.631  -4.342  1.00 41.27 ? 169 VAL A C   1 
ATOM   1262 O O   . VAL A 1 169 ? 23.732  -0.027  -3.381  1.00 41.14 ? 169 VAL A O   1 
ATOM   1263 C CB  . VAL A 1 169 ? 22.523  -1.993  -5.615  1.00 44.08 ? 169 VAL A CB  1 
ATOM   1264 C CG1 . VAL A 1 169 ? 21.290  -1.664  -4.774  1.00 44.67 ? 169 VAL A CG1 1 
ATOM   1265 C CG2 . VAL A 1 169 ? 22.730  -1.007  -6.760  1.00 43.19 ? 169 VAL A CG2 1 
ATOM   1266 N N   . ASN A 1 170 ? 25.122  -0.139  -5.174  1.00 36.71 ? 170 ASN A N   1 
ATOM   1267 C CA  . ASN A 1 170 ? 25.727  1.179   -5.097  1.00 39.00 ? 170 ASN A CA  1 
ATOM   1268 C C   . ASN A 1 170 ? 24.699  2.310   -4.974  1.00 36.87 ? 170 ASN A C   1 
ATOM   1269 O O   . ASN A 1 170 ? 23.874  2.479   -5.877  1.00 32.61 ? 170 ASN A O   1 
ATOM   1270 C CB  . ASN A 1 170 ? 26.493  1.361   -6.397  1.00 41.85 ? 170 ASN A CB  1 
ATOM   1271 C CG  . ASN A 1 170 ? 27.413  2.554   -6.404  1.00 46.88 ? 170 ASN A CG  1 
ATOM   1272 O OD1 . ASN A 1 170 ? 28.596  2.411   -6.700  1.00 53.53 ? 170 ASN A OD1 1 
ATOM   1273 N ND2 . ASN A 1 170 ? 26.883  3.739   -6.177  1.00 51.93 ? 170 ASN A ND2 1 
ATOM   1274 N N   . PHE A 1 171 ? 24.868  3.175   -3.968  1.00 29.96 ? 171 PHE A N   1 
ATOM   1275 C CA  . PHE A 1 171 ? 23.951  4.283   -3.740  1.00 30.41 ? 171 PHE A CA  1 
ATOM   1276 C C   . PHE A 1 171 ? 23.830  5.197   -4.952  1.00 35.50 ? 171 PHE A C   1 
ATOM   1277 O O   . PHE A 1 171 ? 22.742  5.613   -5.332  1.00 36.20 ? 171 PHE A O   1 
ATOM   1278 C CB  . PHE A 1 171 ? 24.342  5.113   -2.523  1.00 25.56 ? 171 PHE A CB  1 
ATOM   1279 C CG  . PHE A 1 171 ? 23.428  6.287   -2.326  1.00 29.12 ? 171 PHE A CG  1 
ATOM   1280 C CD1 . PHE A 1 171 ? 22.134  6.098   -1.810  1.00 27.32 ? 171 PHE A CD1 1 
ATOM   1281 C CD2 . PHE A 1 171 ? 23.835  7.587   -2.679  1.00 29.91 ? 171 PHE A CD2 1 
ATOM   1282 C CE1 . PHE A 1 171 ? 21.234  7.173   -1.675  1.00 24.75 ? 171 PHE A CE1 1 
ATOM   1283 C CE2 . PHE A 1 171 ? 22.930  8.689   -2.550  1.00 29.86 ? 171 PHE A CE2 1 
ATOM   1284 C CZ  . PHE A 1 171 ? 21.631  8.467   -2.028  1.00 27.27 ? 171 PHE A CZ  1 
ATOM   1285 N N   . GLU A 1 172 ? 24.959  5.572   -5.516  1.00 44.59 ? 172 GLU A N   1 
ATOM   1286 C CA  . GLU A 1 172 ? 24.980  6.405   -6.712  1.00 50.36 ? 172 GLU A CA  1 
ATOM   1287 C C   . GLU A 1 172 ? 24.124  5.751   -7.830  1.00 46.32 ? 172 GLU A C   1 
ATOM   1288 O O   . GLU A 1 172 ? 23.335  6.407   -8.505  1.00 42.54 ? 172 GLU A O   1 
ATOM   1289 C CB  . GLU A 1 172 ? 26.436  6.531   -7.190  1.00 61.95 ? 172 GLU A CB  1 
ATOM   1290 C CG  . GLU A 1 172 ? 27.395  7.194   -6.213  1.00 76.75 ? 172 GLU A CG  1 
ATOM   1291 C CD  . GLU A 1 172 ? 27.311  8.709   -6.270  1.00 83.96 ? 172 GLU A CD  1 
ATOM   1292 O OE1 . GLU A 1 172 ? 28.027  9.308   -7.103  1.00 89.92 ? 172 GLU A OE1 1 
ATOM   1293 O OE2 . GLU A 1 172 ? 26.498  9.290   -5.517  1.00 88.26 ? 172 GLU A OE2 1 
ATOM   1294 N N   . ARG A 1 173 ? 24.267  4.437   -8.000  1.00 43.10 ? 173 ARG A N   1 
ATOM   1295 C CA  . ARG A 1 173 ? 23.533  3.701   -9.040  1.00 36.67 ? 173 ARG A CA  1 
ATOM   1296 C C   . ARG A 1 173 ? 22.028  3.824   -8.838  1.00 40.71 ? 173 ARG A C   1 
ATOM   1297 O O   . ARG A 1 173 ? 21.285  4.071   -9.789  1.00 35.22 ? 173 ARG A O   1 
ATOM   1298 C CB  . ARG A 1 173 ? 23.927  2.204   -9.074  1.00 31.60 ? 173 ARG A CB  1 
ATOM   1299 C CG  . ARG A 1 173 ? 25.398  1.919   -9.352  0.00 22.40 ? 173 ARG A CG  1 
ATOM   1300 C CD  . ARG A 1 173 ? 25.685  0.422   -9.362  0.00 15.10 ? 173 ARG A CD  1 
ATOM   1301 N NE  . ARG A 1 173 ? 27.106  0.122   -9.552  0.00 11.05 ? 173 ARG A NE  1 
ATOM   1302 C CZ  . ARG A 1 173 ? 27.600  -1.107  -9.671  0.00 10.25 ? 173 ARG A CZ  1 
ATOM   1303 N NH1 . ARG A 1 173 ? 26.783  -2.148  -9.609  0.00 10.02 ? 173 ARG A NH1 1 
ATOM   1304 N NH2 . ARG A 1 173 ? 28.898  -1.299  -9.879  0.00 10.02 ? 173 ARG A NH2 1 
ATOM   1305 N N   . LEU A 1 174 ? 21.597  3.709   -7.583  1.00 39.11 ? 174 LEU A N   1 
ATOM   1306 C CA  . LEU A 1 174 ? 20.184  3.790   -7.267  1.00 41.69 ? 174 LEU A CA  1 
ATOM   1307 C C   . LEU A 1 174 ? 19.651  5.199   -7.385  1.00 40.62 ? 174 LEU A C   1 
ATOM   1308 O O   . LEU A 1 174 ? 18.493  5.409   -7.769  1.00 43.15 ? 174 LEU A O   1 
ATOM   1309 C CB  . LEU A 1 174 ? 19.921  3.276   -5.874  1.00 43.30 ? 174 LEU A CB  1 
ATOM   1310 C CG  . LEU A 1 174 ? 19.916  1.766   -5.709  1.00 48.40 ? 174 LEU A CG  1 
ATOM   1311 C CD1 . LEU A 1 174 ? 19.632  1.479   -4.227  1.00 52.05 ? 174 LEU A CD1 1 
ATOM   1312 C CD2 . LEU A 1 174 ? 18.815  1.135   -6.577  1.00 49.19 ? 174 LEU A CD2 1 
ATOM   1313 N N   . LEU A 1 175 ? 20.480  6.163   -7.021  1.00 38.32 ? 175 LEU A N   1 
ATOM   1314 C CA  . LEU A 1 175 ? 20.102  7.558   -7.102  1.00 41.88 ? 175 LEU A CA  1 
ATOM   1315 C C   . LEU A 1 175 ? 19.800  7.916   -8.567  1.00 42.31 ? 175 LEU A C   1 
ATOM   1316 O O   . LEU A 1 175 ? 18.954  8.761   -8.854  1.00 43.53 ? 175 LEU A O   1 
ATOM   1317 C CB  . LEU A 1 175 ? 21.240  8.400   -6.525  1.00 44.78 ? 175 LEU A CB  1 
ATOM   1318 C CG  . LEU A 1 175 ? 21.051  9.892   -6.300  1.00 50.55 ? 175 LEU A CG  1 
ATOM   1319 C CD1 . LEU A 1 175 ? 19.724  10.153  -5.490  1.00 53.41 ? 175 LEU A CD1 1 
ATOM   1320 C CD2 . LEU A 1 175 ? 22.332  10.479  -5.613  1.00 54.29 ? 175 LEU A CD2 1 
ATOM   1321 N N   . ALA A 1 176 ? 20.450  7.202   -9.477  1.00 43.36 ? 176 ALA A N   1 
ATOM   1322 C CA  . ALA A 1 176 ? 20.258  7.373   -10.912 1.00 50.23 ? 176 ALA A CA  1 
ATOM   1323 C C   . ALA A 1 176 ? 18.988  6.623   -11.315 1.00 56.83 ? 176 ALA A C   1 
ATOM   1324 O O   . ALA A 1 176 ? 18.136  7.151   -12.006 1.00 51.13 ? 176 ALA A O   1 
ATOM   1325 C CB  . ALA A 1 176 ? 21.461  6.803   -11.671 1.00 50.18 ? 176 ALA A CB  1 
ATOM   1326 N N   . GLU A 1 177 ? 18.874  5.375   -10.877 1.00 62.77 ? 177 GLU A N   1 
ATOM   1327 C CA  . GLU A 1 177 ? 17.692  4.562   -11.161 1.00 73.99 ? 177 GLU A CA  1 
ATOM   1328 C C   . GLU A 1 177 ? 16.393  5.271   -10.812 1.00 80.29 ? 177 GLU A C   1 
ATOM   1329 O O   . GLU A 1 177 ? 15.399  5.074   -11.525 1.00 89.39 ? 177 GLU A O   1 
ATOM   1330 C CB  . GLU A 1 177 ? 17.703  3.259   -10.370 1.00 76.99 ? 177 GLU A CB  1 
ATOM   1331 C CG  . GLU A 1 177 ? 17.975  2.047   -11.188 1.00 74.01 ? 177 GLU A CG  1 
ATOM   1332 C CD  . GLU A 1 177 ? 18.506  0.954   -10.326 1.00 73.07 ? 177 GLU A CD  1 
ATOM   1333 O OE1 . GLU A 1 177 ? 17.847  0.627   -9.313  1.00 74.39 ? 177 GLU A OE1 1 
ATOM   1334 O OE2 . GLU A 1 177 ? 19.606  0.454   -10.638 1.00 73.68 ? 177 GLU A OE2 1 
ATOM   1335 N N   . ILE A 1 178 ? 16.353  6.012   -9.692  1.00 80.63 ? 178 ILE A N   1 
ATOM   1336 C CA  . ILE A 1 178 ? 15.103  6.690   -9.332  1.00 74.47 ? 178 ILE A CA  1 
ATOM   1337 C C   . ILE A 1 178 ? 14.946  8.079   -9.951  1.00 76.81 ? 178 ILE A C   1 
ATOM   1338 O O   . ILE A 1 178 ? 13.829  8.571   -10.071 1.00 80.21 ? 178 ILE A O   1 
ATOM   1339 C CB  . ILE A 1 178 ? 14.820  6.742   -7.769  1.00 68.96 ? 178 ILE A CB  1 
ATOM   1340 C CG1 . ILE A 1 178 ? 15.765  7.712   -7.070  1.00 63.94 ? 178 ILE A CG1 1 
ATOM   1341 C CG2 . ILE A 1 178 ? 14.789  5.341   -7.160  1.00 62.64 ? 178 ILE A CG2 1 
ATOM   1342 C CD1 . ILE A 1 178 ? 15.084  8.993   -6.674  1.00 58.10 ? 178 ILE A CD1 1 
ATOM   1343 N N   . LYS A 1 179 ? 16.050  8.705   -10.331 1.00 81.13 ? 179 LYS A N   1 
ATOM   1344 C CA  . LYS A 1 179 ? 15.979  10.034  -10.924 1.00 84.68 ? 179 LYS A CA  1 
ATOM   1345 C C   . LYS A 1 179 ? 15.415  10.043  -12.369 1.00 87.83 ? 179 LYS A C   1 
ATOM   1346 O O   . LYS A 1 179 ? 15.369  11.137  -12.987 1.00 88.53 ? 179 LYS A O   1 
ATOM   1347 C CB  . LYS A 1 179 ? 17.354  10.722  -10.840 1.00 83.32 ? 179 LYS A CB  1 
ATOM   1348 C CG  . LYS A 1 179 ? 17.556  11.487  -9.552  1.00 81.81 ? 179 LYS A CG  1 
ATOM   1349 C CD  . LYS A 1 179 ? 18.785  12.370  -9.597  1.00 82.55 ? 179 LYS A CD  1 
ATOM   1350 C CE  . LYS A 1 179 ? 18.647  13.472  -8.546  1.00 83.62 ? 179 LYS A CE  1 
ATOM   1351 N NZ  . LYS A 1 179 ? 19.900  14.222  -8.253  1.00 83.28 ? 179 LYS A NZ  1 
ATOM   1352 N N   . LEU A 1 193 ? 0.279   9.904   -10.441 1.00 58.60 ? 193 LEU A N   1 
ATOM   1353 C CA  . LEU A 1 193 ? 0.553   10.271  -9.021  1.00 53.38 ? 193 LEU A CA  1 
ATOM   1354 C C   . LEU A 1 193 ? 0.370   11.781  -8.888  1.00 55.07 ? 193 LEU A C   1 
ATOM   1355 O O   . LEU A 1 193 ? 1.276   12.572  -9.193  1.00 57.89 ? 193 LEU A O   1 
ATOM   1356 C CB  . LEU A 1 193 ? 1.967   9.829   -8.627  1.00 48.06 ? 193 LEU A CB  1 
ATOM   1357 C CG  . LEU A 1 193 ? 2.349   9.343   -7.218  1.00 39.07 ? 193 LEU A CG  1 
ATOM   1358 C CD1 . LEU A 1 193 ? 3.358   10.292  -6.707  1.00 37.53 ? 193 LEU A CD1 1 
ATOM   1359 C CD2 . LEU A 1 193 ? 1.194   9.207   -6.246  1.00 34.89 ? 193 LEU A CD2 1 
ATOM   1360 N N   . VAL A 1 194 ? -0.860  12.155  -8.540  1.00 52.58 ? 194 VAL A N   1 
ATOM   1361 C CA  . VAL A 1 194 ? -1.255  13.538  -8.369  1.00 47.71 ? 194 VAL A CA  1 
ATOM   1362 C C   . VAL A 1 194 ? -1.897  13.598  -7.015  1.00 40.81 ? 194 VAL A C   1 
ATOM   1363 O O   . VAL A 1 194 ? -2.718  12.743  -6.680  1.00 38.30 ? 194 VAL A O   1 
ATOM   1364 C CB  . VAL A 1 194 ? -2.390  13.913  -9.334  1.00 50.76 ? 194 VAL A CB  1 
ATOM   1365 C CG1 . VAL A 1 194 ? -2.307  15.386  -9.696  1.00 56.06 ? 194 VAL A CG1 1 
ATOM   1366 C CG2 . VAL A 1 194 ? -2.416  13.002  -10.568 1.00 56.25 ? 194 VAL A CG2 1 
ATOM   1367 N N   . PRO A 1 195 ? -1.496  14.553  -6.182  1.00 33.15 ? 195 PRO A N   1 
ATOM   1368 C CA  . PRO A 1 195 ? -2.166  14.582  -4.871  1.00 28.68 ? 195 PRO A CA  1 
ATOM   1369 C C   . PRO A 1 195 ? -3.623  15.066  -4.992  1.00 28.59 ? 195 PRO A C   1 
ATOM   1370 O O   . PRO A 1 195 ? -3.977  15.826  -5.899  1.00 29.44 ? 195 PRO A O   1 
ATOM   1371 C CB  . PRO A 1 195 ? -1.343  15.587  -4.059  1.00 28.24 ? 195 PRO A CB  1 
ATOM   1372 C CG  . PRO A 1 195 ? -0.695  16.456  -5.122  1.00 31.55 ? 195 PRO A CG  1 
ATOM   1373 C CD  . PRO A 1 195 ? -0.374  15.502  -6.258  1.00 32.44 ? 195 PRO A CD  1 
ATOM   1374 N N   . ALA A 1 196 ? -4.474  14.584  -4.102  1.00 24.60 ? 196 ALA A N   1 
ATOM   1375 C CA  . ALA A 1 196 ? -5.861  15.034  -4.070  1.00 25.61 ? 196 ALA A CA  1 
ATOM   1376 C C   . ALA A 1 196 ? -5.894  16.551  -3.726  1.00 27.35 ? 196 ALA A C   1 
ATOM   1377 O O   . ALA A 1 196 ? -5.051  17.053  -2.938  1.00 22.57 ? 196 ALA A O   1 
ATOM   1378 C CB  . ALA A 1 196 ? -6.612  14.285  -3.010  1.00 20.58 ? 196 ALA A CB  1 
ATOM   1379 N N   . ALA A 1 197 ? -6.905  17.260  -4.250  1.00 22.87 ? 197 ALA A N   1 
ATOM   1380 C CA  . ALA A 1 197 ? -7.068  18.684  -3.941  1.00 23.10 ? 197 ALA A CA  1 
ATOM   1381 C C   . ALA A 1 197 ? -7.198  18.896  -2.439  1.00 20.07 ? 197 ALA A C   1 
ATOM   1382 O O   . ALA A 1 197 ? -6.730  19.876  -1.896  1.00 26.06 ? 197 ALA A O   1 
ATOM   1383 C CB  . ALA A 1 197 ? -8.330  19.254  -4.659  1.00 26.35 ? 197 ALA A CB  1 
ATOM   1384 N N   . ASP A 1 198 ? -7.780  17.938  -1.751  1.00 17.96 ? 198 ASP A N   1 
ATOM   1385 C CA  . ASP A 1 198 ? -7.991  18.057  -0.333  1.00 18.27 ? 198 ASP A CA  1 
ATOM   1386 C C   . ASP A 1 198 ? -7.026  17.291  0.556   1.00 19.52 ? 198 ASP A C   1 
ATOM   1387 O O   . ASP A 1 198 ? -7.339  17.025  1.698   1.00 19.53 ? 198 ASP A O   1 
ATOM   1388 C CB  . ASP A 1 198 ? -9.413  17.652  0.044   1.00 23.04 ? 198 ASP A CB  1 
ATOM   1389 C CG  . ASP A 1 198 ? -9.806  16.278  -0.457  1.00 22.40 ? 198 ASP A CG  1 
ATOM   1390 O OD1 . ASP A 1 198 ? -9.366  15.826  -1.552  1.00 24.15 ? 198 ASP A OD1 1 
ATOM   1391 O OD2 . ASP A 1 198 ? -10.638 15.648  0.232   1.00 31.35 ? 198 ASP A OD2 1 
ATOM   1392 N N   . ALA A 1 199 ? -5.840  16.972  0.035   1.00 18.22 ? 199 ALA A N   1 
ATOM   1393 C CA  . ALA A 1 199 ? -4.811  16.267  0.816   1.00 16.87 ? 199 ALA A CA  1 
ATOM   1394 C C   . ALA A 1 199 ? -3.887  17.186  1.665   1.00 14.96 ? 199 ALA A C   1 
ATOM   1395 O O   . ALA A 1 199 ? -3.609  18.343  1.289   1.00 17.76 ? 199 ALA A O   1 
ATOM   1396 C CB  . ALA A 1 199 ? -3.937  15.457  -0.144  1.00 14.49 ? 199 ALA A CB  1 
ATOM   1397 N N   . LEU A 1 200 ? -3.448  16.689  2.813   1.00 15.71 ? 200 LEU A N   1 
ATOM   1398 C CA  . LEU A 1 200 ? -2.456  17.366  3.657   1.00 17.78 ? 200 LEU A CA  1 
ATOM   1399 C C   . LEU A 1 200 ? -1.095  16.865  3.022   1.00 18.64 ? 200 LEU A C   1 
ATOM   1400 O O   . LEU A 1 200 ? -0.895  15.646  2.847   1.00 16.44 ? 200 LEU A O   1 
ATOM   1401 C CB  . LEU A 1 200 ? -2.533  16.824  5.091   1.00 18.93 ? 200 LEU A CB  1 
ATOM   1402 C CG  . LEU A 1 200 ? -1.965  17.526  6.321   1.00 23.08 ? 200 LEU A CG  1 
ATOM   1403 C CD1 . LEU A 1 200 ? -1.178  16.567  7.125   1.00 21.71 ? 200 LEU A CD1 1 
ATOM   1404 C CD2 . LEU A 1 200 ? -1.209  18.795  5.946   1.00 23.96 ? 200 LEU A CD2 1 
ATOM   1405 N N   . VAL A 1 201 ? -0.252  17.793  2.566   1.00 21.60 ? 201 VAL A N   1 
ATOM   1406 C CA  . VAL A 1 201 ? 1.073   17.442  1.993   1.00 25.59 ? 201 VAL A CA  1 
ATOM   1407 C C   . VAL A 1 201 ? 2.121   17.455  3.111   1.00 26.37 ? 201 VAL A C   1 
ATOM   1408 O O   . VAL A 1 201 ? 2.240   18.438  3.833   1.00 25.34 ? 201 VAL A O   1 
ATOM   1409 C CB  . VAL A 1 201 ? 1.555   18.440  0.898   1.00 27.21 ? 201 VAL A CB  1 
ATOM   1410 C CG1 . VAL A 1 201 ? 2.977   17.995  0.382   1.00 28.79 ? 201 VAL A CG1 1 
ATOM   1411 C CG2 . VAL A 1 201 ? 0.574   18.468  -0.269  1.00 24.44 ? 201 VAL A CG2 1 
ATOM   1412 N N   . LEU A 1 202 ? 2.815   16.335  3.294   1.00 25.87 ? 202 LEU A N   1 
ATOM   1413 C CA  . LEU A 1 202 ? 3.838   16.193  4.326   1.00 26.29 ? 202 LEU A CA  1 
ATOM   1414 C C   . LEU A 1 202 ? 5.135   15.832  3.626   1.00 32.33 ? 202 LEU A C   1 
ATOM   1415 O O   . LEU A 1 202 ? 5.136   14.991  2.745   1.00 28.82 ? 202 LEU A O   1 
ATOM   1416 C CB  . LEU A 1 202 ? 3.460   15.074  5.311   1.00 25.31 ? 202 LEU A CB  1 
ATOM   1417 C CG  . LEU A 1 202 ? 2.411   15.392  6.394   1.00 30.51 ? 202 LEU A CG  1 
ATOM   1418 C CD1 . LEU A 1 202 ? 2.108   14.209  7.273   1.00 27.40 ? 202 LEU A CD1 1 
ATOM   1419 C CD2 . LEU A 1 202 ? 2.924   16.552  7.216   1.00 33.25 ? 202 LEU A CD2 1 
ATOM   1420 N N   . ASP A 1 203 ? 6.234   16.473  4.002   1.00 40.57 ? 203 ASP A N   1 
ATOM   1421 C CA  . ASP A 1 203 ? 7.530   16.178  3.394   1.00 44.23 ? 203 ASP A CA  1 
ATOM   1422 C C   . ASP A 1 203 ? 8.482   15.404  4.308   1.00 35.92 ? 203 ASP A C   1 
ATOM   1423 O O   . ASP A 1 203 ? 9.013   15.939  5.288   1.00 34.43 ? 203 ASP A O   1 
ATOM   1424 C CB  . ASP A 1 203 ? 8.194   17.452  2.863   1.00 52.81 ? 203 ASP A CB  1 
ATOM   1425 C CG  . ASP A 1 203 ? 9.318   17.145  1.855   1.00 62.60 ? 203 ASP A CG  1 
ATOM   1426 O OD1 . ASP A 1 203 ? 10.225  16.352  2.183   1.00 66.87 ? 203 ASP A OD1 1 
ATOM   1427 O OD2 . ASP A 1 203 ? 9.285   17.652  0.715   1.00 68.62 ? 203 ASP A OD2 1 
ATOM   1428 N N   . SER A 1 204 ? 8.691   14.153  3.928   1.00 35.66 ? 204 SER A N   1 
ATOM   1429 C CA  . SER A 1 204 ? 9.553   13.179  4.596   1.00 41.57 ? 204 SER A CA  1 
ATOM   1430 C C   . SER A 1 204 ? 11.046  13.613  4.775   1.00 49.65 ? 204 SER A C   1 
ATOM   1431 O O   . SER A 1 204 ? 11.777  13.008  5.585   1.00 52.64 ? 204 SER A O   1 
ATOM   1432 C CB  . SER A 1 204 ? 9.488   11.867  3.785   1.00 39.35 ? 204 SER A CB  1 
ATOM   1433 O OG  . SER A 1 204 ? 9.769   10.703  4.543   1.00 43.77 ? 204 SER A OG  1 
ATOM   1434 N N   . THR A 1 205 ? 11.509  14.638  4.052   1.00 49.97 ? 205 THR A N   1 
ATOM   1435 C CA  . THR A 1 205 ? 12.909  15.059  4.178   1.00 51.01 ? 205 THR A CA  1 
ATOM   1436 C C   . THR A 1 205 ? 13.113  16.298  4.996   1.00 55.96 ? 205 THR A C   1 
ATOM   1437 O O   . THR A 1 205 ? 14.219  16.583  5.433   1.00 58.30 ? 205 THR A O   1 
ATOM   1438 C CB  . THR A 1 205 ? 13.549  15.245  2.860   1.00 49.52 ? 205 THR A CB  1 
ATOM   1439 O OG1 . THR A 1 205 ? 13.084  16.460  2.263   1.00 52.70 ? 205 THR A OG1 1 
ATOM   1440 C CG2 . THR A 1 205 ? 13.182  14.078  2.004   1.00 49.62 ? 205 THR A CG2 1 
ATOM   1441 N N   . THR A 1 206 ? 12.052  17.070  5.158   1.00 57.42 ? 206 THR A N   1 
ATOM   1442 C CA  . THR A 1 206 ? 12.142  18.254  5.983   1.00 60.34 ? 206 THR A CA  1 
ATOM   1443 C C   . THR A 1 206 ? 11.911  17.753  7.424   1.00 64.29 ? 206 THR A C   1 
ATOM   1444 O O   . THR A 1 206 ? 12.546  18.243  8.369   1.00 68.96 ? 206 THR A O   1 
ATOM   1445 C CB  . THR A 1 206 ? 11.081  19.324  5.581   1.00 60.31 ? 206 THR A CB  1 
ATOM   1446 O OG1 . THR A 1 206 ? 9.773   18.899  5.990   1.00 62.04 ? 206 THR A OG1 1 
ATOM   1447 C CG2 . THR A 1 206 ? 11.083  19.560  4.064   1.00 54.26 ? 206 THR A CG2 1 
ATOM   1448 N N   . LEU A 1 207 ? 11.071  16.719  7.576   1.00 61.31 ? 207 LEU A N   1 
ATOM   1449 C CA  . LEU A 1 207 ? 10.754  16.157  8.894   1.00 55.58 ? 207 LEU A CA  1 
ATOM   1450 C C   . LEU A 1 207 ? 11.303  14.746  9.040   1.00 57.01 ? 207 LEU A C   1 
ATOM   1451 O O   . LEU A 1 207 ? 11.504  14.059  8.031   1.00 59.09 ? 207 LEU A O   1 
ATOM   1452 C CB  . LEU A 1 207 ? 9.250   16.087  9.081   1.00 52.62 ? 207 LEU A CB  1 
ATOM   1453 C CG  . LEU A 1 207 ? 8.512   17.356  8.720   1.00 48.58 ? 207 LEU A CG  1 
ATOM   1454 C CD1 . LEU A 1 207 ? 7.075   17.004  8.681   1.00 47.11 ? 207 LEU A CD1 1 
ATOM   1455 C CD2 . LEU A 1 207 ? 8.775   18.434  9.734   1.00 46.65 ? 207 LEU A CD2 1 
ATOM   1456 N N   . SER A 1 208 ? 11.579  14.315  10.277  1.00 51.44 ? 208 SER A N   1 
ATOM   1457 C CA  . SER A 1 208 ? 12.068  12.955  10.484  1.00 45.17 ? 208 SER A CA  1 
ATOM   1458 C C   . SER A 1 208 ? 10.841  12.071  10.353  1.00 43.60 ? 208 SER A C   1 
ATOM   1459 O O   . SER A 1 208 ? 9.735   12.556  10.563  1.00 41.96 ? 208 SER A O   1 
ATOM   1460 C CB  . SER A 1 208 ? 12.650  12.783  11.879  1.00 41.23 ? 208 SER A CB  1 
ATOM   1461 O OG  . SER A 1 208 ? 11.631  12.689  12.849  1.00 45.29 ? 208 SER A OG  1 
ATOM   1462 N N   . ILE A 1 209 ? 11.034  10.782  10.088  1.00 39.50 ? 209 ILE A N   1 
ATOM   1463 C CA  . ILE A 1 209 ? 9.914   9.853   9.956   1.00 40.25 ? 209 ILE A CA  1 
ATOM   1464 C C   . ILE A 1 209 ? 9.114   9.844   11.260  1.00 39.37 ? 209 ILE A C   1 
ATOM   1465 O O   . ILE A 1 209 ? 7.891   9.784   11.244  1.00 38.81 ? 209 ILE A O   1 
ATOM   1466 C CB  . ILE A 1 209 ? 10.378  8.398   9.514   1.00 40.39 ? 209 ILE A CB  1 
ATOM   1467 C CG1 . ILE A 1 209 ? 9.185   7.552   9.007   1.00 35.49 ? 209 ILE A CG1 1 
ATOM   1468 C CG2 . ILE A 1 209 ? 11.145  7.698   10.653  1.00 37.10 ? 209 ILE A CG2 1 
ATOM   1469 C CD1 . ILE A 1 209 ? 8.496   8.057   7.734   1.00 31.36 ? 209 ILE A CD1 1 
ATOM   1470 N N   . GLU A 1 210 ? 9.773   10.008  12.386  1.00 38.95 ? 210 GLU A N   1 
ATOM   1471 C CA  . GLU A 1 210 ? 9.018   10.020  13.619  1.00 42.61 ? 210 GLU A CA  1 
ATOM   1472 C C   . GLU A 1 210 ? 8.147   11.252  13.689  1.00 39.01 ? 210 GLU A C   1 
ATOM   1473 O O   . GLU A 1 210 ? 7.059   11.195  14.252  1.00 40.63 ? 210 GLU A O   1 
ATOM   1474 C CB  . GLU A 1 210 ? 9.939   10.029  14.814  1.00 53.99 ? 210 GLU A CB  1 
ATOM   1475 C CG  . GLU A 1 210 ? 10.930  8.866   14.797  1.00 74.03 ? 210 GLU A CG  1 
ATOM   1476 C CD  . GLU A 1 210 ? 12.044  8.990   13.737  1.00 79.56 ? 210 GLU A CD  1 
ATOM   1477 O OE1 . GLU A 1 210 ? 12.382  10.117  13.308  1.00 83.88 ? 210 GLU A OE1 1 
ATOM   1478 O OE2 . GLU A 1 210 ? 12.589  7.935   13.343  1.00 84.30 ? 210 GLU A OE2 1 
ATOM   1479 N N   . GLN A 1 211 ? 8.621   12.351  13.101  1.00 33.53 ? 211 GLN A N   1 
ATOM   1480 C CA  . GLN A 1 211 ? 7.929   13.642  13.099  1.00 36.59 ? 211 GLN A CA  1 
ATOM   1481 C C   . GLN A 1 211 ? 6.768   13.635  12.135  1.00 34.37 ? 211 GLN A C   1 
ATOM   1482 O O   . GLN A 1 211 ? 5.787   14.326  12.323  1.00 32.60 ? 211 GLN A O   1 
ATOM   1483 C CB  . GLN A 1 211 ? 8.905   14.781  12.757  1.00 46.91 ? 211 GLN A CB  1 
ATOM   1484 C CG  . GLN A 1 211 ? 9.768   15.246  13.990  1.00 64.33 ? 211 GLN A CG  1 
ATOM   1485 C CD  . GLN A 1 211 ? 11.231  15.635  13.678  1.00 71.91 ? 211 GLN A CD  1 
ATOM   1486 O OE1 . GLN A 1 211 ? 12.163  15.087  14.255  1.00 76.50 ? 211 GLN A OE1 1 
ATOM   1487 N NE2 . GLN A 1 211 ? 11.422  16.578  12.777  1.00 75.99 ? 211 GLN A NE2 1 
ATOM   1488 N N   . VAL A 1 212 ? 6.901   12.856  11.076  1.00 33.44 ? 212 VAL A N   1 
ATOM   1489 C CA  . VAL A 1 212 ? 5.841   12.722  10.084  1.00 31.08 ? 212 VAL A CA  1 
ATOM   1490 C C   . VAL A 1 212 ? 4.688   11.950  10.737  1.00 28.58 ? 212 VAL A C   1 
ATOM   1491 O O   . VAL A 1 212 ? 3.556   12.406  10.689  1.00 29.81 ? 212 VAL A O   1 
ATOM   1492 C CB  . VAL A 1 212 ? 6.352   11.991  8.826   1.00 32.86 ? 212 VAL A CB  1 
ATOM   1493 C CG1 . VAL A 1 212 ? 5.174   11.518  7.937   1.00 29.94 ? 212 VAL A CG1 1 
ATOM   1494 C CG2 . VAL A 1 212 ? 7.270   12.942  8.062   1.00 31.87 ? 212 VAL A CG2 1 
ATOM   1495 N N   . ILE A 1 213 ? 4.991   10.859  11.438  1.00 26.03 ? 213 ILE A N   1 
ATOM   1496 C CA  . ILE A 1 213 ? 3.967   10.069  12.109  1.00 27.94 ? 213 ILE A CA  1 
ATOM   1497 C C   . ILE A 1 213 ? 3.243   10.878  13.159  1.00 30.70 ? 213 ILE A C   1 
ATOM   1498 O O   . ILE A 1 213 ? 2.051   10.750  13.285  1.00 26.97 ? 213 ILE A O   1 
ATOM   1499 C CB  . ILE A 1 213 ? 4.533   8.785   12.747  1.00 29.37 ? 213 ILE A CB  1 
ATOM   1500 C CG1 . ILE A 1 213 ? 5.216   7.922   11.666  1.00 29.85 ? 213 ILE A CG1 1 
ATOM   1501 C CG2 . ILE A 1 213 ? 3.407   7.981   13.417  1.00 25.51 ? 213 ILE A CG2 1 
ATOM   1502 C CD1 . ILE A 1 213 ? 5.987   6.736   12.245  1.00 33.83 ? 213 ILE A CD1 1 
ATOM   1503 N N   . GLU A 1 214 ? 3.947   11.749  13.884  1.00 40.14 ? 214 GLU A N   1 
ATOM   1504 C CA  . GLU A 1 214 ? 3.320   12.588  14.914  1.00 42.34 ? 214 GLU A CA  1 
ATOM   1505 C C   . GLU A 1 214 ? 2.413   13.609  14.270  1.00 32.14 ? 214 GLU A C   1 
ATOM   1506 O O   . GLU A 1 214 ? 1.294   13.838  14.713  1.00 29.78 ? 214 GLU A O   1 
ATOM   1507 C CB  . GLU A 1 214 ? 4.381   13.332  15.691  1.00 58.58 ? 214 GLU A CB  1 
ATOM   1508 C CG  . GLU A 1 214 ? 3.842   14.173  16.820  1.00 82.25 ? 214 GLU A CG  1 
ATOM   1509 C CD  . GLU A 1 214 ? 4.816   15.266  17.257  1.00 92.73 ? 214 GLU A CD  1 
ATOM   1510 O OE1 . GLU A 1 214 ? 6.064   15.080  17.153  1.00 98.25 ? 214 GLU A OE1 1 
ATOM   1511 O OE2 . GLU A 1 214 ? 4.312   16.326  17.699  1.00 98.02 ? 214 GLU A OE2 1 
ATOM   1512 N N   . LYS A 1 215 ? 2.903   14.219  13.210  1.00 27.19 ? 215 LYS A N   1 
ATOM   1513 C CA  . LYS A 1 215 ? 2.140   15.203  12.484  1.00 28.90 ? 215 LYS A CA  1 
ATOM   1514 C C   . LYS A 1 215 ? 0.894   14.604  11.792  1.00 28.88 ? 215 LYS A C   1 
ATOM   1515 O O   . LYS A 1 215 ? -0.182  15.226  11.794  1.00 25.71 ? 215 LYS A O   1 
ATOM   1516 C CB  . LYS A 1 215 ? 3.064   15.938  11.508  1.00 38.41 ? 215 LYS A CB  1 
ATOM   1517 C CG  . LYS A 1 215 ? 3.988   16.861  12.286  1.00 53.98 ? 215 LYS A CG  1 
ATOM   1518 C CD  . LYS A 1 215 ? 4.515   18.048  11.476  1.00 67.28 ? 215 LYS A CD  1 
ATOM   1519 C CE  . LYS A 1 215 ? 5.393   18.998  12.342  1.00 72.75 ? 215 LYS A CE  1 
ATOM   1520 N NZ  . LYS A 1 215 ? 6.001   20.154  11.578  1.00 73.78 ? 215 LYS A NZ  1 
ATOM   1521 N N   . ALA A 1 216 ? 1.016   13.389  11.257  1.00 24.24 ? 216 ALA A N   1 
ATOM   1522 C CA  . ALA A 1 216 ? -0.104  12.704  10.600  1.00 19.73 ? 216 ALA A CA  1 
ATOM   1523 C C   . ALA A 1 216 ? -1.154  12.346  11.656  1.00 20.48 ? 216 ALA A C   1 
ATOM   1524 O O   . ALA A 1 216 ? -2.365  12.539  11.444  1.00 22.30 ? 216 ALA A O   1 
ATOM   1525 C CB  . ALA A 1 216 ? 0.379   11.424  9.887   1.00 14.94 ? 216 ALA A CB  1 
ATOM   1526 N N   . LEU A 1 217 ? -0.719  11.848  12.806  1.00 17.05 ? 217 LEU A N   1 
ATOM   1527 C CA  . LEU A 1 217 ? -1.673  11.469  13.853  1.00 23.09 ? 217 LEU A CA  1 
ATOM   1528 C C   . LEU A 1 217 ? -2.418  12.680  14.465  1.00 24.18 ? 217 LEU A C   1 
ATOM   1529 O O   . LEU A 1 217 ? -3.596  12.570  14.839  1.00 26.58 ? 217 LEU A O   1 
ATOM   1530 C CB  . LEU A 1 217 ? -1.005  10.630  14.938  1.00 22.69 ? 217 LEU A CB  1 
ATOM   1531 C CG  . LEU A 1 217 ? -0.681  9.198   14.556  1.00 24.81 ? 217 LEU A CG  1 
ATOM   1532 C CD1 . LEU A 1 217 ? 0.316   8.639   15.566  1.00 29.13 ? 217 LEU A CD1 1 
ATOM   1533 C CD2 . LEU A 1 217 ? -1.966  8.333   14.452  1.00 27.49 ? 217 LEU A CD2 1 
ATOM   1534 N N   . GLN A 1 218 ? -1.735  13.819  14.565  1.00 27.04 ? 218 GLN A N   1 
ATOM   1535 C CA  . GLN A 1 218 ? -2.355  15.053  15.075  1.00 32.92 ? 218 GLN A CA  1 
ATOM   1536 C C   . GLN A 1 218 ? -3.435  15.579  14.137  1.00 26.29 ? 218 GLN A C   1 
ATOM   1537 O O   . GLN A 1 218 ? -4.479  15.970  14.605  1.00 23.04 ? 218 GLN A O   1 
ATOM   1538 C CB  . GLN A 1 218 ? -1.309  16.143  15.331  1.00 40.78 ? 218 GLN A CB  1 
ATOM   1539 C CG  . GLN A 1 218 ? -0.303  15.764  16.409  1.00 56.47 ? 218 GLN A CG  1 
ATOM   1540 C CD  . GLN A 1 218 ? 0.337   16.977  17.055  1.00 64.06 ? 218 GLN A CD  1 
ATOM   1541 O OE1 . GLN A 1 218 ? -0.245  18.068  17.081  1.00 66.84 ? 218 GLN A OE1 1 
ATOM   1542 N NE2 . GLN A 1 218 ? 1.544   16.798  17.566  1.00 68.99 ? 218 GLN A NE2 1 
ATOM   1543 N N   . TYR A 1 219 ? -3.158  15.581  12.827  1.00 21.56 ? 219 TYR A N   1 
ATOM   1544 C CA  . TYR A 1 219 ? -4.115  16.014  11.803  1.00 20.69 ? 219 TYR A CA  1 
ATOM   1545 C C   . TYR A 1 219 ? -5.351  15.028  11.835  1.00 24.85 ? 219 TYR A C   1 
ATOM   1546 O O   . TYR A 1 219 ? -6.516  15.455  11.894  1.00 21.83 ? 219 TYR A O   1 
ATOM   1547 C CB  . TYR A 1 219 ? -3.417  16.013  10.438  1.00 21.07 ? 219 TYR A CB  1 
ATOM   1548 C CG  . TYR A 1 219 ? -4.278  16.501  9.274   1.00 26.79 ? 219 TYR A CG  1 
ATOM   1549 C CD1 . TYR A 1 219 ? -4.698  17.839  9.197   1.00 29.97 ? 219 TYR A CD1 1 
ATOM   1550 C CD2 . TYR A 1 219 ? -4.719  15.616  8.279   1.00 26.78 ? 219 TYR A CD2 1 
ATOM   1551 C CE1 . TYR A 1 219 ? -5.520  18.270  8.169   1.00 28.21 ? 219 TYR A CE1 1 
ATOM   1552 C CE2 . TYR A 1 219 ? -5.539  16.042  7.261   1.00 27.39 ? 219 TYR A CE2 1 
ATOM   1553 C CZ  . TYR A 1 219 ? -5.934  17.365  7.229   1.00 30.47 ? 219 TYR A CZ  1 
ATOM   1554 O OH  . TYR A 1 219 ? -6.772  17.818  6.251   1.00 38.64 ? 219 TYR A OH  1 
ATOM   1555 N N   . ALA A 1 220 ? -5.097  13.723  11.868  1.00 21.20 ? 220 ALA A N   1 
ATOM   1556 C CA  . ALA A 1 220 ? -6.176  12.773  11.952  1.00 20.11 ? 220 ALA A CA  1 
ATOM   1557 C C   . ALA A 1 220 ? -7.040  13.111  13.160  1.00 25.59 ? 220 ALA A C   1 
ATOM   1558 O O   . ALA A 1 220 ? -8.254  13.092  13.058  1.00 26.23 ? 220 ALA A O   1 
ATOM   1559 C CB  . ALA A 1 220 ? -5.651  11.296  12.106  1.00 17.93 ? 220 ALA A CB  1 
ATOM   1560 N N   . ARG A 1 221 ? -6.417  13.323  14.317  1.00 21.88 ? 221 ARG A N   1 
ATOM   1561 C CA  . ARG A 1 221 ? -7.159  13.606  15.530  1.00 30.73 ? 221 ARG A CA  1 
ATOM   1562 C C   . ARG A 1 221 ? -8.033  14.840  15.396  1.00 30.58 ? 221 ARG A C   1 
ATOM   1563 O O   . ARG A 1 221 ? -9.205  14.784  15.753  1.00 31.50 ? 221 ARG A O   1 
ATOM   1564 C CB  . ARG A 1 221 ? -6.240  13.737  16.740  1.00 36.76 ? 221 ARG A CB  1 
ATOM   1565 C CG  . ARG A 1 221 ? -6.969  13.883  18.103  1.00 47.30 ? 221 ARG A CG  1 
ATOM   1566 C CD  . ARG A 1 221 ? -6.026  14.549  19.108  1.00 58.29 ? 221 ARG A CD  1 
ATOM   1567 N NE  . ARG A 1 221 ? -4.641  14.038  19.012  1.00 69.85 ? 221 ARG A NE  1 
ATOM   1568 C CZ  . ARG A 1 221 ? -3.533  14.789  19.027  1.00 71.87 ? 221 ARG A CZ  1 
ATOM   1569 N NH1 . ARG A 1 221 ? -3.597  16.124  19.142  1.00 73.41 ? 221 ARG A NH1 1 
ATOM   1570 N NH2 . ARG A 1 221 ? -2.351  14.196  18.854  1.00 74.52 ? 221 ARG A NH2 1 
ATOM   1571 N N   . GLN A 1 222 ? -7.517  15.898  14.784  1.00 32.65 ? 222 GLN A N   1 
ATOM   1572 C CA  . GLN A 1 222 ? -8.283  17.138  14.597  1.00 32.70 ? 222 GLN A CA  1 
ATOM   1573 C C   . GLN A 1 222 ? -9.463  16.952  13.706  1.00 31.53 ? 222 GLN A C   1 
ATOM   1574 O O   . GLN A 1 222 ? -10.443 17.651  13.817  1.00 34.14 ? 222 GLN A O   1 
ATOM   1575 C CB  . GLN A 1 222 ? -7.412  18.232  13.996  1.00 39.31 ? 222 GLN A CB  1 
ATOM   1576 C CG  . GLN A 1 222 ? -6.072  18.408  14.716  1.00 59.33 ? 222 GLN A CG  1 
ATOM   1577 C CD  . GLN A 1 222 ? -6.185  18.419  16.270  1.00 68.14 ? 222 GLN A CD  1 
ATOM   1578 O OE1 . GLN A 1 222 ? -5.388  17.761  16.980  1.00 69.97 ? 222 GLN A OE1 1 
ATOM   1579 N NE2 . GLN A 1 222 ? -7.134  19.218  16.797  1.00 70.26 ? 222 GLN A NE2 1 
ATOM   1580 N N   . LYS A 1 223 ? -9.361  16.011  12.793  1.00 29.29 ? 223 LYS A N   1 
ATOM   1581 C CA  . LYS A 1 223 ? -10.434 15.777  11.861  1.00 29.64 ? 223 LYS A CA  1 
ATOM   1582 C C   . LYS A 1 223 ? -11.392 14.714  12.306  1.00 31.42 ? 223 LYS A C   1 
ATOM   1583 O O   . LYS A 1 223 ? -12.533 14.709  11.896  1.00 32.82 ? 223 LYS A O   1 
ATOM   1584 C CB  . LYS A 1 223 ? -9.879  15.324  10.508  1.00 30.50 ? 223 LYS A CB  1 
ATOM   1585 C CG  . LYS A 1 223 ? -8.810  16.211  9.890   1.00 33.64 ? 223 LYS A CG  1 
ATOM   1586 C CD  . LYS A 1 223 ? -9.384  17.358  9.092   1.00 36.93 ? 223 LYS A CD  1 
ATOM   1587 C CE  . LYS A 1 223 ? -9.497  18.632  9.934   1.00 41.18 ? 223 LYS A CE  1 
ATOM   1588 N NZ  . LYS A 1 223 ? -9.914  19.844  9.107   1.00 46.44 ? 223 LYS A NZ  1 
ATOM   1589 N N   . LEU A 1 224 ? -10.943 13.789  13.129  1.00 28.21 ? 224 LEU A N   1 
ATOM   1590 C CA  . LEU A 1 224 ? -11.825 12.700  13.478  1.00 30.66 ? 224 LEU A CA  1 
ATOM   1591 C C   . LEU A 1 224 ? -12.229 12.532  14.926  1.00 33.54 ? 224 LEU A C   1 
ATOM   1592 O O   . LEU A 1 224 ? -13.154 11.782  15.202  1.00 33.54 ? 224 LEU A O   1 
ATOM   1593 C CB  . LEU A 1 224 ? -11.176 11.385  13.020  1.00 30.03 ? 224 LEU A CB  1 
ATOM   1594 C CG  . LEU A 1 224 ? -10.858 11.314  11.533  1.00 29.97 ? 224 LEU A CG  1 
ATOM   1595 C CD1 . LEU A 1 224 ? -10.082 10.041  11.269  1.00 27.79 ? 224 LEU A CD1 1 
ATOM   1596 C CD2 . LEU A 1 224 ? -12.132 11.408  10.685  1.00 26.13 ? 224 LEU A CD2 1 
ATOM   1597 N N   . ALA A 1 225 ? -11.482 13.140  15.840  1.00 36.91 ? 225 ALA A N   1 
ATOM   1598 C CA  . ALA A 1 225 ? -11.719 12.992  17.282  1.00 50.33 ? 225 ALA A CA  1 
ATOM   1599 C C   . ALA A 1 225 ? -11.579 14.295  18.057  1.00 57.56 ? 225 ALA A C   1 
ATOM   1600 O O   . ALA A 1 225 ? -12.307 15.247  17.784  1.00 59.09 ? 225 ALA A O   1 
ATOM   1601 C CB  . ALA A 1 225 ? -10.773 11.929  17.864  1.00 46.37 ? 225 ALA A CB  1 
ATOM   1602 N N   . LEU A 1 226 ? -10.688 14.287  19.049  1.00 66.71 ? 226 LEU A N   1 
ATOM   1603 C CA  . LEU A 1 226 ? -10.373 15.436  19.905  1.00 80.80 ? 226 LEU A CA  1 
ATOM   1604 C C   . LEU A 1 226 ? -11.538 16.309  20.430  1.00 89.34 ? 226 LEU A C   1 
ATOM   1605 O O   . LEU A 1 226 ? -12.609 16.415  19.805  1.00 91.60 ? 226 LEU A O   1 
ATOM   1606 C CB  . LEU A 1 226 ? -9.281  16.292  19.249  1.00 82.30 ? 226 LEU A CB  1 
ATOM   1607 C CG  . LEU A 1 226 ? -8.317  16.975  20.221  1.00 80.48 ? 226 LEU A CG  1 
ATOM   1608 C CD1 . LEU A 1 226 ? -7.732  15.985  21.195  1.00 76.35 ? 226 LEU A CD1 1 
ATOM   1609 C CD2 . LEU A 1 226 ? -7.226  17.668  19.451  1.00 81.12 ? 226 LEU A CD2 1 
ATOM   1610 N N   . ALA A 1 227 ? -11.275 16.980  21.553  1.00 95.12 ? 227 ALA A N   1 
ATOM   1611 C CA  . ALA A 1 227 ? -12.245 17.826  22.259  1.00 98.72 ? 227 ALA A CA  1 
ATOM   1612 C C   . ALA A 1 227 ? -13.156 16.866  23.054  1.00 99.00 ? 227 ALA A C   1 
ATOM   1613 O O   . ALA A 1 227 ? -12.594 16.002  23.767  1.00 98.90 ? 227 ALA A O   1 
ATOM   1614 C CB  . ALA A 1 227 ? -13.057 18.755  21.263  1.00 99.00 ? 227 ALA A CB  1 
ATOM   1615 O OXT . ALA A 1 227 ? -14.399 16.923  22.941  1.00 99.00 ? 227 ALA A OXT 1 
HETATM 1616 S S   . SO4 B 2 .   ? 7.286   3.409   0.461   1.00 28.82 ? 228 SO4 A S   1 
HETATM 1617 O O1  . SO4 B 2 .   ? 8.514   3.637   1.250   1.00 31.17 ? 228 SO4 A O1  1 
HETATM 1618 O O2  . SO4 B 2 .   ? 7.531   2.783   -0.829  1.00 26.54 ? 228 SO4 A O2  1 
HETATM 1619 O O3  . SO4 B 2 .   ? 6.688   4.726   0.153   1.00 28.31 ? 228 SO4 A O3  1 
HETATM 1620 O O4  . SO4 B 2 .   ? 6.448   2.531   1.300   1.00 25.01 ? 228 SO4 A O4  1 
HETATM 1621 O O   . HOH C 3 .   ? 15.296  7.212   3.802   1.00 27.54 ? 229 HOH A O   1 
HETATM 1622 O O   . HOH C 3 .   ? 3.846   0.755   1.392   1.00 46.03 ? 230 HOH A O   1 
HETATM 1623 O O   . HOH C 3 .   ? 8.106   2.584   4.006   1.00 28.19 ? 231 HOH A O   1 
HETATM 1624 O O   . HOH C 3 .   ? 1.090   0.513   -1.511  1.00 34.37 ? 232 HOH A O   1 
HETATM 1625 O O   . HOH C 3 .   ? 11.311  -12.615 -0.483  1.00 45.99 ? 233 HOH A O   1 
HETATM 1626 O O   . HOH C 3 .   ? 5.402   -8.738  2.058   1.00 37.96 ? 234 HOH A O   1 
HETATM 1627 O O   . HOH C 3 .   ? 1.143   -5.080  -11.341 1.00 48.38 ? 235 HOH A O   1 
HETATM 1628 O O   . HOH C 3 .   ? -4.089  10.569  -0.054  1.00 13.96 ? 236 HOH A O   1 
HETATM 1629 O O   . HOH C 3 .   ? -5.876  -22.406 3.324   1.00 65.70 ? 237 HOH A O   1 
HETATM 1630 O O   . HOH C 3 .   ? -6.655  -6.046  6.193   1.00 20.03 ? 238 HOH A O   1 
HETATM 1631 O O   . HOH C 3 .   ? -14.792 -6.726  -13.402 1.00 26.32 ? 239 HOH A O   1 
HETATM 1632 O O   . HOH C 3 .   ? -11.202 -4.246  6.453   1.00 26.29 ? 240 HOH A O   1 
HETATM 1633 O O   . HOH C 3 .   ? -2.647  2.708   -5.453  1.00 25.76 ? 241 HOH A O   1 
HETATM 1634 O O   . HOH C 3 .   ? -7.715  0.809   -14.454 1.00 33.68 ? 242 HOH A O   1 
HETATM 1635 O O   . HOH C 3 .   ? -7.692  15.633  4.321   1.00 24.28 ? 243 HOH A O   1 
HETATM 1636 O O   . HOH C 3 .   ? -13.434 7.121   -8.380  1.00 41.64 ? 244 HOH A O   1 
HETATM 1637 O O   . HOH C 3 .   ? -6.019  -5.012  9.083   1.00 29.90 ? 245 HOH A O   1 
HETATM 1638 O O   . HOH C 3 .   ? -6.120  15.941  -7.963  1.00 37.94 ? 246 HOH A O   1 
HETATM 1639 O O   . HOH C 3 .   ? -5.602  0.844   -6.470  1.00 55.60 ? 247 HOH A O   1 
HETATM 1640 O O   . HOH C 3 .   ? -2.755  10.863  -4.850  1.00 35.91 ? 248 HOH A O   1 
HETATM 1641 O O   . HOH C 3 .   ? -15.173 4.945   -2.617  1.00 39.75 ? 249 HOH A O   1 
HETATM 1642 O O   . HOH C 3 .   ? -8.269  19.940  6.664   1.00 34.07 ? 250 HOH A O   1 
HETATM 1643 O O   . HOH C 3 .   ? -6.658  -14.686 4.867   1.00 27.07 ? 251 HOH A O   1 
HETATM 1644 O O   . HOH C 3 .   ? 20.818  -2.716  -1.598  1.00 33.40 ? 252 HOH A O   1 
HETATM 1645 O O   . HOH C 3 .   ? -12.052 -6.945  3.131   1.00 37.26 ? 253 HOH A O   1 
HETATM 1646 O O   . HOH C 3 .   ? -7.365  -1.712  -9.230  1.00 39.07 ? 254 HOH A O   1 
HETATM 1647 O O   . HOH C 3 .   ? 24.509  -8.330  -2.784  1.00 47.69 ? 255 HOH A O   1 
HETATM 1648 O O   . HOH C 3 .   ? -12.318 13.051  -6.874  1.00 61.24 ? 256 HOH A O   1 
HETATM 1649 O O   . HOH C 3 .   ? -14.785 -7.364  -7.159  1.00 40.66 ? 257 HOH A O   1 
HETATM 1650 O O   . HOH C 3 .   ? -9.002  15.739  -5.942  1.00 44.92 ? 258 HOH A O   1 
HETATM 1651 O O   . HOH C 3 .   ? -2.350  9.758   -7.781  1.00 48.64 ? 259 HOH A O   1 
HETATM 1652 O O   . HOH C 3 .   ? -17.052 -2.719  -3.057  1.00 41.17 ? 260 HOH A O   1 
HETATM 1653 O O   . HOH C 3 .   ? -10.302 13.924  -4.590  1.00 39.10 ? 261 HOH A O   1 
HETATM 1654 O O   . HOH C 3 .   ? 21.920  7.518   1.962   1.00 34.85 ? 262 HOH A O   1 
HETATM 1655 O O   . HOH C 3 .   ? -7.897  -13.270 -21.447 1.00 41.93 ? 263 HOH A O   1 
HETATM 1656 O O   . HOH C 3 .   ? -1.914  0.917   20.085  1.00 49.97 ? 264 HOH A O   1 
HETATM 1657 O O   . HOH C 3 .   ? -10.761 -18.692 1.734   1.00 46.86 ? 265 HOH A O   1 
HETATM 1658 O O   . HOH C 3 .   ? 0.225   -19.550 8.228   1.00 55.61 ? 266 HOH A O   1 
HETATM 1659 O O   . HOH C 3 .   ? 8.637   -0.138  6.907   1.00 40.62 ? 267 HOH A O   1 
HETATM 1660 O O   . HOH C 3 .   ? -10.466 15.129  2.893   1.00 44.88 ? 268 HOH A O   1 
HETATM 1661 O O   . HOH C 3 .   ? -16.524 1.271   0.444   1.00 48.47 ? 269 HOH A O   1 
HETATM 1662 O O   . HOH C 3 .   ? -1.599  -20.451 -12.905 1.00 56.73 ? 270 HOH A O   1 
HETATM 1663 O O   . HOH C 3 .   ? -13.236 -15.992 -0.722  1.00 52.98 ? 271 HOH A O   1 
HETATM 1664 O O   . HOH C 3 .   ? -0.252  -22.546 -11.036 1.00 43.10 ? 272 HOH A O   1 
HETATM 1665 O O   . HOH C 3 .   ? 17.698  14.512  1.574   1.00 41.22 ? 273 HOH A O   1 
HETATM 1666 O O   . HOH C 3 .   ? -17.460 -17.111 -5.851  1.00 43.95 ? 274 HOH A O   1 
HETATM 1667 O O   . HOH C 3 .   ? 3.581   -1.652  -1.097  1.00 64.91 ? 275 HOH A O   1 
HETATM 1668 O O   . HOH C 3 .   ? 9.928   -5.550  -3.100  1.00 50.97 ? 276 HOH A O   1 
HETATM 1669 O O   . HOH C 3 .   ? -4.179  -2.454  13.828  1.00 54.48 ? 277 HOH A O   1 
HETATM 1670 O O   . HOH C 3 .   ? 11.778  12.745  -5.093  1.00 56.87 ? 278 HOH A O   1 
HETATM 1671 O O   . HOH C 3 .   ? -9.724  1.413   17.548  1.00 62.93 ? 279 HOH A O   1 
HETATM 1672 O O   . HOH C 3 .   ? -0.427  18.119  12.044  1.00 65.60 ? 280 HOH A O   1 
HETATM 1673 O O   . HOH C 3 .   ? -15.260 13.713  2.828   1.00 56.14 ? 281 HOH A O   1 
HETATM 1674 O O   . HOH C 3 .   ? -10.706 -14.535 -20.849 1.00 39.46 ? 282 HOH A O   1 
HETATM 1675 O O   . HOH C 3 .   ? 4.200   -4.532  1.206   1.00 61.63 ? 283 HOH A O   1 
HETATM 1676 O O   . HOH C 3 .   ? 12.647  4.081   -3.709  1.00 57.35 ? 284 HOH A O   1 
HETATM 1677 O O   . HOH C 3 .   ? -12.984 -10.524 -21.112 1.00 61.51 ? 285 HOH A O   1 
HETATM 1678 O O   . HOH C 3 .   ? -10.885 -11.471 3.266   1.00 37.70 ? 286 HOH A O   1 
HETATM 1679 O O   . HOH C 3 .   ? 0.633   -4.454  -16.807 1.00 57.89 ? 287 HOH A O   1 
HETATM 1680 O O   . HOH C 3 .   ? -1.446  -2.320  -15.693 1.00 36.92 ? 288 HOH A O   1 
HETATM 1681 O O   . HOH C 3 .   ? -9.926  -8.427  4.697   1.00 39.77 ? 289 HOH A O   1 
HETATM 1682 O O   . HOH C 3 .   ? -3.373  -19.947 -1.713  1.00 46.39 ? 290 HOH A O   1 
HETATM 1683 O O   . HOH C 3 .   ? -14.436 9.452   13.368  1.00 45.42 ? 291 HOH A O   1 
HETATM 1684 O O   . HOH C 3 .   ? 11.593  -14.763 -8.273  1.00 43.36 ? 292 HOH A O   1 
HETATM 1685 O O   . HOH C 3 .   ? 7.189   -7.620  -15.432 1.00 49.41 ? 293 HOH A O   1 
HETATM 1686 O O   . HOH C 3 .   ? -4.858  -26.153 -6.971  1.00 64.73 ? 294 HOH A O   1 
HETATM 1687 O O   . HOH C 3 .   ? -7.952  -21.025 -15.521 1.00 40.25 ? 295 HOH A O   1 
HETATM 1688 O O   . HOH C 3 .   ? -2.144  -19.101 1.035   1.00 56.32 ? 296 HOH A O   1 
HETATM 1689 O O   . HOH C 3 .   ? -1.585  -17.319 9.585   1.00 48.80 ? 297 HOH A O   1 
HETATM 1690 O O   . HOH C 3 .   ? 5.662   -17.053 1.604   1.00 55.97 ? 298 HOH A O   1 
HETATM 1691 O O   . HOH C 3 .   ? -3.645  12.347  -2.459  1.00 27.84 ? 299 HOH A O   1 
HETATM 1692 O O   . HOH C 3 .   ? -8.669  -15.886 -1.861  1.00 27.85 ? 300 HOH A O   1 
HETATM 1693 O O   . HOH C 3 .   ? 5.820   1.316   11.156  1.00 40.34 ? 301 HOH A O   1 
HETATM 1694 O O   . HOH C 3 .   ? 6.290   9.912   16.406  1.00 53.91 ? 302 HOH A O   1 
HETATM 1695 O O   . HOH C 3 .   ? 5.079   2.661   -3.700  1.00 51.60 ? 303 HOH A O   1 
HETATM 1696 O O   . HOH C 3 .   ? 11.694  1.843   -2.183  1.00 55.81 ? 304 HOH A O   1 
HETATM 1697 O O   . HOH C 3 .   ? -16.219 -7.496  -4.889  1.00 50.44 ? 305 HOH A O   1 
HETATM 1698 O O   . HOH C 3 .   ? -16.467 -6.950  -10.113 1.00 50.20 ? 306 HOH A O   1 
HETATM 1699 O O   . HOH C 3 .   ? 16.590  15.206  -4.229  1.00 55.79 ? 307 HOH A O   1 
HETATM 1700 O O   . HOH C 3 .   ? 10.733  17.136  -1.820  1.00 57.91 ? 308 HOH A O   1 
HETATM 1701 O O   . HOH C 3 .   ? 4.560   0.243   13.207  1.00 54.60 ? 309 HOH A O   1 
HETATM 1702 O O   . HOH C 3 .   ? 1.739   -8.674  12.096  1.00 49.14 ? 310 HOH A O   1 
HETATM 1703 O O   . HOH C 3 .   ? -5.681  2.053   -16.777 1.00 55.57 ? 311 HOH A O   1 
HETATM 1704 O O   . HOH C 3 .   ? -2.233  -3.926  11.450  1.00 44.74 ? 312 HOH A O   1 
HETATM 1705 O O   . HOH C 3 .   ? -20.668 -14.967 -4.172  1.00 35.31 ? 313 HOH A O   1 
HETATM 1706 O O   . HOH C 3 .   ? 25.467  -0.642  -1.172  1.00 39.21 ? 314 HOH A O   1 
HETATM 1707 O O   . HOH C 3 .   ? -8.237  22.161  -1.064  1.00 39.67 ? 315 HOH A O   1 
HETATM 1708 O O   . HOH C 3 .   ? 13.760  0.304   3.366   1.00 56.06 ? 316 HOH A O   1 
HETATM 1709 O O   . HOH C 3 .   ? 5.916   -15.192 -13.338 1.00 47.88 ? 317 HOH A O   1 
HETATM 1710 O O   . HOH C 3 .   ? 2.533   3.354   16.121  1.00 49.78 ? 318 HOH A O   1 
HETATM 1711 O O   . HOH C 3 .   ? -13.268 4.627   15.167  1.00 58.11 ? 319 HOH A O   1 
HETATM 1712 O O   . HOH C 3 .   ? -17.812 -0.335  -5.549  1.00 53.06 ? 320 HOH A O   1 
HETATM 1713 O O   . HOH C 3 .   ? 20.968  17.016  -3.102  1.00 52.62 ? 321 HOH A O   1 
HETATM 1714 O O   . HOH C 3 .   ? 16.902  18.483  9.525   1.00 60.18 ? 322 HOH A O   1 
HETATM 1715 O O   . HOH C 3 .   ? 13.864  -2.992  -7.346  1.00 51.60 ? 323 HOH A O   1 
HETATM 1716 O O   . HOH C 3 .   ? 14.161  9.762   9.504   1.00 49.91 ? 324 HOH A O   1 
HETATM 1717 O O   . HOH C 3 .   ? -17.255 -3.265  3.887   1.00 61.77 ? 325 HOH A O   1 
HETATM 1718 O O   . HOH C 3 .   ? 12.652  -13.167 -13.422 1.00 55.95 ? 326 HOH A O   1 
HETATM 1719 O O   . HOH C 3 .   ? -7.643  -4.478  13.347  1.00 56.82 ? 327 HOH A O   1 
HETATM 1720 O O   . HOH C 3 .   ? -14.711 -9.672  -0.109  1.00 61.17 ? 328 HOH A O   1 
HETATM 1721 O O   . HOH C 3 .   ? 8.278   -5.162  7.494   1.00 58.53 ? 329 HOH A O   1 
HETATM 1722 O O   . HOH C 3 .   ? -1.940  5.783   -10.483 1.00 54.70 ? 330 HOH A O   1 
HETATM 1723 O O   . HOH C 3 .   ? -1.035  -19.912 -17.416 1.00 56.79 ? 331 HOH A O   1 
HETATM 1724 O O   . HOH C 3 .   ? 8.505   -14.542 -14.222 1.00 59.93 ? 332 HOH A O   1 
HETATM 1725 O O   . HOH C 3 .   ? 21.993  3.534   6.887   1.00 39.80 ? 333 HOH A O   1 
HETATM 1726 O O   . HOH C 3 .   ? -8.244  -6.976  9.685   1.00 40.71 ? 334 HOH A O   1 
HETATM 1727 O O   . HOH C 3 .   ? -16.653 8.615   8.308   1.00 33.66 ? 335 HOH A O   1 
HETATM 1728 O O   . HOH C 3 .   ? 24.579  -7.299  -5.501  1.00 54.27 ? 336 HOH A O   1 
HETATM 1729 O O   . HOH C 3 .   ? 10.303  -8.204  -6.177  1.00 44.62 ? 337 HOH A O   1 
HETATM 1730 O O   . HOH C 3 .   ? 22.591  15.955  -8.845  1.00 56.37 ? 338 HOH A O   1 
HETATM 1731 O O   . HOH C 3 .   ? -18.769 9.710   2.727   1.00 55.79 ? 339 HOH A O   1 
HETATM 1732 O O   . HOH C 3 .   ? 8.940   -11.826 4.851   1.00 55.75 ? 340 HOH A O   1 
HETATM 1733 O O   . HOH C 3 .   ? -13.190 -12.698 -22.755 1.00 53.00 ? 341 HOH A O   1 
HETATM 1734 O O   . HOH C 3 .   ? 9.205   0.738   -1.689  1.00 49.80 ? 342 HOH A O   1 
HETATM 1735 O O   . HOH C 3 .   ? -1.550  -1.406  -6.743  1.00 53.26 ? 343 HOH A O   1 
HETATM 1736 O O   . HOH C 3 .   ? -11.512 17.790  17.076  1.00 57.91 ? 344 HOH A O   1 
HETATM 1737 O O   . HOH C 3 .   ? -16.953 -12.193 -10.256 1.00 59.57 ? 345 HOH A O   1 
HETATM 1738 O O   . HOH C 3 .   ? -14.521 17.277  10.864  1.00 52.36 ? 346 HOH A O   1 
HETATM 1739 O O   . HOH C 3 .   ? 1.786   18.330  14.765  1.00 60.30 ? 347 HOH A O   1 
HETATM 1740 O O   . HOH C 3 .   ? -18.321 -1.605  8.711   1.00 51.63 ? 348 HOH A O   1 
HETATM 1741 O O   . HOH C 3 .   ? 4.490   -6.264  -10.949 1.00 57.65 ? 349 HOH A O   1 
HETATM 1742 O O   . HOH C 3 .   ? 0.885   -15.614 10.183  1.00 56.51 ? 350 HOH A O   1 
HETATM 1743 O O   . HOH C 3 .   ? -9.133  -24.321 -3.688  1.00 61.95 ? 351 HOH A O   1 
HETATM 1744 O O   . HOH C 3 .   ? -16.069 9.041   4.123   1.00 51.33 ? 352 HOH A O   1 
HETATM 1745 O O   . HOH C 3 .   ? -15.896 4.209   0.190   1.00 50.12 ? 353 HOH A O   1 
HETATM 1746 O O   . HOH C 3 .   ? -1.388  -10.152 -19.576 1.00 55.71 ? 354 HOH A O   1 
HETATM 1747 O O   . HOH C 3 .   ? -16.787 -16.405 -20.117 1.00 53.95 ? 355 HOH A O   1 
HETATM 1748 O O   . HOH C 3 .   ? 11.701  -14.468 -11.210 1.00 46.00 ? 356 HOH A O   1 
HETATM 1749 O O   . HOH C 3 .   ? 23.902  9.215   -9.141  1.00 53.91 ? 357 HOH A O   1 
HETATM 1750 O O   . HOH C 3 .   ? -7.328  -14.658 7.745   1.00 53.19 ? 358 HOH A O   1 
HETATM 1751 O O   . HOH C 3 .   ? 7.188   6.218   -7.578  1.00 54.40 ? 359 HOH A O   1 
HETATM 1752 O O   . HOH C 3 .   ? 18.721  -3.436  4.832   1.00 55.55 ? 360 HOH A O   1 
HETATM 1753 O O   . HOH C 3 .   ? 4.438   19.924  4.053   1.00 55.00 ? 361 HOH A O   1 
HETATM 1754 O O   . HOH C 3 .   ? 3.226   -4.495  19.084  1.00 59.17 ? 362 HOH A O   1 
HETATM 1755 O O   . HOH C 3 .   ? 6.730   18.265  5.996   1.00 59.27 ? 363 HOH A O   1 
HETATM 1756 O O   . HOH C 3 .   ? 4.677   4.986   -7.646  1.00 59.16 ? 364 HOH A O   1 
HETATM 1757 O O   . HOH C 3 .   ? 6.458   -15.881 4.112   1.00 52.82 ? 365 HOH A O   1 
HETATM 1758 O O   . HOH C 3 .   ? -15.813 -1.088  -10.282 1.00 60.18 ? 366 HOH A O   1 
HETATM 1759 O O   . HOH C 3 .   ? -15.635 4.483   -9.752  1.00 61.33 ? 367 HOH A O   1 
HETATM 1760 O O   . HOH C 3 .   ? 10.460  -17.945 -11.247 1.00 49.04 ? 368 HOH A O   1 
HETATM 1761 O O   . HOH C 3 .   ? 4.262   -5.512  -7.993  1.00 53.91 ? 369 HOH A O   1 
HETATM 1762 O O   . HOH C 3 .   ? 20.236  13.917  -5.884  1.00 50.33 ? 370 HOH A O   1 
HETATM 1763 O O   . HOH C 3 .   ? -9.307  -6.285  6.678   1.00 41.47 ? 371 HOH A O   1 
HETATM 1764 O O   . HOH C 3 .   ? -14.763 7.157   14.673  1.00 47.78 ? 372 HOH A O   1 
HETATM 1765 O O   . HOH C 3 .   ? 1.235   -5.344  -6.902  1.00 47.81 ? 373 HOH A O   1 
HETATM 1766 O O   . HOH C 3 .   ? -16.684 -13.049 -13.940 1.00 53.87 ? 374 HOH A O   1 
HETATM 1767 O O   . HOH C 3 .   ? 10.115  8.045   -9.751  1.00 47.04 ? 375 HOH A O   1 
HETATM 1768 O O   . HOH C 3 .   ? -20.017 -13.151 -7.214  1.00 48.25 ? 376 HOH A O   1 
HETATM 1769 O O   . HOH C 3 .   ? -3.292  -23.236 -14.925 1.00 48.09 ? 377 HOH A O   1 
HETATM 1770 O O   . HOH C 3 .   ? 15.931  18.990  4.385   1.00 51.65 ? 378 HOH A O   1 
HETATM 1771 O O   . HOH C 3 .   ? 14.122  11.385  -8.675  1.00 52.80 ? 379 HOH A O   1 
HETATM 1772 O O   . HOH C 3 .   ? 15.002  8.500   11.791  1.00 50.63 ? 380 HOH A O   1 
HETATM 1773 O O   . HOH C 3 .   ? 13.160  13.841  16.215  1.00 46.67 ? 381 HOH A O   1 
HETATM 1774 O O   . HOH C 3 .   ? 5.214   -13.829 -15.857 1.00 54.19 ? 382 HOH A O   1 
HETATM 1775 O O   . HOH C 3 .   ? -10.165 19.945  15.608  1.00 51.17 ? 383 HOH A O   1 
HETATM 1776 O O   . HOH C 3 .   ? 20.302  -9.394  3.247   1.00 50.59 ? 384 HOH A O   1 
# 
